data_8Q83
#
_entry.id   8Q83
#
_cell.length_a   93.712
_cell.length_b   102.940
_cell.length_c   97.476
_cell.angle_alpha   90.000
_cell.angle_beta   90.028
_cell.angle_gamma   90.000
#
_symmetry.space_group_name_H-M   'P 1 21 1'
#
loop_
_entity.id
_entity.type
_entity.pdbx_description
1 polymer 'Photorhabdus luminescens subsp. laumondii TTO1 complete genome segment 3/17'
2 non-polymer 'methyl alpha-L-fucopyranoside'
3 water water
#
_entity_poly.entity_id   1
_entity_poly.type   'polypeptide(L)'
_entity_poly.pdbx_seq_one_letter_code
;MKKEPIKTSNPDNTESSDANEVEIENPTIAASGIVSVANTSDGRIEVFGVGGDNAVWRNGQTTHTGASWTGWSSLGGSVT
SKPAAYLNSDGRLEVFVRGSDNALWHNWQTTPNASWSGWQSLGGALTSNPAVYINADGRLEVFARGLDNTLWHIWQTAPH
SNPWSSWYSLGHVITSNPAVHINADGRLEVFARGADNALWHIWQTAPHSGYWSGWHSLGGVLSSDPVVARTVDGRLEVFV
RAVDNALWHIWQTAPNSSQWSNWASLGGTITSAPAVIKYFDNRLVVFARAIDNALWHIWQNDTHSGSWSNWGSLGGGLSS
GPDVVENANGYIEVFVRATDNALWNIKRTSPSSWSSWASLGGTLIDASAIK
;
_entity_poly.pdbx_strand_id   A,B,C,D
#
loop_
_chem_comp.id
_chem_comp.type
_chem_comp.name
_chem_comp.formula
MFU L-saccharide 'methyl alpha-L-fucopyranoside' 'C7 H14 O5'
#
# COMPACT_ATOMS: atom_id res chain seq x y z
N GLU A 23 -9.29 -48.16 20.82
CA GLU A 23 -8.47 -47.36 19.85
C GLU A 23 -8.04 -46.05 20.52
N ILE A 24 -6.74 -45.75 20.55
CA ILE A 24 -6.21 -44.47 21.11
C ILE A 24 -6.98 -43.31 20.44
N GLU A 25 -7.51 -42.39 21.24
CA GLU A 25 -8.30 -41.23 20.73
CA GLU A 25 -8.29 -41.21 20.77
C GLU A 25 -7.33 -40.18 20.16
N ASN A 26 -7.64 -39.70 18.95
CA ASN A 26 -6.81 -38.71 18.23
C ASN A 26 -7.55 -37.38 18.21
N PRO A 27 -6.99 -36.33 18.87
CA PRO A 27 -7.59 -35.00 18.90
C PRO A 27 -7.88 -34.48 17.48
N THR A 28 -9.03 -33.84 17.29
CA THR A 28 -9.43 -33.21 16.01
C THR A 28 -8.29 -32.32 15.51
N ILE A 29 -7.88 -32.48 14.25
CA ILE A 29 -6.74 -31.70 13.68
C ILE A 29 -7.23 -30.26 13.44
N ALA A 30 -6.34 -29.29 13.64
CA ALA A 30 -6.60 -27.84 13.40
C ALA A 30 -6.99 -27.63 11.94
N ALA A 31 -7.93 -26.71 11.70
CA ALA A 31 -8.53 -26.40 10.38
C ALA A 31 -7.44 -26.23 9.33
N SER A 32 -7.64 -26.79 8.13
CA SER A 32 -6.69 -26.68 7.01
C SER A 32 -6.79 -25.28 6.38
N GLY A 33 -5.76 -24.89 5.63
CA GLY A 33 -5.84 -23.79 4.66
C GLY A 33 -6.83 -24.14 3.56
N ILE A 34 -7.24 -23.15 2.76
CA ILE A 34 -8.36 -23.27 1.81
C ILE A 34 -7.86 -23.52 0.38
N VAL A 35 -6.62 -23.15 0.07
CA VAL A 35 -6.06 -23.30 -1.30
C VAL A 35 -4.67 -23.92 -1.24
N SER A 36 -4.30 -24.64 -2.31
CA SER A 36 -2.90 -24.95 -2.66
C SER A 36 -2.32 -23.73 -3.40
N VAL A 37 -1.20 -23.20 -2.89
CA VAL A 37 -0.53 -21.99 -3.42
C VAL A 37 0.79 -22.41 -4.07
N ALA A 38 1.00 -22.13 -5.35
CA ALA A 38 2.21 -22.54 -6.10
C ALA A 38 2.76 -21.38 -6.93
N ASN A 39 4.09 -21.22 -6.93
CA ASN A 39 4.83 -20.38 -7.92
C ASN A 39 4.84 -21.11 -9.26
N THR A 40 4.54 -20.41 -10.35
CA THR A 40 4.76 -20.89 -11.74
C THR A 40 6.22 -20.70 -12.14
N SER A 41 6.61 -21.28 -13.27
CA SER A 41 7.96 -21.12 -13.88
C SER A 41 8.10 -19.73 -14.52
N ASP A 42 7.03 -18.94 -14.59
CA ASP A 42 7.07 -17.55 -15.12
C ASP A 42 6.82 -16.55 -13.97
N GLY A 43 7.09 -16.96 -12.72
CA GLY A 43 7.20 -16.07 -11.55
C GLY A 43 5.87 -15.48 -11.10
N ARG A 44 4.76 -16.20 -11.34
CA ARG A 44 3.40 -15.80 -10.89
C ARG A 44 2.90 -16.78 -9.83
N ILE A 45 2.06 -16.30 -8.90
CA ILE A 45 1.31 -17.17 -7.94
C ILE A 45 0.08 -17.71 -8.66
N GLU A 46 -0.14 -19.03 -8.53
CA GLU A 46 -1.39 -19.73 -8.92
C GLU A 46 -1.96 -20.37 -7.66
N VAL A 47 -3.28 -20.28 -7.47
CA VAL A 47 -3.99 -20.86 -6.28
C VAL A 47 -5.04 -21.83 -6.80
N PHE A 48 -5.20 -22.95 -6.11
CA PHE A 48 -6.16 -24.03 -6.44
C PHE A 48 -6.99 -24.32 -5.19
N GLY A 49 -8.31 -24.24 -5.36
CA GLY A 49 -9.31 -24.42 -4.28
C GLY A 49 -10.46 -25.25 -4.80
N VAL A 50 -11.37 -25.65 -3.91
CA VAL A 50 -12.55 -26.46 -4.29
C VAL A 50 -13.78 -25.56 -4.22
N GLY A 51 -14.53 -25.49 -5.33
CA GLY A 51 -15.74 -24.66 -5.46
C GLY A 51 -16.95 -25.34 -4.83
N GLY A 52 -18.08 -24.63 -4.74
CA GLY A 52 -19.34 -25.17 -4.21
C GLY A 52 -19.85 -26.36 -5.02
N ASP A 53 -19.33 -26.54 -6.25
CA ASP A 53 -19.73 -27.60 -7.20
C ASP A 53 -18.79 -28.81 -7.07
N ASN A 54 -17.91 -28.80 -6.06
CA ASN A 54 -16.93 -29.88 -5.77
C ASN A 54 -15.82 -29.91 -6.83
N ALA A 55 -15.79 -28.96 -7.76
CA ALA A 55 -14.76 -28.87 -8.83
C ALA A 55 -13.51 -28.17 -8.26
N VAL A 56 -12.34 -28.43 -8.85
CA VAL A 56 -11.12 -27.62 -8.59
C VAL A 56 -11.25 -26.33 -9.41
N TRP A 57 -11.12 -25.18 -8.75
CA TRP A 57 -11.10 -23.85 -9.41
C TRP A 57 -9.72 -23.23 -9.20
N ARG A 58 -9.23 -22.48 -10.19
CA ARG A 58 -7.89 -21.85 -10.17
C ARG A 58 -8.02 -20.33 -10.30
N ASN A 59 -7.05 -19.61 -9.72
CA ASN A 59 -6.86 -18.15 -9.90
C ASN A 59 -5.35 -17.87 -9.88
N GLY A 60 -4.89 -16.87 -10.61
CA GLY A 60 -3.45 -16.54 -10.64
C GLY A 60 -3.18 -15.09 -10.99
N GLN A 61 -2.00 -14.59 -10.64
CA GLN A 61 -1.56 -13.23 -11.01
C GLN A 61 -1.49 -13.16 -12.53
N THR A 62 -1.88 -12.03 -13.12
CA THR A 62 -1.87 -11.84 -14.59
C THR A 62 -0.40 -11.81 -15.04
N THR A 63 0.47 -11.18 -14.24
CA THR A 63 1.94 -11.16 -14.46
C THR A 63 2.65 -11.23 -13.10
N HIS A 64 3.98 -11.34 -13.12
CA HIS A 64 4.84 -11.54 -11.92
C HIS A 64 4.81 -10.32 -11.00
N THR A 65 4.44 -9.13 -11.50
CA THR A 65 4.35 -7.89 -10.69
C THR A 65 3.17 -7.99 -9.71
N GLY A 66 2.23 -8.90 -9.97
CA GLY A 66 1.03 -9.10 -9.13
C GLY A 66 0.14 -7.87 -9.12
N ALA A 67 0.11 -7.12 -10.22
CA ALA A 67 -0.68 -5.88 -10.41
C ALA A 67 -2.17 -6.22 -10.43
N SER A 68 -2.52 -7.41 -10.92
CA SER A 68 -3.92 -7.91 -11.03
C SER A 68 -3.93 -9.44 -11.08
N TRP A 69 -5.13 -10.03 -10.98
CA TRP A 69 -5.37 -11.48 -11.02
C TRP A 69 -6.31 -11.80 -12.19
N THR A 70 -6.31 -13.05 -12.65
CA THR A 70 -7.05 -13.52 -13.85
C THR A 70 -8.55 -13.63 -13.54
N GLY A 71 -8.90 -13.91 -12.28
CA GLY A 71 -10.25 -14.32 -11.87
C GLY A 71 -10.40 -15.83 -11.93
N TRP A 72 -11.45 -16.38 -11.30
CA TRP A 72 -11.64 -17.84 -11.09
C TRP A 72 -12.06 -18.52 -12.39
N SER A 73 -11.37 -19.60 -12.76
CA SER A 73 -11.79 -20.52 -13.85
C SER A 73 -11.72 -21.95 -13.35
N SER A 74 -12.64 -22.80 -13.81
CA SER A 74 -12.86 -24.18 -13.32
C SER A 74 -11.93 -25.13 -14.07
N LEU A 75 -11.22 -26.00 -13.35
CA LEU A 75 -10.53 -27.19 -13.93
C LEU A 75 -11.51 -28.36 -13.97
N GLY A 76 -12.74 -28.17 -13.47
CA GLY A 76 -13.76 -29.24 -13.38
C GLY A 76 -13.35 -30.31 -12.38
N GLY A 77 -13.80 -31.54 -12.61
CA GLY A 77 -13.65 -32.67 -11.68
C GLY A 77 -14.63 -32.58 -10.52
N SER A 78 -14.73 -33.64 -9.72
CA SER A 78 -15.52 -33.72 -8.47
C SER A 78 -14.63 -34.36 -7.41
N VAL A 79 -14.22 -33.59 -6.39
CA VAL A 79 -13.06 -33.96 -5.52
C VAL A 79 -13.54 -34.14 -4.07
N THR A 80 -12.69 -34.77 -3.26
CA THR A 80 -12.99 -35.14 -1.85
C THR A 80 -11.76 -34.95 -0.96
N SER A 81 -10.82 -34.08 -1.38
CA SER A 81 -9.65 -33.68 -0.55
C SER A 81 -9.29 -32.25 -0.87
N LYS A 82 -8.44 -31.64 -0.04
CA LYS A 82 -7.75 -30.41 -0.45
C LYS A 82 -6.84 -30.75 -1.63
N PRO A 83 -6.80 -29.91 -2.68
CA PRO A 83 -5.86 -30.10 -3.79
C PRO A 83 -4.43 -29.79 -3.34
N ALA A 84 -3.47 -30.35 -4.06
CA ALA A 84 -2.01 -30.14 -3.88
C ALA A 84 -1.38 -29.92 -5.25
N ALA A 85 -0.98 -28.69 -5.53
CA ALA A 85 -0.27 -28.29 -6.77
C ALA A 85 1.24 -28.43 -6.54
N TYR A 86 1.98 -28.76 -7.59
CA TYR A 86 3.45 -28.84 -7.53
C TYR A 86 4.02 -28.48 -8.90
N LEU A 87 5.15 -27.77 -8.91
CA LEU A 87 5.85 -27.37 -10.16
C LEU A 87 6.85 -28.46 -10.52
N ASN A 88 6.59 -29.15 -11.64
CA ASN A 88 7.56 -30.08 -12.28
C ASN A 88 8.84 -29.32 -12.66
N SER A 89 9.97 -30.04 -12.75
CA SER A 89 11.30 -29.43 -13.05
C SER A 89 11.39 -29.01 -14.52
N ASP A 90 10.36 -29.30 -15.34
CA ASP A 90 10.20 -28.77 -16.73
C ASP A 90 9.21 -27.60 -16.76
N GLY A 91 8.85 -27.02 -15.60
CA GLY A 91 8.14 -25.73 -15.48
C GLY A 91 6.63 -25.84 -15.63
N ARG A 92 6.09 -27.06 -15.68
CA ARG A 92 4.64 -27.32 -15.83
C ARG A 92 4.04 -27.56 -14.45
N LEU A 93 3.04 -26.78 -14.06
CA LEU A 93 2.26 -27.07 -12.82
C LEU A 93 1.47 -28.36 -13.01
N GLU A 94 1.19 -29.02 -11.90
CA GLU A 94 0.44 -30.31 -11.84
C GLU A 94 -0.34 -30.32 -10.53
N VAL A 95 -1.61 -30.73 -10.57
CA VAL A 95 -2.52 -30.69 -9.38
C VAL A 95 -2.93 -32.12 -9.04
N PHE A 96 -2.87 -32.44 -7.74
CA PHE A 96 -3.21 -33.76 -7.18
C PHE A 96 -4.38 -33.59 -6.21
N VAL A 97 -5.33 -34.52 -6.23
CA VAL A 97 -6.53 -34.47 -5.37
C VAL A 97 -7.08 -35.88 -5.24
N ARG A 98 -7.77 -36.17 -4.14
CA ARG A 98 -8.55 -37.43 -4.01
C ARG A 98 -9.87 -37.22 -4.76
N GLY A 99 -10.25 -38.17 -5.60
CA GLY A 99 -11.47 -38.09 -6.43
C GLY A 99 -12.72 -38.53 -5.68
N SER A 100 -13.86 -38.52 -6.38
CA SER A 100 -15.18 -39.01 -5.88
C SER A 100 -15.08 -40.48 -5.43
N ASP A 101 -14.15 -41.23 -6.05
CA ASP A 101 -13.98 -42.70 -5.90
C ASP A 101 -12.88 -43.01 -4.88
N ASN A 102 -12.33 -41.97 -4.22
CA ASN A 102 -11.26 -42.09 -3.20
C ASN A 102 -9.92 -42.51 -3.83
N ALA A 103 -9.84 -42.53 -5.17
CA ALA A 103 -8.58 -42.72 -5.94
C ALA A 103 -7.83 -41.39 -5.99
N LEU A 104 -6.52 -41.43 -6.26
CA LEU A 104 -5.73 -40.23 -6.61
C LEU A 104 -6.00 -39.88 -8.06
N TRP A 105 -6.41 -38.64 -8.32
CA TRP A 105 -6.50 -38.05 -9.68
C TRP A 105 -5.50 -36.90 -9.80
N HIS A 106 -5.01 -36.65 -11.02
CA HIS A 106 -4.10 -35.52 -11.31
C HIS A 106 -4.46 -34.85 -12.64
N ASN A 107 -3.98 -33.63 -12.81
CA ASN A 107 -4.26 -32.69 -13.92
C ASN A 107 -2.99 -31.86 -14.09
N TRP A 108 -2.43 -31.82 -15.29
CA TRP A 108 -1.13 -31.14 -15.56
C TRP A 108 -1.31 -30.16 -16.72
N GLN A 109 -0.58 -29.06 -16.66
CA GLN A 109 -0.34 -28.18 -17.84
C GLN A 109 0.41 -29.01 -18.87
N THR A 110 0.01 -28.91 -20.15
CA THR A 110 0.53 -29.78 -21.23
C THR A 110 1.81 -29.14 -21.80
N THR A 111 1.91 -27.81 -21.70
CA THR A 111 3.18 -27.03 -21.77
C THR A 111 3.11 -25.96 -20.68
N PRO A 112 4.25 -25.41 -20.21
CA PRO A 112 4.25 -24.49 -19.09
C PRO A 112 3.24 -23.33 -19.20
N ASN A 113 2.42 -23.13 -18.17
CA ASN A 113 1.51 -21.96 -18.01
C ASN A 113 0.53 -21.87 -19.19
N ALA A 114 0.15 -23.01 -19.76
CA ALA A 114 -0.70 -23.14 -20.96
C ALA A 114 -1.92 -24.01 -20.61
N SER A 115 -2.39 -24.84 -21.54
CA SER A 115 -3.63 -25.64 -21.41
C SER A 115 -3.43 -26.80 -20.43
N TRP A 116 -4.52 -27.23 -19.78
CA TRP A 116 -4.56 -28.33 -18.78
C TRP A 116 -5.00 -29.63 -19.44
N SER A 117 -4.44 -30.75 -18.97
CA SER A 117 -4.61 -32.11 -19.54
C SER A 117 -6.07 -32.58 -19.42
N GLY A 118 -6.76 -32.20 -18.33
CA GLY A 118 -7.97 -32.86 -17.84
C GLY A 118 -7.60 -33.90 -16.80
N TRP A 119 -8.58 -34.44 -16.07
CA TRP A 119 -8.34 -35.33 -14.90
C TRP A 119 -8.02 -36.77 -15.35
N GLN A 120 -6.88 -37.30 -14.90
CA GLN A 120 -6.46 -38.71 -15.10
C GLN A 120 -6.41 -39.41 -13.73
N SER A 121 -6.94 -40.64 -13.64
CA SER A 121 -6.89 -41.48 -12.42
C SER A 121 -5.50 -42.10 -12.29
N LEU A 122 -4.93 -42.06 -11.09
CA LEU A 122 -3.72 -42.85 -10.70
C LEU A 122 -4.13 -43.95 -9.71
N GLY A 123 -5.43 -44.22 -9.58
CA GLY A 123 -5.95 -45.35 -8.77
C GLY A 123 -5.68 -45.19 -7.28
N GLY A 124 -5.72 -46.30 -6.55
CA GLY A 124 -5.51 -46.33 -5.09
C GLY A 124 -6.82 -46.14 -4.35
N ALA A 125 -6.76 -46.31 -3.03
CA ALA A 125 -7.86 -46.10 -2.07
C ALA A 125 -7.28 -45.26 -0.92
N LEU A 126 -7.52 -43.95 -0.97
CA LEU A 126 -6.85 -42.94 -0.11
C LEU A 126 -7.83 -42.48 0.98
N THR A 127 -7.28 -42.10 2.13
CA THR A 127 -8.05 -41.72 3.34
C THR A 127 -7.45 -40.42 3.91
N SER A 128 -6.75 -39.66 3.08
CA SER A 128 -6.16 -38.36 3.48
C SER A 128 -5.93 -37.50 2.24
N ASN A 129 -5.61 -36.23 2.46
CA ASN A 129 -5.08 -35.33 1.42
C ASN A 129 -3.80 -35.93 0.85
N PRO A 130 -3.56 -35.79 -0.46
CA PRO A 130 -2.25 -36.12 -1.04
C PRO A 130 -1.27 -34.98 -0.80
N ALA A 131 -0.02 -35.31 -0.50
CA ALA A 131 1.13 -34.39 -0.39
C ALA A 131 2.17 -34.78 -1.45
N VAL A 132 2.83 -33.78 -2.04
CA VAL A 132 3.74 -34.00 -3.20
C VAL A 132 5.10 -33.41 -2.88
N TYR A 133 6.16 -34.05 -3.35
CA TYR A 133 7.51 -33.45 -3.41
C TYR A 133 8.23 -33.99 -4.64
N ILE A 134 9.35 -33.36 -4.99
CA ILE A 134 10.16 -33.75 -6.18
C ILE A 134 11.44 -34.42 -5.67
N ASN A 135 11.79 -35.57 -6.25
CA ASN A 135 13.05 -36.28 -5.91
C ASN A 135 14.23 -35.52 -6.54
N ALA A 136 15.44 -35.86 -6.11
CA ALA A 136 16.73 -35.29 -6.57
C ALA A 136 16.95 -35.63 -8.05
N ASP A 137 16.13 -36.52 -8.64
CA ASP A 137 16.18 -36.93 -10.07
C ASP A 137 15.01 -36.31 -10.88
N GLY A 138 14.23 -35.38 -10.32
CA GLY A 138 13.16 -34.67 -11.06
C GLY A 138 11.84 -35.44 -11.09
N ARG A 139 11.74 -36.61 -10.44
CA ARG A 139 10.48 -37.41 -10.40
C ARG A 139 9.62 -36.93 -9.23
N LEU A 140 8.40 -36.47 -9.49
CA LEU A 140 7.38 -36.22 -8.43
C LEU A 140 7.05 -37.53 -7.71
N GLU A 141 6.69 -37.39 -6.45
CA GLU A 141 6.33 -38.52 -5.57
C GLU A 141 5.23 -38.00 -4.65
N VAL A 142 4.14 -38.76 -4.59
CA VAL A 142 2.90 -38.37 -3.84
C VAL A 142 2.71 -39.36 -2.69
N PHE A 143 2.33 -38.81 -1.53
CA PHE A 143 2.15 -39.53 -0.25
C PHE A 143 0.72 -39.25 0.22
N ALA A 144 0.04 -40.31 0.66
CA ALA A 144 -1.34 -40.24 1.19
C ALA A 144 -1.55 -41.43 2.12
N ARG A 145 -2.39 -41.26 3.13
CA ARG A 145 -2.83 -42.39 3.97
C ARG A 145 -3.71 -43.30 3.10
N GLY A 146 -3.46 -44.61 3.17
CA GLY A 146 -4.20 -45.62 2.41
C GLY A 146 -5.38 -46.17 3.18
N LEU A 147 -6.12 -47.09 2.56
CA LEU A 147 -7.37 -47.68 3.12
C LEU A 147 -7.09 -48.33 4.48
N ASP A 148 -5.89 -48.90 4.64
CA ASP A 148 -5.40 -49.61 5.86
C ASP A 148 -4.77 -48.63 6.86
N ASN A 149 -4.89 -47.32 6.62
CA ASN A 149 -4.37 -46.23 7.49
C ASN A 149 -2.86 -46.27 7.64
N THR A 150 -2.15 -46.98 6.76
CA THR A 150 -0.67 -46.90 6.60
C THR A 150 -0.36 -45.75 5.65
N LEU A 151 0.89 -45.27 5.68
CA LEU A 151 1.43 -44.33 4.65
C LEU A 151 1.61 -45.06 3.33
N TRP A 152 0.97 -44.56 2.27
CA TRP A 152 1.08 -45.05 0.87
C TRP A 152 1.88 -44.02 0.05
N HIS A 153 2.54 -44.45 -1.01
CA HIS A 153 3.21 -43.51 -1.95
C HIS A 153 3.20 -44.10 -3.36
N ILE A 154 3.46 -43.21 -4.33
CA ILE A 154 3.38 -43.44 -5.79
C ILE A 154 4.31 -42.41 -6.42
N TRP A 155 4.90 -42.69 -7.59
CA TRP A 155 5.87 -41.76 -8.22
C TRP A 155 5.78 -41.83 -9.75
N GLN A 156 6.03 -40.68 -10.38
CA GLN A 156 6.48 -40.61 -11.80
C GLN A 156 7.60 -41.65 -11.98
N THR A 157 7.50 -42.46 -13.02
CA THR A 157 8.53 -43.47 -13.40
C THR A 157 9.70 -42.80 -14.14
N ALA A 158 9.48 -41.62 -14.72
CA ALA A 158 10.52 -40.80 -15.40
C ALA A 158 10.40 -39.34 -14.99
N PRO A 159 11.51 -38.57 -15.02
CA PRO A 159 11.50 -37.18 -14.57
C PRO A 159 10.38 -36.38 -15.25
N HIS A 160 9.56 -35.67 -14.47
CA HIS A 160 8.53 -34.70 -14.94
C HIS A 160 7.67 -35.33 -16.05
N SER A 161 7.27 -36.60 -15.89
CA SER A 161 6.58 -37.37 -16.94
C SER A 161 5.72 -38.49 -16.38
N ASN A 162 4.56 -38.70 -17.00
CA ASN A 162 3.79 -39.98 -16.97
C ASN A 162 4.67 -41.05 -17.60
N PRO A 163 4.40 -42.36 -17.41
CA PRO A 163 3.37 -42.82 -16.48
C PRO A 163 3.88 -42.92 -15.04
N TRP A 164 3.01 -43.34 -14.14
CA TRP A 164 3.32 -43.48 -12.69
C TRP A 164 3.46 -44.95 -12.34
N SER A 165 4.16 -45.21 -11.24
CA SER A 165 4.17 -46.50 -10.51
C SER A 165 2.74 -46.85 -10.09
N SER A 166 2.52 -48.09 -9.65
CA SER A 166 1.34 -48.51 -8.84
C SER A 166 1.61 -48.08 -7.41
N TRP A 167 0.69 -48.40 -6.48
CA TRP A 167 0.77 -47.96 -5.07
C TRP A 167 1.60 -48.93 -4.23
N TYR A 168 2.32 -48.38 -3.24
CA TYR A 168 3.11 -49.14 -2.24
C TYR A 168 2.81 -48.56 -0.86
N SER A 169 2.79 -49.42 0.15
CA SER A 169 2.65 -49.05 1.57
C SER A 169 4.03 -48.98 2.22
N LEU A 170 4.29 -47.92 2.97
CA LEU A 170 5.48 -47.79 3.84
C LEU A 170 5.11 -48.22 5.27
N GLY A 171 3.90 -48.74 5.47
CA GLY A 171 3.45 -49.28 6.76
C GLY A 171 3.15 -48.20 7.78
N HIS A 172 3.01 -48.63 9.04
CA HIS A 172 2.67 -47.79 10.22
C HIS A 172 1.17 -47.55 10.25
N VAL A 173 0.67 -46.93 11.32
CA VAL A 173 -0.72 -46.41 11.42
C VAL A 173 -0.60 -44.90 11.61
N ILE A 174 -1.20 -44.10 10.73
CA ILE A 174 -1.12 -42.61 10.84
C ILE A 174 -2.53 -42.01 10.93
N THR A 175 -2.65 -40.88 11.62
CA THR A 175 -3.93 -40.28 12.07
C THR A 175 -4.01 -38.81 11.63
N SER A 176 -3.15 -38.40 10.70
CA SER A 176 -3.11 -37.04 10.12
C SER A 176 -2.77 -37.17 8.64
N ASN A 177 -2.96 -36.08 7.89
CA ASN A 177 -2.41 -35.94 6.52
C ASN A 177 -0.90 -36.02 6.62
N PRO A 178 -0.19 -36.71 5.69
CA PRO A 178 1.28 -36.68 5.69
C PRO A 178 1.84 -35.34 5.18
N ALA A 179 3.03 -35.00 5.68
CA ALA A 179 3.87 -33.88 5.20
C ALA A 179 5.19 -34.42 4.67
N VAL A 180 5.69 -33.85 3.57
CA VAL A 180 6.92 -34.33 2.90
C VAL A 180 7.84 -33.15 2.62
N HIS A 181 9.14 -33.36 2.82
CA HIS A 181 10.21 -32.44 2.43
C HIS A 181 11.39 -33.27 1.97
N ILE A 182 12.51 -32.63 1.64
CA ILE A 182 13.74 -33.32 1.18
C ILE A 182 14.86 -32.84 2.09
N ASN A 183 15.74 -33.75 2.51
CA ASN A 183 16.92 -33.44 3.34
C ASN A 183 17.92 -32.66 2.47
N ALA A 184 18.93 -32.07 3.12
CA ALA A 184 20.07 -31.38 2.47
C ALA A 184 20.77 -32.32 1.48
N ASP A 185 20.74 -33.63 1.74
CA ASP A 185 21.50 -34.64 0.95
C ASP A 185 20.57 -35.31 -0.07
N GLY A 186 19.34 -34.81 -0.25
CA GLY A 186 18.42 -35.21 -1.34
C GLY A 186 17.53 -36.40 -0.98
N ARG A 187 17.52 -36.84 0.28
CA ARG A 187 16.62 -37.93 0.76
C ARG A 187 15.24 -37.36 1.10
N LEU A 188 14.16 -37.83 0.46
CA LEU A 188 12.79 -37.44 0.88
C LEU A 188 12.57 -37.91 2.32
N GLU A 189 11.80 -37.14 3.08
CA GLU A 189 11.45 -37.48 4.48
C GLU A 189 9.98 -37.08 4.69
N VAL A 190 9.18 -38.02 5.17
CA VAL A 190 7.71 -37.85 5.36
C VAL A 190 7.40 -37.89 6.84
N PHE A 191 6.47 -37.03 7.25
CA PHE A 191 6.00 -36.85 8.65
C PHE A 191 4.48 -37.05 8.69
N ALA A 192 3.99 -37.65 9.78
CA ALA A 192 2.56 -37.79 10.09
C ALA A 192 2.39 -38.01 11.58
N ARG A 193 1.23 -37.64 12.11
CA ARG A 193 0.82 -38.03 13.47
C ARG A 193 0.56 -39.54 13.46
N GLY A 194 1.04 -40.27 14.47
CA GLY A 194 0.79 -41.71 14.62
C GLY A 194 -0.49 -42.00 15.39
N ALA A 195 -0.86 -43.28 15.49
CA ALA A 195 -2.04 -43.74 16.29
C ALA A 195 -1.88 -43.29 17.74
N ASP A 196 -0.64 -43.08 18.20
CA ASP A 196 -0.29 -42.66 19.58
C ASP A 196 -0.23 -41.13 19.71
N ASN A 197 -0.51 -40.37 18.63
CA ASN A 197 -0.54 -38.88 18.60
C ASN A 197 0.87 -38.28 18.52
N ALA A 198 1.93 -39.09 18.55
CA ALA A 198 3.32 -38.60 18.39
C ALA A 198 3.53 -38.16 16.94
N LEU A 199 4.55 -37.34 16.73
CA LEU A 199 5.10 -37.03 15.38
C LEU A 199 5.99 -38.21 14.97
N TRP A 200 5.57 -38.95 13.95
CA TRP A 200 6.34 -40.06 13.36
C TRP A 200 6.94 -39.61 12.03
N HIS A 201 8.08 -40.19 11.65
CA HIS A 201 8.70 -39.88 10.34
C HIS A 201 9.50 -41.07 9.82
N ILE A 202 9.82 -40.98 8.54
CA ILE A 202 10.49 -42.07 7.76
C ILE A 202 11.16 -41.38 6.59
N TRP A 203 12.25 -41.93 6.07
CA TRP A 203 13.09 -41.24 5.06
C TRP A 203 13.65 -42.28 4.08
N GLN A 204 13.93 -41.84 2.85
CA GLN A 204 14.72 -42.64 1.89
C GLN A 204 16.08 -42.92 2.53
N THR A 205 16.66 -44.10 2.26
CA THR A 205 17.98 -44.53 2.79
C THR A 205 19.08 -43.72 2.09
N ALA A 206 18.86 -43.40 0.82
CA ALA A 206 19.62 -42.44 0.00
C ALA A 206 18.68 -41.86 -1.05
N PRO A 207 19.05 -40.77 -1.76
CA PRO A 207 18.11 -40.17 -2.70
C PRO A 207 17.53 -41.22 -3.66
N HIS A 208 16.19 -41.32 -3.67
CA HIS A 208 15.43 -42.26 -4.54
C HIS A 208 16.19 -43.60 -4.67
N SER A 209 16.68 -44.14 -3.55
CA SER A 209 17.53 -45.37 -3.50
C SER A 209 16.71 -46.61 -3.91
N GLY A 210 15.40 -46.57 -3.66
CA GLY A 210 14.47 -47.71 -3.82
C GLY A 210 14.15 -48.32 -2.47
N TYR A 211 14.69 -47.75 -1.38
CA TYR A 211 14.54 -48.25 0.01
C TYR A 211 14.25 -47.08 0.95
N TRP A 212 13.45 -47.36 1.99
CA TRP A 212 13.16 -46.39 3.08
C TRP A 212 13.66 -46.98 4.40
N SER A 213 13.71 -46.14 5.43
CA SER A 213 14.54 -46.31 6.65
C SER A 213 13.80 -47.11 7.72
N GLY A 214 12.47 -47.17 7.66
CA GLY A 214 11.66 -47.60 8.82
C GLY A 214 11.38 -46.40 9.71
N TRP A 215 10.55 -46.59 10.72
CA TRP A 215 9.82 -45.48 11.39
C TRP A 215 10.52 -45.02 12.66
N HIS A 216 10.48 -43.71 12.91
CA HIS A 216 11.02 -43.07 14.14
C HIS A 216 9.94 -42.18 14.76
N SER A 217 9.72 -42.31 16.07
CA SER A 217 8.84 -41.41 16.85
C SER A 217 9.66 -40.24 17.40
N LEU A 218 9.20 -39.01 17.16
CA LEU A 218 9.75 -37.78 17.78
C LEU A 218 8.90 -37.40 19.01
N GLY A 219 7.96 -38.26 19.40
CA GLY A 219 7.04 -38.03 20.53
C GLY A 219 6.11 -36.84 20.29
N GLY A 220 5.62 -36.23 21.36
CA GLY A 220 4.65 -35.12 21.30
C GLY A 220 3.22 -35.62 21.30
N VAL A 221 2.26 -34.71 21.51
CA VAL A 221 0.81 -35.02 21.37
C VAL A 221 0.22 -33.98 20.41
N LEU A 222 0.15 -34.35 19.13
CA LEU A 222 -0.23 -33.46 18.00
C LEU A 222 -1.76 -33.30 17.94
N SER A 223 -2.22 -32.09 17.63
CA SER A 223 -3.64 -31.76 17.30
C SER A 223 -3.68 -31.01 15.97
N SER A 224 -2.72 -31.28 15.09
CA SER A 224 -2.69 -30.77 13.69
C SER A 224 -1.86 -31.73 12.83
N ASP A 225 -1.93 -31.54 11.52
CA ASP A 225 -0.94 -32.13 10.58
C ASP A 225 0.42 -31.53 10.91
N PRO A 226 1.53 -32.27 10.69
CA PRO A 226 2.85 -31.67 10.73
C PRO A 226 3.00 -30.75 9.51
N VAL A 227 3.79 -29.68 9.69
CA VAL A 227 4.14 -28.71 8.62
C VAL A 227 5.66 -28.53 8.67
N VAL A 228 6.33 -28.83 7.55
CA VAL A 228 7.80 -29.04 7.52
C VAL A 228 8.45 -27.95 6.67
N ALA A 229 9.54 -27.37 7.17
CA ALA A 229 10.45 -26.50 6.41
C ALA A 229 11.86 -27.12 6.47
N ARG A 230 12.73 -26.79 5.51
CA ARG A 230 14.20 -26.98 5.67
C ARG A 230 14.84 -25.59 5.87
N THR A 231 15.59 -25.42 6.97
CA THR A 231 16.33 -24.17 7.25
C THR A 231 17.40 -23.97 6.18
N VAL A 232 17.87 -22.74 6.02
CA VAL A 232 18.90 -22.40 4.99
C VAL A 232 20.18 -23.22 5.26
N ASP A 233 20.45 -23.61 6.51
CA ASP A 233 21.63 -24.44 6.87
C ASP A 233 21.33 -25.93 6.69
N GLY A 234 20.12 -26.29 6.25
CA GLY A 234 19.78 -27.62 5.73
C GLY A 234 19.12 -28.53 6.75
N ARG A 235 18.54 -27.99 7.82
CA ARG A 235 17.92 -28.77 8.92
C ARG A 235 16.41 -28.79 8.72
N LEU A 236 15.80 -29.97 8.76
CA LEU A 236 14.32 -30.09 8.75
C LEU A 236 13.80 -29.57 10.10
N GLU A 237 12.76 -28.75 10.06
CA GLU A 237 12.10 -28.18 11.27
C GLU A 237 10.60 -28.32 11.08
N VAL A 238 9.94 -28.93 12.06
CA VAL A 238 8.53 -29.37 11.96
C VAL A 238 7.71 -28.52 12.93
N PHE A 239 6.57 -28.03 12.46
CA PHE A 239 5.63 -27.17 13.22
C PHE A 239 4.29 -27.90 13.34
N VAL A 240 3.71 -27.86 14.54
CA VAL A 240 2.44 -28.55 14.88
C VAL A 240 1.69 -27.68 15.88
N ARG A 241 0.36 -27.78 15.90
CA ARG A 241 -0.43 -27.47 17.11
C ARG A 241 -0.41 -28.72 18.00
N ALA A 242 -0.10 -28.55 19.29
CA ALA A 242 -0.18 -29.62 20.31
C ALA A 242 -1.53 -29.54 21.05
N VAL A 243 -1.80 -30.52 21.92
CA VAL A 243 -3.12 -30.68 22.63
C VAL A 243 -3.40 -29.47 23.53
N ASP A 244 -2.39 -28.68 23.90
CA ASP A 244 -2.57 -27.43 24.70
C ASP A 244 -2.92 -26.27 23.77
N ASN A 245 -3.06 -26.53 22.47
CA ASN A 245 -3.44 -25.57 21.41
C ASN A 245 -2.34 -24.52 21.20
N ALA A 246 -1.14 -24.75 21.72
CA ALA A 246 0.04 -23.90 21.45
C ALA A 246 0.70 -24.38 20.14
N LEU A 247 1.40 -23.47 19.45
CA LEU A 247 2.34 -23.83 18.36
C LEU A 247 3.59 -24.43 19.01
N TRP A 248 3.93 -25.66 18.64
CA TRP A 248 5.18 -26.34 19.07
C TRP A 248 6.04 -26.61 17.84
N HIS A 249 7.35 -26.74 18.03
CA HIS A 249 8.29 -27.12 16.94
C HIS A 249 9.42 -27.98 17.48
N ILE A 250 10.15 -28.60 16.55
CA ILE A 250 11.25 -29.59 16.80
C ILE A 250 12.07 -29.60 15.51
N TRP A 251 13.37 -29.90 15.58
CA TRP A 251 14.29 -29.73 14.42
C TRP A 251 15.47 -30.70 14.47
N GLN A 252 16.02 -31.04 13.31
CA GLN A 252 17.35 -31.70 13.22
C GLN A 252 18.38 -30.75 13.84
N THR A 253 19.29 -31.30 14.65
CA THR A 253 20.38 -30.54 15.31
C THR A 253 21.46 -30.17 14.28
N ALA A 254 21.46 -30.84 13.12
CA ALA A 254 22.41 -30.64 12.01
C ALA A 254 21.78 -31.16 10.73
N PRO A 255 22.29 -30.82 9.53
CA PRO A 255 21.78 -31.41 8.29
C PRO A 255 21.87 -32.94 8.32
N ASN A 256 20.81 -33.62 7.88
CA ASN A 256 20.76 -35.10 7.73
C ASN A 256 20.99 -35.79 9.08
N SER A 257 20.80 -35.06 10.19
CA SER A 257 21.28 -35.46 11.54
C SER A 257 20.51 -36.67 12.07
N SER A 258 21.21 -37.56 12.79
CA SER A 258 20.63 -38.71 13.52
C SER A 258 20.03 -38.23 14.85
N GLN A 259 20.12 -36.92 15.12
CA GLN A 259 19.73 -36.29 16.41
C GLN A 259 18.75 -35.16 16.13
N TRP A 260 17.56 -35.21 16.74
CA TRP A 260 16.59 -34.09 16.75
C TRP A 260 16.69 -33.38 18.09
N SER A 261 16.17 -32.16 18.16
CA SER A 261 16.06 -31.37 19.41
C SER A 261 14.95 -31.97 20.28
N ASN A 262 14.83 -31.49 21.52
CA ASN A 262 13.58 -31.64 22.32
C ASN A 262 12.51 -30.77 21.68
N TRP A 263 11.25 -31.12 21.87
CA TRP A 263 10.08 -30.24 21.57
C TRP A 263 10.25 -28.92 22.34
N ALA A 264 9.90 -27.80 21.70
CA ALA A 264 9.89 -26.45 22.30
C ALA A 264 8.58 -25.76 21.91
N SER A 265 7.88 -25.16 22.88
CA SER A 265 6.60 -24.42 22.69
C SER A 265 6.88 -23.02 22.18
N LEU A 266 6.07 -22.54 21.24
CA LEU A 266 6.04 -21.11 20.83
C LEU A 266 4.76 -20.44 21.36
N GLY A 267 3.94 -21.16 22.15
CA GLY A 267 2.75 -20.61 22.81
C GLY A 267 1.62 -20.30 21.83
N GLY A 268 0.73 -19.39 22.21
CA GLY A 268 -0.46 -19.01 21.41
C GLY A 268 -1.62 -19.96 21.65
N THR A 269 -2.81 -19.56 21.19
CA THR A 269 -4.04 -20.39 21.12
C THR A 269 -4.51 -20.38 19.67
N ILE A 270 -3.99 -21.31 18.87
CA ILE A 270 -4.19 -21.32 17.39
C ILE A 270 -5.30 -22.32 17.06
N THR A 271 -6.04 -22.02 15.99
CA THR A 271 -7.26 -22.75 15.54
C THR A 271 -7.12 -23.08 14.05
N SER A 272 -5.88 -23.22 13.57
CA SER A 272 -5.56 -23.71 12.20
C SER A 272 -4.22 -24.42 12.20
N ALA A 273 -4.01 -25.27 11.19
CA ALA A 273 -2.66 -25.71 10.77
C ALA A 273 -1.77 -24.48 10.68
N PRO A 274 -0.51 -24.54 11.16
CA PRO A 274 0.43 -23.45 10.92
C PRO A 274 0.85 -23.48 9.45
N ALA A 275 1.24 -22.33 8.91
CA ALA A 275 1.82 -22.16 7.56
C ALA A 275 3.22 -21.57 7.74
N VAL A 276 4.24 -22.18 7.13
CA VAL A 276 5.66 -21.82 7.37
C VAL A 276 6.28 -21.41 6.02
N ILE A 277 7.11 -20.37 6.06
CA ILE A 277 7.90 -19.92 4.88
C ILE A 277 9.17 -19.23 5.40
N LYS A 278 10.25 -19.28 4.63
CA LYS A 278 11.47 -18.48 4.88
C LYS A 278 11.21 -17.05 4.39
N TYR A 279 11.54 -16.06 5.22
CA TYR A 279 11.62 -14.61 4.85
C TYR A 279 12.72 -14.47 3.80
N PHE A 280 12.81 -13.30 3.14
CA PHE A 280 13.83 -13.06 2.08
C PHE A 280 15.24 -13.23 2.67
N ASP A 281 15.42 -13.09 3.99
CA ASP A 281 16.72 -13.27 4.69
C ASP A 281 16.83 -14.68 5.31
N ASN A 282 15.89 -15.58 5.00
CA ASN A 282 15.90 -17.03 5.31
C ASN A 282 15.40 -17.32 6.74
N ARG A 283 15.04 -16.29 7.52
CA ARG A 283 14.39 -16.49 8.85
C ARG A 283 13.01 -17.14 8.65
N LEU A 284 12.69 -18.17 9.44
CA LEU A 284 11.37 -18.86 9.39
C LEU A 284 10.28 -17.93 9.94
N VAL A 285 9.14 -17.87 9.26
CA VAL A 285 7.95 -17.11 9.70
C VAL A 285 6.77 -18.08 9.69
N VAL A 286 6.03 -18.15 10.78
CA VAL A 286 4.88 -19.07 10.92
C VAL A 286 3.61 -18.21 11.04
N PHE A 287 2.59 -18.59 10.27
CA PHE A 287 1.27 -17.92 10.21
C PHE A 287 0.25 -18.94 10.69
N ALA A 288 -0.74 -18.51 11.46
CA ALA A 288 -1.87 -19.36 11.89
C ALA A 288 -3.07 -18.48 12.25
N ARG A 289 -4.27 -19.03 12.10
CA ARG A 289 -5.48 -18.43 12.68
C ARG A 289 -5.43 -18.65 14.20
N ALA A 290 -5.85 -17.66 14.98
CA ALA A 290 -5.91 -17.75 16.46
C ALA A 290 -7.37 -17.83 16.91
N ILE A 291 -7.57 -18.06 18.21
CA ILE A 291 -8.89 -18.26 18.88
C ILE A 291 -9.80 -17.05 18.59
N ASP A 292 -9.23 -15.88 18.28
CA ASP A 292 -9.99 -14.63 17.92
C ASP A 292 -10.31 -14.59 16.42
N ASN A 293 -9.93 -15.63 15.66
CA ASN A 293 -10.22 -15.79 14.20
C ASN A 293 -9.43 -14.77 13.36
N ALA A 294 -8.46 -14.07 13.95
CA ALA A 294 -7.54 -13.17 13.21
C ALA A 294 -6.40 -14.02 12.65
N LEU A 295 -5.70 -13.51 11.63
CA LEU A 295 -4.40 -14.05 11.19
C LEU A 295 -3.32 -13.55 12.14
N TRP A 296 -2.60 -14.46 12.77
CA TRP A 296 -1.43 -14.13 13.63
C TRP A 296 -0.16 -14.70 12.99
N HIS A 297 1.00 -14.17 13.37
CA HIS A 297 2.31 -14.65 12.88
C HIS A 297 3.36 -14.46 13.96
N ILE A 298 4.35 -15.34 13.96
CA ILE A 298 5.52 -15.33 14.89
C ILE A 298 6.74 -15.66 14.04
N TRP A 299 7.94 -15.14 14.36
CA TRP A 299 9.09 -15.24 13.43
C TRP A 299 10.41 -15.38 14.19
N GLN A 300 11.38 -16.04 13.58
CA GLN A 300 12.77 -16.12 14.10
C GLN A 300 13.37 -14.71 14.11
N ASN A 301 14.11 -14.39 15.17
CA ASN A 301 14.94 -13.16 15.27
C ASN A 301 16.25 -13.39 14.52
N ASP A 302 16.69 -14.66 14.45
CA ASP A 302 17.94 -15.09 13.78
C ASP A 302 17.81 -16.56 13.38
N THR A 303 18.72 -17.05 12.55
CA THR A 303 18.67 -18.40 11.92
C THR A 303 19.49 -19.43 12.70
N HIS A 304 20.02 -19.10 13.88
CA HIS A 304 20.90 -20.02 14.65
C HIS A 304 20.51 -20.08 16.13
N SER A 305 20.54 -18.96 16.85
CA SER A 305 20.45 -18.89 18.34
C SER A 305 19.13 -19.49 18.84
N GLY A 306 18.12 -19.60 17.97
CA GLY A 306 16.81 -20.16 18.29
C GLY A 306 15.90 -19.12 18.93
N SER A 307 16.21 -17.83 18.76
CA SER A 307 15.41 -16.70 19.30
C SER A 307 14.21 -16.47 18.38
N TRP A 308 13.00 -16.47 18.96
CA TRP A 308 11.72 -16.19 18.26
C TRP A 308 11.08 -14.92 18.83
N SER A 309 10.37 -14.18 17.99
CA SER A 309 9.56 -12.98 18.33
C SER A 309 8.39 -13.39 19.23
N ASN A 310 7.64 -12.38 19.71
CA ASN A 310 6.27 -12.54 20.26
C ASN A 310 5.29 -12.64 19.09
N TRP A 311 4.08 -13.15 19.34
CA TRP A 311 2.98 -13.20 18.34
C TRP A 311 2.52 -11.78 18.00
N GLY A 312 2.37 -11.49 16.70
CA GLY A 312 1.75 -10.25 16.18
C GLY A 312 0.51 -10.56 15.37
N SER A 313 -0.60 -9.84 15.63
CA SER A 313 -1.86 -9.95 14.84
C SER A 313 -1.70 -9.18 13.52
N LEU A 314 -2.30 -9.71 12.45
CA LEU A 314 -2.52 -9.01 11.17
C LEU A 314 -4.03 -8.84 10.93
N GLY A 315 -4.85 -9.08 11.96
CA GLY A 315 -6.32 -8.91 11.92
C GLY A 315 -6.98 -9.84 10.93
N GLY A 316 -8.08 -9.38 10.31
CA GLY A 316 -8.93 -10.19 9.43
C GLY A 316 -9.84 -11.12 10.23
N GLY A 317 -10.81 -11.72 9.53
CA GLY A 317 -11.77 -12.72 10.04
C GLY A 317 -11.70 -13.97 9.18
N LEU A 318 -10.97 -14.98 9.67
CA LEU A 318 -10.57 -16.19 8.91
C LEU A 318 -11.57 -17.33 9.19
N SER A 319 -12.05 -17.99 8.13
CA SER A 319 -12.85 -19.24 8.17
C SER A 319 -12.00 -20.42 7.66
N SER A 320 -10.68 -20.25 7.56
CA SER A 320 -9.71 -21.32 7.24
C SER A 320 -8.36 -20.98 7.86
N GLY A 321 -7.39 -21.89 7.75
CA GLY A 321 -5.97 -21.59 7.99
C GLY A 321 -5.40 -20.76 6.84
N PRO A 322 -4.23 -20.10 7.04
CA PRO A 322 -3.52 -19.44 5.95
C PRO A 322 -2.68 -20.42 5.13
N ASP A 323 -2.40 -20.04 3.89
CA ASP A 323 -1.31 -20.65 3.08
C ASP A 323 -0.45 -19.52 2.53
N VAL A 324 0.84 -19.78 2.34
CA VAL A 324 1.86 -18.72 2.11
C VAL A 324 2.80 -19.13 0.97
N VAL A 325 3.31 -18.14 0.26
CA VAL A 325 4.32 -18.32 -0.83
C VAL A 325 5.16 -17.04 -0.84
N GLU A 326 6.37 -17.10 -1.39
CA GLU A 326 7.18 -15.88 -1.67
C GLU A 326 6.88 -15.45 -3.11
N ASN A 327 6.46 -14.19 -3.30
CA ASN A 327 6.09 -13.66 -4.64
C ASN A 327 7.37 -13.23 -5.38
N ALA A 328 7.21 -12.82 -6.63
CA ALA A 328 8.34 -12.43 -7.53
C ALA A 328 8.99 -11.13 -7.06
N ASN A 329 8.40 -10.42 -6.08
CA ASN A 329 9.02 -9.22 -5.47
C ASN A 329 9.92 -9.65 -4.31
N GLY A 330 9.93 -10.95 -3.99
CA GLY A 330 10.69 -11.54 -2.87
C GLY A 330 9.96 -11.38 -1.55
N TYR A 331 8.65 -11.10 -1.58
CA TYR A 331 7.85 -10.79 -0.37
C TYR A 331 6.82 -11.90 -0.11
N ILE A 332 6.46 -12.07 1.16
CA ILE A 332 5.48 -13.10 1.60
C ILE A 332 4.08 -12.67 1.17
N GLU A 333 3.33 -13.59 0.54
CA GLU A 333 1.89 -13.43 0.27
C GLU A 333 1.14 -14.49 1.06
N VAL A 334 0.02 -14.11 1.66
CA VAL A 334 -0.83 -14.97 2.55
C VAL A 334 -2.23 -15.04 1.94
N PHE A 335 -2.81 -16.25 1.93
CA PHE A 335 -4.17 -16.53 1.40
C PHE A 335 -4.99 -17.24 2.49
N VAL A 336 -6.18 -16.70 2.76
CA VAL A 336 -7.17 -17.28 3.72
C VAL A 336 -8.56 -17.25 3.08
N ARG A 337 -9.45 -18.12 3.57
CA ARG A 337 -10.91 -17.94 3.36
C ARG A 337 -11.43 -17.01 4.47
N ALA A 338 -12.24 -16.02 4.09
CA ALA A 338 -12.90 -15.08 5.02
C ALA A 338 -14.30 -15.59 5.36
N THR A 339 -15.04 -14.88 6.21
CA THR A 339 -16.40 -15.25 6.64
C THR A 339 -17.37 -15.21 5.45
N ASP A 340 -17.05 -14.44 4.41
CA ASP A 340 -17.88 -14.37 3.16
C ASP A 340 -17.53 -15.52 2.23
N ASN A 341 -16.68 -16.47 2.68
CA ASN A 341 -16.29 -17.71 1.97
C ASN A 341 -15.45 -17.41 0.72
N ALA A 342 -15.07 -16.15 0.50
CA ALA A 342 -14.14 -15.72 -0.57
C ALA A 342 -12.69 -15.94 -0.12
N LEU A 343 -11.77 -16.03 -1.09
CA LEU A 343 -10.31 -16.02 -0.86
C LEU A 343 -9.84 -14.58 -0.65
N TRP A 344 -9.20 -14.30 0.48
CA TRP A 344 -8.61 -12.98 0.81
C TRP A 344 -7.09 -13.11 0.82
N ASN A 345 -6.41 -11.99 0.58
CA ASN A 345 -4.95 -11.96 0.34
C ASN A 345 -4.38 -10.79 1.13
N ILE A 346 -3.26 -11.00 1.80
CA ILE A 346 -2.43 -9.93 2.43
C ILE A 346 -0.97 -10.28 2.14
N LYS A 347 -0.12 -9.28 1.88
CA LYS A 347 1.25 -9.53 1.39
C LYS A 347 2.19 -8.43 1.91
N ARG A 348 3.47 -8.74 2.07
CA ARG A 348 4.50 -7.71 2.36
C ARG A 348 4.72 -6.90 1.07
N THR A 349 4.88 -5.59 1.20
CA THR A 349 4.99 -4.64 0.06
C THR A 349 6.39 -4.01 0.03
N SER A 350 7.17 -4.25 1.07
CA SER A 350 8.55 -3.72 1.27
C SER A 350 9.23 -4.55 2.35
N PRO A 351 10.50 -4.23 2.72
CA PRO A 351 11.11 -4.84 3.90
C PRO A 351 10.45 -4.45 5.24
N SER A 352 9.55 -3.46 5.25
CA SER A 352 9.04 -2.79 6.49
C SER A 352 7.52 -2.66 6.54
N SER A 353 6.74 -3.32 5.68
CA SER A 353 5.30 -3.03 5.59
C SER A 353 4.49 -4.19 4.99
N TRP A 354 3.30 -4.38 5.55
CA TRP A 354 2.23 -5.26 5.01
C TRP A 354 1.33 -4.46 4.06
N SER A 355 0.67 -5.17 3.14
CA SER A 355 -0.41 -4.65 2.28
C SER A 355 -1.69 -4.50 3.09
N SER A 356 -2.71 -3.90 2.48
CA SER A 356 -4.12 -3.97 2.91
C SER A 356 -4.65 -5.38 2.63
N TRP A 357 -5.63 -5.85 3.40
CA TRP A 357 -6.49 -6.99 3.03
C TRP A 357 -7.22 -6.67 1.73
N ALA A 358 -7.25 -7.61 0.79
CA ALA A 358 -8.01 -7.51 -0.49
C ALA A 358 -8.75 -8.82 -0.75
N SER A 359 -9.96 -8.74 -1.31
CA SER A 359 -10.73 -9.93 -1.77
C SER A 359 -10.27 -10.33 -3.17
N LEU A 360 -10.02 -11.62 -3.39
CA LEU A 360 -9.88 -12.21 -4.75
C LEU A 360 -11.19 -12.95 -5.10
N GLY A 361 -12.22 -12.81 -4.25
CA GLY A 361 -13.59 -13.30 -4.52
C GLY A 361 -13.66 -14.80 -4.51
N GLY A 362 -14.59 -15.36 -5.30
CA GLY A 362 -14.87 -16.80 -5.34
C GLY A 362 -15.67 -17.26 -4.13
N THR A 363 -16.19 -18.48 -4.21
CA THR A 363 -16.85 -19.20 -3.10
C THR A 363 -16.15 -20.54 -2.94
N LEU A 364 -15.47 -20.75 -1.81
CA LEU A 364 -14.60 -21.94 -1.56
C LEU A 364 -15.12 -22.75 -0.37
N ILE A 365 -15.13 -24.07 -0.55
CA ILE A 365 -15.47 -25.06 0.51
C ILE A 365 -14.15 -25.68 1.02
N ASP A 366 -14.16 -26.12 2.27
CA ASP A 366 -13.07 -26.91 2.85
C ASP A 366 -13.33 -28.39 2.54
N ALA A 367 -12.67 -28.94 1.51
CA ALA A 367 -12.81 -30.36 1.10
C ALA A 367 -11.73 -31.23 1.76
N SER A 368 -11.01 -30.72 2.76
CA SER A 368 -9.95 -31.45 3.50
C SER A 368 -10.45 -32.86 3.89
N ALA A 369 -9.67 -33.90 3.59
CA ALA A 369 -10.11 -35.32 3.64
C ALA A 369 -10.26 -35.79 5.09
N ILE A 370 -9.43 -35.31 6.02
CA ILE A 370 -9.53 -35.67 7.46
C ILE A 370 -10.21 -34.52 8.22
N GLU B 23 18.63 0.22 -2.71
CA GLU B 23 19.46 1.04 -3.66
C GLU B 23 18.63 1.47 -4.87
N ILE B 24 17.32 1.19 -4.91
CA ILE B 24 16.42 1.61 -6.03
C ILE B 24 16.53 3.13 -6.20
N GLU B 25 16.67 3.59 -7.45
CA GLU B 25 16.70 5.02 -7.85
C GLU B 25 15.45 5.30 -8.69
N ASN B 26 14.94 6.54 -8.61
CA ASN B 26 13.64 6.93 -9.22
C ASN B 26 13.81 8.22 -10.00
N PRO B 27 13.01 8.43 -11.07
CA PRO B 27 13.10 9.65 -11.88
C PRO B 27 12.67 10.91 -11.14
N THR B 28 13.30 12.03 -11.47
CA THR B 28 13.06 13.37 -10.87
C THR B 28 11.57 13.70 -11.04
N ILE B 29 10.92 14.12 -9.95
CA ILE B 29 9.48 14.52 -9.94
C ILE B 29 9.35 15.89 -10.58
N ALA B 30 8.19 16.18 -11.17
CA ALA B 30 7.85 17.49 -11.79
C ALA B 30 8.06 18.61 -10.76
N ALA B 31 8.32 19.83 -11.23
CA ALA B 31 8.60 21.02 -10.40
C ALA B 31 7.45 21.25 -9.41
N SER B 32 7.78 21.62 -8.16
CA SER B 32 6.81 21.94 -7.09
C SER B 32 6.26 23.36 -7.24
N GLY B 33 5.18 23.67 -6.50
CA GLY B 33 4.74 25.04 -6.23
C GLY B 33 5.74 25.76 -5.34
N ILE B 34 5.67 27.10 -5.29
CA ILE B 34 6.69 27.95 -4.60
C ILE B 34 6.20 28.34 -3.21
N VAL B 35 4.89 28.37 -2.97
CA VAL B 35 4.32 28.79 -1.65
C VAL B 35 3.30 27.78 -1.16
N SER B 36 3.20 27.67 0.15
CA SER B 36 2.01 27.15 0.87
C SER B 36 0.99 28.28 0.98
N VAL B 37 -0.25 28.05 0.56
CA VAL B 37 -1.33 29.06 0.60
C VAL B 37 -2.42 28.51 1.53
N ALA B 38 -2.82 29.32 2.52
CA ALA B 38 -3.80 28.92 3.55
C ALA B 38 -4.77 30.07 3.82
N ASN B 39 -6.02 29.72 4.11
CA ASN B 39 -7.07 30.64 4.61
C ASN B 39 -6.88 30.81 6.12
N THR B 40 -7.01 32.03 6.62
CA THR B 40 -6.95 32.34 8.08
C THR B 40 -8.35 32.25 8.68
N SER B 41 -8.42 32.32 10.00
CA SER B 41 -9.70 32.31 10.77
C SER B 41 -10.47 33.63 10.57
N ASP B 42 -9.81 34.70 10.07
CA ASP B 42 -10.47 36.00 9.75
C ASP B 42 -10.63 36.16 8.23
N GLY B 43 -10.58 35.05 7.47
CA GLY B 43 -10.98 35.00 6.04
C GLY B 43 -9.95 35.59 5.10
N ARG B 44 -8.68 35.73 5.51
CA ARG B 44 -7.59 36.26 4.64
C ARG B 44 -6.82 35.08 4.02
N ILE B 45 -6.24 35.31 2.83
CA ILE B 45 -5.18 34.44 2.25
C ILE B 45 -3.84 34.83 2.88
N GLU B 46 -3.07 33.85 3.33
CA GLU B 46 -1.65 34.01 3.74
C GLU B 46 -0.81 33.05 2.88
N VAL B 47 0.33 33.52 2.37
CA VAL B 47 1.27 32.67 1.57
C VAL B 47 2.61 32.58 2.33
N PHE B 48 3.26 31.42 2.26
CA PHE B 48 4.55 31.10 2.94
C PHE B 48 5.53 30.51 1.93
N GLY B 49 6.66 31.19 1.74
CA GLY B 49 7.75 30.74 0.87
C GLY B 49 9.08 30.77 1.58
N VAL B 50 10.14 30.36 0.88
CA VAL B 50 11.54 30.41 1.39
C VAL B 50 12.28 31.50 0.61
N GLY B 51 12.91 32.42 1.33
CA GLY B 51 13.70 33.52 0.74
C GLY B 51 15.09 33.07 0.34
N GLY B 52 15.86 33.94 -0.31
CA GLY B 52 17.27 33.68 -0.68
C GLY B 52 18.16 33.48 0.53
N ASP B 53 17.66 33.85 1.73
CA ASP B 53 18.36 33.73 3.04
C ASP B 53 17.96 32.43 3.76
N ASN B 54 17.11 31.60 3.14
CA ASN B 54 16.62 30.27 3.65
C ASN B 54 15.66 30.44 4.84
N ALA B 55 15.27 31.66 5.20
CA ALA B 55 14.20 31.93 6.19
C ALA B 55 12.85 31.70 5.53
N VAL B 56 11.81 31.41 6.32
CA VAL B 56 10.39 31.38 5.83
C VAL B 56 9.87 32.82 5.86
N TRP B 57 9.38 33.30 4.71
CA TRP B 57 8.76 34.63 4.53
C TRP B 57 7.27 34.48 4.27
N ARG B 58 6.47 35.43 4.75
CA ARG B 58 4.99 35.42 4.60
C ARG B 58 4.54 36.71 3.91
N ASN B 59 3.46 36.60 3.15
CA ASN B 59 2.70 37.72 2.55
C ASN B 59 1.24 37.34 2.70
N GLY B 60 0.35 38.31 2.86
CA GLY B 60 -1.10 38.05 3.02
C GLY B 60 -1.93 39.24 2.64
N GLN B 61 -3.23 39.02 2.41
CA GLN B 61 -4.21 40.11 2.19
C GLN B 61 -4.31 40.94 3.47
N THR B 62 -4.36 42.27 3.36
CA THR B 62 -4.46 43.19 4.52
C THR B 62 -5.76 42.90 5.27
N THR B 63 -6.86 42.78 4.53
CA THR B 63 -8.20 42.35 5.00
C THR B 63 -8.71 41.27 4.02
N HIS B 64 -9.85 40.66 4.33
CA HIS B 64 -10.45 39.55 3.53
C HIS B 64 -10.85 40.04 2.14
N THR B 65 -10.98 41.35 1.91
CA THR B 65 -11.42 41.93 0.61
C THR B 65 -10.26 41.88 -0.40
N GLY B 66 -9.00 41.81 0.08
CA GLY B 66 -7.81 41.78 -0.79
C GLY B 66 -7.64 43.08 -1.56
N ALA B 67 -8.10 44.20 -0.99
CA ALA B 67 -7.89 45.57 -1.52
C ALA B 67 -6.39 45.87 -1.57
N SER B 68 -5.64 45.36 -0.59
CA SER B 68 -4.15 45.38 -0.57
C SER B 68 -3.60 44.08 0.04
N TRP B 69 -2.30 43.86 -0.16
CA TRP B 69 -1.50 42.80 0.51
C TRP B 69 -0.55 43.50 1.49
N THR B 70 -0.15 42.79 2.56
CA THR B 70 0.69 43.34 3.65
C THR B 70 2.12 43.61 3.15
N GLY B 71 2.54 42.93 2.10
CA GLY B 71 3.95 42.85 1.68
C GLY B 71 4.68 41.77 2.46
N TRP B 72 5.90 41.43 2.03
CA TRP B 72 6.70 40.30 2.58
C TRP B 72 7.27 40.66 3.96
N SER B 73 7.13 39.75 4.92
CA SER B 73 7.79 39.79 6.25
CA SER B 73 7.78 39.78 6.26
C SER B 73 8.45 38.43 6.53
N SER B 74 9.57 38.43 7.25
CA SER B 74 10.33 37.21 7.60
C SER B 74 9.78 36.61 8.90
N LEU B 75 9.55 35.30 8.91
CA LEU B 75 9.33 34.50 10.14
C LEU B 75 10.66 33.95 10.64
N GLY B 76 11.76 34.22 9.92
CA GLY B 76 13.12 33.77 10.26
C GLY B 76 13.28 32.28 10.03
N GLY B 77 14.21 31.65 10.77
CA GLY B 77 14.56 30.23 10.63
C GLY B 77 15.48 30.00 9.44
N SER B 78 16.05 28.81 9.39
CA SER B 78 16.86 28.29 8.26
CA SER B 78 16.86 28.29 8.25
C SER B 78 16.28 26.93 7.85
N VAL B 79 15.66 26.85 6.68
CA VAL B 79 14.78 25.69 6.35
C VAL B 79 15.30 24.94 5.12
N THR B 80 14.82 23.71 4.96
CA THR B 80 15.33 22.74 3.97
C THR B 80 14.16 22.01 3.30
N SER B 81 12.95 22.53 3.40
CA SER B 81 11.80 22.00 2.63
C SER B 81 10.86 23.14 2.26
N LYS B 82 9.90 22.84 1.40
CA LYS B 82 8.71 23.69 1.21
C LYS B 82 7.94 23.70 2.53
N PRO B 83 7.53 24.89 2.99
CA PRO B 83 6.64 24.98 4.15
C PRO B 83 5.25 24.45 3.79
N ALA B 84 4.52 24.01 4.82
CA ALA B 84 3.09 23.63 4.75
C ALA B 84 2.36 24.35 5.88
N ALA B 85 1.46 25.26 5.54
CA ALA B 85 0.58 25.96 6.51
C ALA B 85 -0.73 25.18 6.64
N TYR B 86 -1.34 25.22 7.82
CA TYR B 86 -2.65 24.57 8.07
C TYR B 86 -3.38 25.36 9.17
N LEU B 87 -4.70 25.41 9.07
CA LEU B 87 -5.60 26.08 10.05
C LEU B 87 -6.17 25.06 11.05
N ASN B 88 -5.78 25.18 12.32
CA ASN B 88 -6.35 24.37 13.44
C ASN B 88 -7.85 24.70 13.61
N SER B 89 -8.58 23.79 14.24
CA SER B 89 -10.04 23.92 14.47
C SER B 89 -10.34 25.00 15.54
N ASP B 90 -9.31 25.58 16.18
CA ASP B 90 -9.45 26.73 17.11
C ASP B 90 -8.94 28.02 16.44
N GLY B 91 -8.74 27.99 15.12
CA GLY B 91 -8.46 29.19 14.29
C GLY B 91 -6.99 29.60 14.30
N ARG B 92 -6.13 28.83 14.97
CA ARG B 92 -4.66 29.07 15.03
C ARG B 92 -4.02 28.65 13.70
N LEU B 93 -3.42 29.59 12.98
CA LEU B 93 -2.65 29.30 11.73
C LEU B 93 -1.31 28.68 12.14
N GLU B 94 -0.91 27.57 11.51
CA GLU B 94 0.29 26.80 11.94
C GLU B 94 1.09 26.42 10.69
N VAL B 95 2.40 26.66 10.72
CA VAL B 95 3.32 26.37 9.58
C VAL B 95 4.31 25.30 10.02
N PHE B 96 4.47 24.27 9.19
CA PHE B 96 5.41 23.13 9.36
C PHE B 96 6.46 23.19 8.26
N VAL B 97 7.73 22.95 8.61
CA VAL B 97 8.85 22.90 7.61
C VAL B 97 9.94 21.95 8.10
N ARG B 98 10.71 21.39 7.18
CA ARG B 98 11.96 20.68 7.54
C ARG B 98 13.01 21.74 7.87
N GLY B 99 13.70 21.58 8.99
CA GLY B 99 14.73 22.52 9.46
C GLY B 99 16.11 22.15 8.97
N SER B 100 17.13 22.89 9.42
CA SER B 100 18.54 22.74 8.99
C SER B 100 19.12 21.40 9.49
N ASP B 101 18.50 20.81 10.52
CA ASP B 101 18.89 19.52 11.15
C ASP B 101 18.04 18.38 10.59
N ASN B 102 17.23 18.67 9.57
CA ASN B 102 16.33 17.71 8.89
C ASN B 102 15.20 17.23 9.82
N ALA B 103 15.00 17.86 10.98
CA ALA B 103 13.85 17.59 11.88
C ALA B 103 12.65 18.43 11.43
N LEU B 104 11.45 18.11 11.91
CA LEU B 104 10.24 18.94 11.67
C LEU B 104 10.21 20.07 12.70
N TRP B 105 10.05 21.30 12.22
CA TRP B 105 9.85 22.50 13.07
C TRP B 105 8.47 23.09 12.76
N HIS B 106 7.89 23.80 13.72
CA HIS B 106 6.61 24.51 13.49
C HIS B 106 6.61 25.88 14.17
N ASN B 107 5.74 26.74 13.66
CA ASN B 107 5.52 28.14 14.06
C ASN B 107 4.01 28.39 13.95
N TRP B 108 3.39 29.04 14.94
CA TRP B 108 1.91 29.22 14.97
C TRP B 108 1.53 30.63 15.44
N GLN B 109 0.26 31.00 15.20
CA GLN B 109 -0.39 32.23 15.69
C GLN B 109 -0.87 32.01 17.14
N ALA B 114 -2.30 38.18 16.03
CA ALA B 114 -1.40 37.84 17.15
C ALA B 114 0.03 37.64 16.63
N SER B 115 1.02 37.73 17.52
CA SER B 115 2.45 37.50 17.21
C SER B 115 2.68 36.00 16.97
N TRP B 116 3.65 35.67 16.13
CA TRP B 116 4.07 34.27 15.84
C TRP B 116 4.85 33.71 17.05
N SER B 117 4.78 32.39 17.23
CA SER B 117 5.42 31.66 18.37
C SER B 117 6.94 31.68 18.23
N GLY B 118 7.45 31.70 17.00
CA GLY B 118 8.85 31.36 16.69
C GLY B 118 8.98 29.87 16.42
N TRP B 119 10.10 29.44 15.87
CA TRP B 119 10.30 28.02 15.44
C TRP B 119 10.57 27.15 16.66
N GLN B 120 9.84 26.05 16.78
CA GLN B 120 10.05 25.01 17.83
C GLN B 120 10.11 23.64 17.17
N SER B 121 10.94 22.75 17.73
CA SER B 121 11.26 21.42 17.17
C SER B 121 10.18 20.40 17.51
N LEU B 122 9.75 19.63 16.51
CA LEU B 122 8.92 18.41 16.67
C LEU B 122 9.77 17.16 16.37
N GLY B 123 11.10 17.28 16.32
CA GLY B 123 12.06 16.19 16.15
C GLY B 123 11.96 15.49 14.80
N GLY B 124 12.50 14.27 14.72
CA GLY B 124 12.52 13.44 13.49
C GLY B 124 13.76 13.66 12.64
N ALA B 125 13.94 12.81 11.63
CA ALA B 125 14.90 12.98 10.52
C ALA B 125 14.13 12.70 9.22
N LEU B 126 13.85 13.77 8.47
CA LEU B 126 12.88 13.76 7.34
C LEU B 126 13.63 13.92 6.01
N THR B 127 13.05 13.43 4.93
CA THR B 127 13.64 13.43 3.56
C THR B 127 12.59 13.84 2.54
N SER B 128 11.51 14.50 2.97
CA SER B 128 10.47 15.06 2.07
C SER B 128 9.88 16.31 2.71
N ASN B 129 9.08 17.05 1.94
CA ASN B 129 8.20 18.12 2.47
C ASN B 129 7.21 17.50 3.43
N PRO B 130 6.78 18.19 4.50
CA PRO B 130 5.68 17.71 5.34
C PRO B 130 4.33 18.03 4.68
N ALA B 131 3.36 17.13 4.85
CA ALA B 131 1.95 17.30 4.45
C ALA B 131 1.08 17.18 5.70
N VAL B 132 0.07 18.04 5.84
CA VAL B 132 -0.76 18.17 7.07
C VAL B 132 -2.23 17.89 6.72
N TYR B 133 -2.96 17.24 7.63
CA TYR B 133 -4.44 17.22 7.61
C TYR B 133 -4.95 17.20 9.05
N ILE B 134 -6.23 17.51 9.22
CA ILE B 134 -6.93 17.52 10.54
C ILE B 134 -7.83 16.27 10.64
N ASN B 135 -7.69 15.50 11.72
CA ASN B 135 -8.55 14.32 11.99
C ASN B 135 -10.00 14.76 12.30
N ALA B 136 -10.94 13.82 12.27
CA ALA B 136 -12.38 14.09 12.58
C ALA B 136 -12.55 14.47 14.06
N ASP B 137 -11.49 14.41 14.88
CA ASP B 137 -11.51 14.82 16.30
C ASP B 137 -10.68 16.11 16.52
N GLY B 138 -10.33 16.81 15.44
CA GLY B 138 -9.68 18.14 15.50
C GLY B 138 -8.19 18.08 15.80
N ARG B 139 -7.56 16.89 15.81
CA ARG B 139 -6.10 16.75 16.00
C ARG B 139 -5.39 16.84 14.64
N LEU B 140 -4.43 17.74 14.47
CA LEU B 140 -3.59 17.78 13.24
C LEU B 140 -2.69 16.56 13.21
N GLU B 141 -2.35 16.10 12.00
CA GLU B 141 -1.49 14.94 11.77
C GLU B 141 -0.61 15.29 10.56
N VAL B 142 0.69 15.05 10.71
CA VAL B 142 1.70 15.45 9.71
C VAL B 142 2.40 14.19 9.21
N PHE B 143 2.57 14.14 7.88
CA PHE B 143 3.17 13.03 7.12
C PHE B 143 4.37 13.58 6.37
N ALA B 144 5.45 12.80 6.39
CA ALA B 144 6.71 13.12 5.70
C ALA B 144 7.45 11.81 5.48
N ARG B 145 8.30 11.75 4.47
CA ARG B 145 9.24 10.62 4.31
C ARG B 145 10.32 10.74 5.37
N GLY B 146 10.70 9.62 5.99
CA GLY B 146 11.76 9.55 7.01
C GLY B 146 13.12 9.25 6.41
N LEU B 147 14.14 9.26 7.26
CA LEU B 147 15.55 8.94 6.92
C LEU B 147 15.62 7.60 6.20
N ASP B 148 14.74 6.64 6.56
CA ASP B 148 14.73 5.24 6.06
C ASP B 148 13.85 5.10 4.81
N ASN B 149 13.34 6.23 4.27
CA ASN B 149 12.51 6.31 3.03
C ASN B 149 11.13 5.67 3.26
N THR B 150 10.75 5.39 4.50
CA THR B 150 9.38 4.91 4.83
C THR B 150 8.50 6.16 5.02
N LEU B 151 7.19 5.97 5.03
CA LEU B 151 6.23 7.03 5.41
C LEU B 151 6.27 7.17 6.94
N TRP B 152 6.62 8.36 7.43
CA TRP B 152 6.58 8.74 8.86
C TRP B 152 5.38 9.63 9.16
N HIS B 153 4.90 9.64 10.39
CA HIS B 153 3.85 10.59 10.82
C HIS B 153 3.93 10.87 12.32
N ILE B 154 3.24 11.94 12.70
CA ILE B 154 3.17 12.51 14.06
C ILE B 154 1.82 13.20 14.15
N TRP B 155 1.28 13.35 15.36
CA TRP B 155 -0.06 13.94 15.57
C TRP B 155 -0.07 14.74 16.87
N GLN B 156 -0.92 15.76 16.91
CA GLN B 156 -1.32 16.42 18.18
C GLN B 156 -1.91 15.33 19.08
N THR B 157 -1.53 15.30 20.35
CA THR B 157 -2.02 14.30 21.34
C THR B 157 -3.42 14.72 21.80
N ALA B 158 -3.77 16.00 21.70
CA ALA B 158 -5.10 16.55 22.03
C ALA B 158 -5.54 17.56 20.97
N PRO B 159 -6.86 17.71 20.72
CA PRO B 159 -7.36 18.53 19.61
C PRO B 159 -6.79 19.96 19.59
N HIS B 160 -6.33 20.42 18.41
CA HIS B 160 -5.82 21.77 18.13
C HIS B 160 -4.85 22.22 19.24
N SER B 161 -3.90 21.38 19.65
CA SER B 161 -2.98 21.73 20.77
C SER B 161 -1.67 20.93 20.72
N ASN B 162 -0.59 21.57 21.19
CA ASN B 162 0.63 20.93 21.74
C ASN B 162 0.25 20.17 23.02
N PRO B 163 1.01 19.13 23.43
CA PRO B 163 2.15 18.59 22.69
C PRO B 163 1.77 17.57 21.61
N TRP B 164 2.78 17.12 20.87
CA TRP B 164 2.67 16.11 19.77
C TRP B 164 3.22 14.78 20.25
N SER B 165 2.83 13.69 19.58
CA SER B 165 3.45 12.35 19.70
C SER B 165 4.91 12.41 19.24
N SER B 166 5.70 11.39 19.59
CA SER B 166 6.97 11.04 18.90
C SER B 166 6.66 10.56 17.48
N TRP B 167 7.69 10.29 16.68
CA TRP B 167 7.50 9.85 15.28
C TRP B 167 7.19 8.35 15.24
N TYR B 168 6.29 7.95 14.33
CA TYR B 168 5.98 6.54 13.99
C TYR B 168 6.17 6.36 12.47
N SER B 169 6.58 5.15 12.06
CA SER B 169 6.73 4.74 10.64
C SER B 169 5.56 3.84 10.24
N LEU B 170 4.95 4.13 9.10
CA LEU B 170 3.95 3.23 8.45
C LEU B 170 4.65 2.34 7.43
N GLY B 171 5.98 2.42 7.35
CA GLY B 171 6.78 1.55 6.47
C GLY B 171 6.58 1.89 5.01
N HIS B 172 6.98 0.95 4.16
CA HIS B 172 6.97 1.01 2.66
C HIS B 172 8.19 1.83 2.21
N VAL B 173 8.36 1.97 0.91
CA VAL B 173 9.38 2.82 0.26
C VAL B 173 8.62 3.85 -0.55
N ILE B 174 8.83 5.14 -0.28
CA ILE B 174 8.14 6.21 -1.03
C ILE B 174 9.19 7.11 -1.69
N THR B 175 8.84 7.61 -2.85
CA THR B 175 9.78 8.26 -3.81
C THR B 175 9.18 9.57 -4.29
N SER B 176 8.21 10.11 -3.55
CA SER B 176 7.62 11.45 -3.79
C SER B 176 7.27 12.05 -2.42
N ASN B 177 6.97 13.34 -2.40
CA ASN B 177 6.35 13.97 -1.20
C ASN B 177 4.99 13.31 -1.03
N PRO B 178 4.54 13.03 0.22
CA PRO B 178 3.23 12.44 0.44
C PRO B 178 2.13 13.50 0.32
N ALA B 179 0.92 13.04 -0.01
CA ALA B 179 -0.32 13.84 -0.02
C ALA B 179 -1.32 13.16 0.91
N VAL B 180 -2.12 13.95 1.61
CA VAL B 180 -3.12 13.41 2.57
C VAL B 180 -4.45 14.12 2.33
N HIS B 181 -5.55 13.38 2.49
CA HIS B 181 -6.92 13.93 2.52
C HIS B 181 -7.73 13.13 3.53
N ILE B 182 -9.00 13.46 3.69
CA ILE B 182 -9.88 12.70 4.61
C ILE B 182 -11.06 12.18 3.78
N ASN B 183 -11.46 10.94 4.01
CA ASN B 183 -12.64 10.35 3.34
C ASN B 183 -13.89 11.04 3.86
N ALA B 184 -15.03 10.81 3.21
CA ALA B 184 -16.37 11.29 3.64
C ALA B 184 -16.68 10.76 5.04
N ASP B 185 -16.12 9.61 5.43
CA ASP B 185 -16.42 8.89 6.70
C ASP B 185 -15.39 9.26 7.78
N GLY B 186 -14.49 10.22 7.49
CA GLY B 186 -13.53 10.78 8.47
C GLY B 186 -12.23 9.99 8.59
N ARG B 187 -11.97 8.98 7.75
CA ARG B 187 -10.69 8.23 7.78
C ARG B 187 -9.63 8.97 6.96
N LEU B 188 -8.51 9.37 7.56
CA LEU B 188 -7.35 9.92 6.82
C LEU B 188 -6.84 8.87 5.84
N GLU B 189 -6.32 9.33 4.71
CA GLU B 189 -5.77 8.46 3.65
C GLU B 189 -4.60 9.19 3.02
N VAL B 190 -3.46 8.51 2.90
CA VAL B 190 -2.19 9.12 2.46
C VAL B 190 -1.76 8.44 1.17
N PHE B 191 -1.19 9.23 0.27
CA PHE B 191 -0.84 8.87 -1.12
C PHE B 191 0.63 9.24 -1.37
N ALA B 192 1.37 8.40 -2.08
CA ALA B 192 2.77 8.67 -2.42
C ALA B 192 3.20 7.78 -3.59
N ARG B 193 4.15 8.23 -4.38
CA ARG B 193 4.81 7.35 -5.38
C ARG B 193 5.61 6.30 -4.59
N GLY B 194 5.63 5.06 -5.07
CA GLY B 194 6.39 3.94 -4.47
C GLY B 194 7.70 3.67 -5.20
N ALA B 195 8.46 2.69 -4.75
CA ALA B 195 9.76 2.30 -5.35
C ALA B 195 9.58 1.93 -6.84
N ASP B 196 8.40 1.43 -7.21
CA ASP B 196 8.05 0.96 -8.57
C ASP B 196 7.41 2.09 -9.39
N ASN B 197 7.39 3.31 -8.87
CA ASN B 197 6.84 4.52 -9.53
C ASN B 197 5.30 4.45 -9.62
N ALA B 198 4.66 3.49 -8.96
CA ALA B 198 3.18 3.36 -8.92
C ALA B 198 2.62 4.33 -7.88
N LEU B 199 1.33 4.65 -7.96
CA LEU B 199 0.66 5.38 -6.85
C LEU B 199 0.30 4.37 -5.75
N TRP B 200 0.85 4.57 -4.55
CA TRP B 200 0.53 3.76 -3.35
C TRP B 200 -0.29 4.60 -2.38
N HIS B 201 -1.10 3.95 -1.52
CA HIS B 201 -1.92 4.64 -0.51
C HIS B 201 -2.21 3.70 0.68
N ILE B 202 -2.63 4.30 1.80
CA ILE B 202 -2.84 3.63 3.11
C ILE B 202 -3.83 4.53 3.85
N TRP B 203 -4.74 3.96 4.63
CA TRP B 203 -5.83 4.71 5.28
C TRP B 203 -5.97 4.28 6.73
N GLN B 204 -6.48 5.17 7.57
CA GLN B 204 -6.97 4.82 8.93
C GLN B 204 -8.07 3.77 8.78
N THR B 205 -8.14 2.78 9.67
CA THR B 205 -9.13 1.66 9.63
C THR B 205 -10.52 2.21 10.00
N ALA B 206 -10.54 3.23 10.84
CA ALA B 206 -11.69 4.08 11.20
C ALA B 206 -11.11 5.44 11.61
N PRO B 207 -11.93 6.50 11.71
CA PRO B 207 -11.40 7.82 12.08
C PRO B 207 -10.51 7.72 13.33
N HIS B 208 -9.26 8.18 13.21
CA HIS B 208 -8.22 8.19 14.28
C HIS B 208 -8.33 6.92 15.15
N SER B 209 -8.47 5.74 14.54
CA SER B 209 -8.72 4.46 15.25
C SER B 209 -7.50 4.04 16.09
N GLY B 210 -6.30 4.41 15.66
CA GLY B 210 -5.01 3.94 16.20
C GLY B 210 -4.37 2.87 15.32
N TYR B 211 -5.05 2.46 14.24
CA TYR B 211 -4.59 1.42 13.28
C TYR B 211 -4.74 1.95 11.86
N TRP B 212 -3.81 1.58 10.98
CA TRP B 212 -3.87 1.84 9.52
C TRP B 212 -4.05 0.51 8.79
N SER B 213 -4.36 0.58 7.50
CA SER B 213 -4.92 -0.52 6.66
C SER B 213 -3.83 -1.47 6.18
N GLY B 214 -2.57 -1.00 6.11
CA GLY B 214 -1.54 -1.58 5.25
C GLY B 214 -1.63 -0.99 3.86
N TRP B 215 -0.61 -1.17 3.03
CA TRP B 215 -0.40 -0.42 1.76
C TRP B 215 -1.11 -1.08 0.58
N HIS B 216 -1.64 -0.25 -0.32
CA HIS B 216 -2.36 -0.67 -1.54
C HIS B 216 -1.75 0.05 -2.74
N SER B 217 -1.50 -0.66 -3.83
CA SER B 217 -1.05 -0.07 -5.11
C SER B 217 -2.25 0.24 -6.01
N LEU B 218 -2.31 1.48 -6.51
CA LEU B 218 -3.25 1.90 -7.57
C LEU B 218 -2.54 1.87 -8.93
N GLY B 219 -1.27 1.44 -8.96
CA GLY B 219 -0.49 1.28 -10.20
C GLY B 219 -0.16 2.61 -10.82
N GLY B 220 -0.07 2.65 -12.16
CA GLY B 220 0.36 3.83 -12.92
C GLY B 220 1.88 3.98 -12.91
N VAL B 221 2.40 4.90 -13.70
CA VAL B 221 3.85 5.26 -13.71
C VAL B 221 3.96 6.78 -13.51
N LEU B 222 4.30 7.19 -12.28
CA LEU B 222 4.20 8.59 -11.82
C LEU B 222 5.53 9.32 -12.08
N SER B 223 5.45 10.59 -12.50
CA SER B 223 6.60 11.53 -12.66
C SER B 223 6.32 12.85 -11.93
N SER B 224 5.42 12.84 -10.93
CA SER B 224 5.21 13.99 -10.00
C SER B 224 4.70 13.47 -8.66
N ASP B 225 4.66 14.35 -7.66
CA ASP B 225 3.85 14.15 -6.44
C ASP B 225 2.41 13.91 -6.85
N PRO B 226 1.64 13.10 -6.08
CA PRO B 226 0.20 13.03 -6.23
C PRO B 226 -0.43 14.24 -5.54
N VAL B 227 -1.58 14.68 -6.04
CA VAL B 227 -2.38 15.77 -5.41
C VAL B 227 -3.81 15.25 -5.33
N VAL B 228 -4.48 15.45 -4.18
CA VAL B 228 -5.75 14.77 -3.87
C VAL B 228 -6.82 15.83 -3.59
N ALA B 229 -8.02 15.59 -4.10
CA ALA B 229 -9.26 16.35 -3.80
C ALA B 229 -10.31 15.33 -3.35
N ARG B 230 -11.31 15.78 -2.59
CA ARG B 230 -12.56 15.02 -2.41
C ARG B 230 -13.68 15.74 -3.15
N THR B 231 -14.40 15.01 -3.99
CA THR B 231 -15.54 15.54 -4.76
C THR B 231 -16.65 15.93 -3.78
N VAL B 232 -17.58 16.77 -4.23
CA VAL B 232 -18.75 17.21 -3.43
C VAL B 232 -19.56 15.97 -3.01
N ASP B 233 -19.54 14.90 -3.81
CA ASP B 233 -20.29 13.65 -3.53
C ASP B 233 -19.43 12.66 -2.73
N GLY B 234 -18.29 13.12 -2.21
CA GLY B 234 -17.53 12.46 -1.13
C GLY B 234 -16.54 11.42 -1.62
N ARG B 235 -16.08 11.53 -2.87
CA ARG B 235 -15.10 10.58 -3.49
C ARG B 235 -13.72 11.23 -3.56
N LEU B 236 -12.70 10.52 -3.10
CA LEU B 236 -11.29 10.94 -3.29
C LEU B 236 -10.95 10.82 -4.79
N GLU B 237 -10.22 11.81 -5.31
CA GLU B 237 -9.73 11.84 -6.70
C GLU B 237 -8.30 12.34 -6.67
N VAL B 238 -7.40 11.62 -7.35
CA VAL B 238 -5.94 11.89 -7.31
C VAL B 238 -5.51 12.26 -8.72
N PHE B 239 -4.75 13.34 -8.84
CA PHE B 239 -4.13 13.83 -10.09
C PHE B 239 -2.61 13.71 -9.98
N VAL B 240 -1.96 13.27 -11.05
CA VAL B 240 -0.49 13.12 -11.12
C VAL B 240 -0.04 13.47 -12.54
N ARG B 241 1.22 13.84 -12.69
CA ARG B 241 1.89 13.74 -14.02
C ARG B 241 2.40 12.31 -14.18
N ALA B 242 2.10 11.67 -15.31
CA ALA B 242 2.62 10.33 -15.66
C ALA B 242 3.88 10.49 -16.51
N VAL B 243 4.58 9.38 -16.77
CA VAL B 243 5.89 9.36 -17.49
C VAL B 243 5.73 9.92 -18.91
N ASP B 244 4.52 9.86 -19.49
CA ASP B 244 4.23 10.44 -20.83
C ASP B 244 4.05 11.96 -20.70
N ASN B 245 4.21 12.50 -19.49
CA ASN B 245 4.15 13.95 -19.14
C ASN B 245 2.73 14.52 -19.30
N ALA B 246 1.71 13.68 -19.49
CA ALA B 246 0.29 14.11 -19.46
C ALA B 246 -0.19 14.16 -18.01
N LEU B 247 -1.25 14.95 -17.77
CA LEU B 247 -2.06 14.93 -16.53
C LEU B 247 -2.96 13.69 -16.55
N TRP B 248 -2.82 12.82 -15.54
CA TRP B 248 -3.66 11.61 -15.35
C TRP B 248 -4.40 11.71 -14.02
N HIS B 249 -5.50 10.99 -13.88
CA HIS B 249 -6.28 10.97 -12.61
C HIS B 249 -6.97 9.63 -12.42
N ILE B 250 -7.38 9.38 -11.17
CA ILE B 250 -7.97 8.10 -10.69
C ILE B 250 -8.84 8.50 -9.49
N TRP B 251 -9.94 7.80 -9.26
CA TRP B 251 -10.96 8.23 -8.27
C TRP B 251 -11.64 7.02 -7.63
N GLN B 252 -12.08 7.17 -6.38
CA GLN B 252 -12.99 6.20 -5.74
C GLN B 252 -14.29 6.19 -6.55
N THR B 253 -14.88 5.02 -6.74
CA THR B 253 -16.12 4.82 -7.53
C THR B 253 -17.32 5.35 -6.72
N ALA B 254 -17.19 5.47 -5.40
CA ALA B 254 -18.24 5.92 -4.46
C ALA B 254 -17.56 6.42 -3.18
N PRO B 255 -18.24 7.12 -2.26
CA PRO B 255 -17.59 7.57 -1.03
C PRO B 255 -17.02 6.35 -0.31
N ASN B 256 -15.82 6.49 0.27
CA ASN B 256 -15.20 5.43 1.12
C ASN B 256 -15.06 4.12 0.34
N SER B 257 -15.08 4.16 -1.01
CA SER B 257 -15.33 2.95 -1.84
C SER B 257 -14.15 1.99 -1.72
N SER B 258 -14.46 0.70 -1.71
CA SER B 258 -13.49 -0.43 -1.72
C SER B 258 -12.93 -0.62 -3.14
N GLN B 259 -13.38 0.20 -4.10
CA GLN B 259 -13.00 0.09 -5.53
C GLN B 259 -12.68 1.48 -6.08
N TRP B 260 -11.58 1.58 -6.82
CA TRP B 260 -11.14 2.79 -7.56
C TRP B 260 -11.35 2.57 -9.05
N SER B 261 -11.45 3.67 -9.80
CA SER B 261 -11.54 3.67 -11.28
C SER B 261 -10.23 3.12 -11.88
N ASN B 262 -10.24 2.88 -13.19
CA ASN B 262 -8.99 2.78 -13.98
C ASN B 262 -8.41 4.20 -14.11
N TRP B 263 -7.09 4.28 -14.26
CA TRP B 263 -6.36 5.52 -14.64
C TRP B 263 -6.96 6.08 -15.94
N ALA B 264 -7.13 7.40 -16.01
CA ALA B 264 -7.62 8.13 -17.21
C ALA B 264 -6.67 9.28 -17.50
N SER B 265 -6.32 9.48 -18.78
CA SER B 265 -5.47 10.60 -19.24
C SER B 265 -6.36 11.82 -19.51
N LEU B 266 -5.92 12.99 -19.04
CA LEU B 266 -6.49 14.31 -19.41
C LEU B 266 -5.55 15.01 -20.40
N GLY B 267 -4.50 14.30 -20.85
CA GLY B 267 -3.59 14.76 -21.91
C GLY B 267 -2.74 15.93 -21.45
N GLY B 268 -2.25 16.71 -22.42
CA GLY B 268 -1.34 17.85 -22.17
C GLY B 268 0.10 17.41 -22.05
N THR B 269 1.01 18.39 -22.02
CA THR B 269 2.46 18.20 -21.75
C THR B 269 2.85 19.16 -20.63
N ILE B 270 2.84 18.68 -19.39
CA ILE B 270 2.99 19.56 -18.21
C ILE B 270 4.37 19.37 -17.59
N THR B 271 4.87 20.42 -16.94
CA THR B 271 6.25 20.51 -16.41
C THR B 271 6.19 20.96 -14.94
N SER B 272 5.06 20.77 -14.27
CA SER B 272 4.92 20.91 -12.80
C SER B 272 3.95 19.86 -12.25
N ALA B 273 4.02 19.64 -10.94
CA ALA B 273 2.95 19.02 -10.14
C ALA B 273 1.66 19.77 -10.48
N PRO B 274 0.50 19.10 -10.59
CA PRO B 274 -0.76 19.80 -10.75
C PRO B 274 -1.21 20.36 -9.40
N ALA B 275 -2.04 21.41 -9.43
CA ALA B 275 -2.74 21.97 -8.25
C ALA B 275 -4.25 21.84 -8.51
N VAL B 276 -5.00 21.35 -7.53
CA VAL B 276 -6.44 21.04 -7.72
C VAL B 276 -7.26 21.85 -6.72
N ILE B 277 -8.43 22.32 -7.14
CA ILE B 277 -9.36 23.07 -6.26
C ILE B 277 -10.78 22.93 -6.80
N LYS B 278 -11.76 22.87 -5.91
CA LYS B 278 -13.21 22.98 -6.24
C LYS B 278 -13.52 24.46 -6.53
N TYR B 279 -14.13 24.70 -7.70
CA TYR B 279 -14.83 25.95 -8.06
C TYR B 279 -15.97 26.16 -7.07
N PHE B 280 -16.59 27.35 -7.07
CA PHE B 280 -17.69 27.67 -6.12
C PHE B 280 -18.91 26.77 -6.40
N ASP B 281 -19.04 26.17 -7.58
CA ASP B 281 -20.14 25.22 -7.93
C ASP B 281 -19.65 23.76 -7.75
N ASN B 282 -18.44 23.56 -7.22
CA ASN B 282 -17.85 22.28 -6.76
C ASN B 282 -17.19 21.48 -7.90
N ARG B 283 -17.18 22.01 -9.14
CA ARG B 283 -16.43 21.39 -10.25
C ARG B 283 -14.94 21.47 -9.91
N LEU B 284 -14.20 20.38 -10.13
CA LEU B 284 -12.74 20.37 -9.93
C LEU B 284 -12.10 21.18 -11.06
N VAL B 285 -11.06 21.94 -10.72
CA VAL B 285 -10.23 22.71 -11.67
C VAL B 285 -8.77 22.36 -11.38
N VAL B 286 -8.03 22.00 -12.42
CA VAL B 286 -6.60 21.61 -12.33
C VAL B 286 -5.76 22.68 -13.04
N PHE B 287 -4.68 23.09 -12.38
CA PHE B 287 -3.68 24.06 -12.87
C PHE B 287 -2.32 23.35 -12.95
N ALA B 288 -1.56 23.65 -14.00
CA ALA B 288 -0.20 23.11 -14.20
C ALA B 288 0.58 24.05 -15.11
N ARG B 289 1.89 24.14 -14.89
CA ARG B 289 2.82 24.73 -15.88
C ARG B 289 2.98 23.74 -17.03
N ALA B 290 2.99 24.23 -18.27
CA ALA B 290 3.16 23.41 -19.50
C ALA B 290 4.58 23.61 -20.05
N ILE B 291 4.96 22.86 -21.09
CA ILE B 291 6.34 22.89 -21.67
C ILE B 291 6.66 24.27 -22.25
N ASP B 292 5.64 25.10 -22.54
CA ASP B 292 5.82 26.49 -23.03
C ASP B 292 5.97 27.45 -21.84
N ASN B 293 6.02 26.92 -20.61
CA ASN B 293 6.24 27.65 -19.34
C ASN B 293 5.08 28.59 -19.03
N ALA B 294 3.93 28.43 -19.71
CA ALA B 294 2.69 29.18 -19.42
C ALA B 294 1.93 28.44 -18.32
N LEU B 295 1.01 29.14 -17.66
CA LEU B 295 0.02 28.54 -16.73
C LEU B 295 -1.17 28.05 -17.53
N TRP B 296 -1.43 26.74 -17.50
CA TRP B 296 -2.60 26.12 -18.18
C TRP B 296 -3.57 25.59 -17.12
N HIS B 297 -4.84 25.49 -17.51
CA HIS B 297 -5.94 25.01 -16.63
C HIS B 297 -6.85 24.10 -17.46
N ILE B 298 -7.49 23.16 -16.78
CA ILE B 298 -8.53 22.25 -17.34
C ILE B 298 -9.61 22.10 -16.26
N TRP B 299 -10.88 22.07 -16.65
CA TRP B 299 -12.06 22.16 -15.73
C TRP B 299 -12.93 20.91 -15.93
N GLN B 300 -13.59 20.42 -14.87
CA GLN B 300 -14.74 19.50 -15.03
C GLN B 300 -15.84 20.32 -15.72
N ASN B 301 -16.57 19.73 -16.66
CA ASN B 301 -17.78 20.36 -17.27
C ASN B 301 -18.89 20.38 -16.22
N ASP B 302 -18.86 19.43 -15.27
CA ASP B 302 -19.91 19.17 -14.26
C ASP B 302 -19.41 18.12 -13.26
N THR B 303 -20.19 17.87 -12.20
CA THR B 303 -19.77 17.00 -11.06
C THR B 303 -20.32 15.57 -11.19
N HIS B 304 -20.86 15.16 -12.35
CA HIS B 304 -21.55 13.85 -12.50
C HIS B 304 -21.03 13.00 -13.67
N SER B 305 -20.47 13.59 -14.73
CA SER B 305 -20.26 12.91 -16.04
C SER B 305 -18.83 12.40 -16.22
N GLY B 306 -17.87 12.97 -15.49
CA GLY B 306 -16.43 12.73 -15.71
C GLY B 306 -15.96 13.38 -17.00
N SER B 307 -16.81 14.24 -17.58
CA SER B 307 -16.51 15.08 -18.78
C SER B 307 -15.65 16.25 -18.33
N TRP B 308 -14.55 16.52 -19.04
CA TRP B 308 -13.67 17.69 -18.79
C TRP B 308 -13.62 18.58 -20.03
N SER B 309 -13.43 19.89 -19.80
CA SER B 309 -13.12 20.93 -20.82
C SER B 309 -11.82 20.59 -21.55
N ASN B 310 -11.54 21.30 -22.64
CA ASN B 310 -10.20 21.34 -23.27
C ASN B 310 -9.28 22.14 -22.34
N TRP B 311 -7.97 21.91 -22.44
CA TRP B 311 -6.94 22.75 -21.78
C TRP B 311 -7.07 24.20 -22.28
N GLY B 312 -6.85 25.16 -21.39
CA GLY B 312 -6.81 26.60 -21.70
C GLY B 312 -5.59 27.26 -21.10
N SER B 313 -4.96 28.18 -21.83
CA SER B 313 -3.75 28.91 -21.37
C SER B 313 -4.14 30.24 -20.70
N LEU B 314 -3.46 30.57 -19.60
CA LEU B 314 -3.52 31.88 -18.93
C LEU B 314 -2.21 32.65 -19.19
N GLY B 315 -1.36 32.14 -20.08
CA GLY B 315 -0.03 32.69 -20.41
C GLY B 315 0.88 32.72 -19.20
N GLY B 316 1.73 33.75 -19.12
CA GLY B 316 2.73 33.94 -18.06
C GLY B 316 4.01 33.18 -18.36
N GLY B 317 5.07 33.49 -17.63
CA GLY B 317 6.37 32.81 -17.69
C GLY B 317 6.70 32.24 -16.32
N LEU B 318 6.45 30.93 -16.14
CA LEU B 318 6.51 30.25 -14.81
C LEU B 318 7.90 29.63 -14.61
N SER B 319 8.49 29.82 -13.42
CA SER B 319 9.71 29.12 -12.95
C SER B 319 9.35 28.19 -11.79
N SER B 320 8.05 27.89 -11.61
CA SER B 320 7.52 26.94 -10.60
C SER B 320 6.15 26.44 -11.03
N GLY B 321 5.62 25.45 -10.32
CA GLY B 321 4.22 25.02 -10.46
C GLY B 321 3.31 25.98 -9.72
N PRO B 322 1.97 25.91 -9.96
CA PRO B 322 1.03 26.77 -9.27
C PRO B 322 0.56 26.21 -7.92
N ASP B 323 0.18 27.09 -7.01
CA ASP B 323 -0.59 26.76 -5.78
C ASP B 323 -1.85 27.60 -5.76
N VAL B 324 -2.95 27.03 -5.27
CA VAL B 324 -4.32 27.61 -5.41
C VAL B 324 -5.02 27.64 -4.06
N VAL B 325 -5.98 28.55 -3.93
CA VAL B 325 -6.82 28.78 -2.73
C VAL B 325 -8.11 29.45 -3.19
N GLU B 326 -9.17 29.37 -2.39
CA GLU B 326 -10.40 30.17 -2.59
C GLU B 326 -10.35 31.37 -1.64
N ASN B 327 -10.45 32.58 -2.19
CA ASN B 327 -10.41 33.83 -1.40
C ASN B 327 -11.80 34.09 -0.81
N ALA B 328 -11.93 35.15 -0.01
CA ALA B 328 -13.15 35.45 0.76
C ALA B 328 -14.24 36.00 -0.17
N ASN B 329 -13.93 36.28 -1.44
CA ASN B 329 -14.92 36.68 -2.48
C ASN B 329 -15.50 35.41 -3.12
N GLY B 330 -14.98 34.24 -2.74
CA GLY B 330 -15.40 32.92 -3.22
C GLY B 330 -14.85 32.61 -4.60
N TYR B 331 -13.68 33.17 -4.95
CA TYR B 331 -13.03 32.97 -6.27
C TYR B 331 -11.63 32.37 -6.09
N ILE B 332 -11.23 31.56 -7.07
CA ILE B 332 -9.92 30.85 -7.10
C ILE B 332 -8.82 31.89 -7.29
N GLU B 333 -7.79 31.83 -6.45
CA GLU B 333 -6.55 32.60 -6.63
C GLU B 333 -5.42 31.60 -6.92
N VAL B 334 -4.57 31.94 -7.89
CA VAL B 334 -3.41 31.12 -8.32
C VAL B 334 -2.13 31.90 -8.03
N PHE B 335 -1.14 31.22 -7.45
CA PHE B 335 0.18 31.78 -7.11
C PHE B 335 1.27 30.95 -7.79
N VAL B 336 2.20 31.62 -8.47
CA VAL B 336 3.38 30.98 -9.15
C VAL B 336 4.60 31.84 -8.90
N ARG B 337 5.79 31.26 -9.07
CA ARG B 337 7.05 32.03 -9.24
C ARG B 337 7.24 32.28 -10.74
N ALA B 338 7.63 33.51 -11.11
CA ALA B 338 7.94 33.91 -12.50
C ALA B 338 9.45 33.94 -12.70
N THR B 339 9.89 34.21 -13.94
CA THR B 339 11.33 34.16 -14.32
C THR B 339 12.11 35.26 -13.60
N ASP B 340 11.42 36.26 -13.04
CA ASP B 340 12.05 37.32 -12.20
C ASP B 340 12.17 36.86 -10.74
N ASN B 341 11.78 35.62 -10.44
CA ASN B 341 11.88 34.96 -9.11
C ASN B 341 10.94 35.64 -8.09
N ALA B 342 10.01 36.47 -8.54
CA ALA B 342 8.94 37.08 -7.69
C ALA B 342 7.72 36.16 -7.67
N LEU B 343 6.85 36.33 -6.67
CA LEU B 343 5.53 35.64 -6.62
C LEU B 343 4.52 36.43 -7.47
N TRP B 344 3.93 35.77 -8.46
CA TRP B 344 2.88 36.34 -9.35
C TRP B 344 1.53 35.67 -9.06
N ASN B 345 0.47 36.44 -9.30
CA ASN B 345 -0.92 36.16 -8.84
C ASN B 345 -1.85 36.34 -10.04
N ILE B 346 -2.72 35.37 -10.28
CA ILE B 346 -3.86 35.49 -11.25
C ILE B 346 -5.05 34.81 -10.58
N LYS B 347 -6.25 35.33 -10.79
CA LYS B 347 -7.40 34.93 -9.95
C LYS B 347 -8.69 35.15 -10.75
N ARG B 348 -9.73 34.38 -10.43
CA ARG B 348 -11.08 34.65 -10.99
C ARG B 348 -11.59 35.95 -10.36
N THR B 349 -12.27 36.77 -11.15
CA THR B 349 -12.76 38.12 -10.77
C THR B 349 -14.30 38.16 -10.74
N SER B 350 -14.95 37.18 -11.35
CA SER B 350 -16.42 37.04 -11.42
C SER B 350 -16.75 35.61 -11.83
N PRO B 351 -18.03 35.21 -11.89
CA PRO B 351 -18.41 33.96 -12.54
C PRO B 351 -17.92 33.82 -14.00
N SER B 352 -17.55 34.92 -14.68
CA SER B 352 -17.29 34.93 -16.15
C SER B 352 -15.99 35.66 -16.51
N SER B 353 -15.00 35.77 -15.61
CA SER B 353 -13.74 36.49 -15.92
C SER B 353 -12.57 36.01 -15.09
N TRP B 354 -11.39 35.99 -15.73
CA TRP B 354 -10.05 35.94 -15.08
C TRP B 354 -9.52 37.35 -14.88
N SER B 355 -8.70 37.53 -13.84
CA SER B 355 -7.95 38.77 -13.56
C SER B 355 -6.78 38.90 -14.54
N SER B 356 -6.19 40.08 -14.56
CA SER B 356 -4.82 40.34 -15.06
C SER B 356 -3.81 39.66 -14.12
N TRP B 357 -2.63 39.33 -14.67
CA TRP B 357 -1.43 38.99 -13.86
C TRP B 357 -1.03 40.20 -13.03
N ALA B 358 -0.65 39.98 -11.76
CA ALA B 358 -0.03 41.00 -10.90
C ALA B 358 1.11 40.35 -10.12
N SER B 359 2.18 41.12 -9.87
CA SER B 359 3.33 40.73 -9.04
C SER B 359 3.05 41.06 -7.58
N LEU B 360 3.35 40.13 -6.67
CA LEU B 360 3.41 40.40 -5.20
C LEU B 360 4.88 40.55 -4.78
N GLY B 361 5.81 40.64 -5.74
CA GLY B 361 7.25 40.90 -5.47
C GLY B 361 7.92 39.74 -4.75
N GLY B 362 8.97 40.05 -3.98
CA GLY B 362 9.81 39.07 -3.27
C GLY B 362 10.78 38.36 -4.20
N THR B 363 11.76 37.66 -3.62
CA THR B 363 12.64 36.70 -4.34
C THR B 363 12.53 35.36 -3.59
N LEU B 364 11.93 34.36 -4.23
CA LEU B 364 11.65 33.03 -3.61
C LEU B 364 12.59 31.99 -4.22
N ILE B 365 13.10 31.08 -3.39
CA ILE B 365 13.86 29.88 -3.87
C ILE B 365 12.91 28.68 -3.78
N ASP B 366 13.18 27.64 -4.55
CA ASP B 366 12.49 26.33 -4.47
C ASP B 366 13.25 25.44 -3.51
N ALA B 367 12.75 25.30 -2.27
CA ALA B 367 13.41 24.60 -1.15
C ALA B 367 12.84 23.17 -1.01
N SER B 368 12.00 22.74 -1.95
CA SER B 368 11.35 21.40 -1.96
C SER B 368 12.40 20.31 -1.69
N ALA B 369 12.13 19.42 -0.73
CA ALA B 369 13.08 18.44 -0.16
C ALA B 369 13.34 17.28 -1.15
N ILE B 370 12.36 16.95 -2.01
CA ILE B 370 12.52 16.01 -3.16
C ILE B 370 12.37 16.82 -4.45
N ILE C 29 -43.37 33.67 19.76
CA ILE C 29 -42.32 33.96 18.74
C ILE C 29 -42.93 33.99 17.34
N ALA C 30 -42.24 34.60 16.38
CA ALA C 30 -42.57 34.56 14.94
C ALA C 30 -42.57 33.10 14.47
N ALA C 31 -43.37 32.79 13.46
CA ALA C 31 -43.57 31.42 12.90
C ALA C 31 -42.21 30.76 12.59
N SER C 32 -42.04 29.50 12.97
CA SER C 32 -40.82 28.69 12.72
C SER C 32 -40.85 28.13 11.30
N GLY C 33 -39.69 27.67 10.80
CA GLY C 33 -39.60 26.83 9.60
C GLY C 33 -40.19 25.45 9.84
N ILE C 34 -40.51 24.71 8.78
CA ILE C 34 -41.29 23.44 8.83
C ILE C 34 -40.34 22.23 8.80
N VAL C 35 -39.12 22.38 8.29
CA VAL C 35 -38.17 21.24 8.13
C VAL C 35 -36.78 21.62 8.67
N SER C 36 -36.08 20.63 9.21
CA SER C 36 -34.60 20.64 9.36
C SER C 36 -33.98 20.25 8.02
N VAL C 37 -33.09 21.09 7.50
CA VAL C 37 -32.44 20.90 6.17
C VAL C 37 -30.95 20.71 6.42
N ALA C 38 -30.40 19.58 5.96
CA ALA C 38 -28.99 19.22 6.21
C ALA C 38 -28.40 18.56 4.95
N ASN C 39 -27.11 18.81 4.72
CA ASN C 39 -26.27 18.16 3.67
C ASN C 39 -25.72 16.84 4.23
N THR C 40 -25.73 15.77 3.44
CA THR C 40 -25.12 14.46 3.77
C THR C 40 -23.64 14.47 3.38
N SER C 41 -22.91 13.42 3.77
CA SER C 41 -21.47 13.25 3.46
C SER C 41 -21.29 12.88 1.98
N ASP C 42 -22.34 12.42 1.28
CA ASP C 42 -22.31 12.19 -0.20
C ASP C 42 -22.97 13.36 -0.94
N GLY C 43 -23.12 14.51 -0.28
CA GLY C 43 -23.44 15.81 -0.90
C GLY C 43 -24.90 15.95 -1.33
N ARG C 44 -25.84 15.26 -0.66
CA ARG C 44 -27.29 15.38 -0.96
C ARG C 44 -28.01 16.18 0.13
N ILE C 45 -29.01 16.98 -0.24
CA ILE C 45 -29.90 17.63 0.76
C ILE C 45 -30.83 16.56 1.31
N GLU C 46 -30.96 16.50 2.64
CA GLU C 46 -32.01 15.72 3.34
C GLU C 46 -32.86 16.72 4.13
N VAL C 47 -34.17 16.56 4.09
CA VAL C 47 -35.13 17.36 4.91
C VAL C 47 -35.85 16.42 5.88
N PHE C 48 -36.13 16.91 7.09
CA PHE C 48 -36.82 16.15 8.17
C PHE C 48 -37.93 17.03 8.71
N GLY C 49 -39.17 16.57 8.58
CA GLY C 49 -40.37 17.26 9.09
C GLY C 49 -41.17 16.36 9.99
N VAL C 50 -42.23 16.91 10.59
CA VAL C 50 -43.21 16.13 11.40
C VAL C 50 -44.47 15.97 10.56
N GLY C 51 -44.97 14.74 10.40
CA GLY C 51 -46.17 14.42 9.61
C GLY C 51 -47.44 14.56 10.45
N GLY C 52 -48.60 14.35 9.83
CA GLY C 52 -49.92 14.37 10.52
C GLY C 52 -50.03 13.32 11.60
N ASP C 53 -49.22 12.26 11.51
CA ASP C 53 -49.19 11.11 12.46
C ASP C 53 -48.15 11.38 13.58
N ASN C 54 -47.59 12.59 13.63
CA ASN C 54 -46.63 13.06 14.68
C ASN C 54 -45.30 12.29 14.59
N ALA C 55 -45.09 11.52 13.52
CA ALA C 55 -43.80 10.87 13.22
C ALA C 55 -42.87 11.89 12.55
N VAL C 56 -41.57 11.64 12.58
CA VAL C 56 -40.57 12.36 11.74
C VAL C 56 -40.54 11.69 10.38
N TRP C 57 -40.75 12.46 9.32
CA TRP C 57 -40.67 12.02 7.91
C TRP C 57 -39.47 12.68 7.25
N ARG C 58 -38.78 11.95 6.38
CA ARG C 58 -37.59 12.46 5.64
C ARG C 58 -37.89 12.47 4.14
N ASN C 59 -37.27 13.40 3.43
CA ASN C 59 -37.21 13.44 1.94
C ASN C 59 -35.80 13.90 1.59
N GLY C 60 -35.24 13.38 0.50
CA GLY C 60 -33.85 13.66 0.12
C GLY C 60 -33.69 13.70 -1.38
N GLN C 61 -32.67 14.42 -1.85
CA GLN C 61 -32.22 14.34 -3.26
C GLN C 61 -31.77 12.90 -3.52
N THR C 62 -32.15 12.37 -4.68
CA THR C 62 -31.78 11.03 -5.17
C THR C 62 -30.25 10.95 -5.26
N THR C 63 -29.64 11.96 -5.89
CA THR C 63 -28.17 12.14 -6.03
C THR C 63 -27.83 13.61 -5.72
N HIS C 64 -26.54 13.92 -5.58
CA HIS C 64 -26.03 15.27 -5.27
C HIS C 64 -26.50 16.27 -6.35
N THR C 65 -26.75 15.81 -7.59
CA THR C 65 -27.18 16.67 -8.72
C THR C 65 -28.60 17.20 -8.47
N GLY C 66 -29.41 16.49 -7.68
CA GLY C 66 -30.80 16.89 -7.36
C GLY C 66 -31.68 16.86 -8.59
N ALA C 67 -31.35 16.02 -9.58
CA ALA C 67 -32.17 15.72 -10.77
C ALA C 67 -33.56 15.20 -10.35
N SER C 68 -33.64 14.56 -9.18
CA SER C 68 -34.91 14.08 -8.58
C SER C 68 -34.80 14.00 -7.04
N TRP C 69 -35.94 13.85 -6.37
CA TRP C 69 -36.01 13.59 -4.92
C TRP C 69 -36.52 12.17 -4.69
N THR C 70 -36.22 11.59 -3.54
CA THR C 70 -36.59 10.20 -3.16
C THR C 70 -38.11 10.11 -2.97
N GLY C 71 -38.74 11.20 -2.51
CA GLY C 71 -40.11 11.18 -1.96
C GLY C 71 -40.09 10.87 -0.47
N TRP C 72 -41.24 10.98 0.19
CA TRP C 72 -41.35 10.94 1.67
C TRP C 72 -41.33 9.49 2.17
N SER C 73 -40.52 9.23 3.19
CA SER C 73 -40.54 7.98 4.00
C SER C 73 -40.51 8.35 5.49
N SER C 74 -41.12 7.51 6.33
CA SER C 74 -41.23 7.71 7.80
C SER C 74 -40.00 7.14 8.50
N LEU C 75 -39.42 7.92 9.42
CA LEU C 75 -38.44 7.46 10.45
C LEU C 75 -39.21 7.02 11.70
N GLY C 76 -40.55 7.12 11.68
CA GLY C 76 -41.42 6.71 12.79
C GLY C 76 -41.25 7.64 13.98
N GLY C 77 -41.52 7.13 15.18
CA GLY C 77 -41.48 7.89 16.44
C GLY C 77 -42.74 8.73 16.64
N SER C 78 -42.88 9.31 17.82
CA SER C 78 -43.93 10.30 18.19
C SER C 78 -43.23 11.52 18.82
N VAL C 79 -43.31 12.70 18.19
CA VAL C 79 -42.40 13.84 18.54
C VAL C 79 -43.21 15.10 18.87
N THR C 80 -42.59 16.02 19.62
CA THR C 80 -43.23 17.21 20.22
C THR C 80 -42.35 18.45 20.02
N SER C 81 -41.44 18.42 19.05
CA SER C 81 -40.62 19.59 18.66
C SER C 81 -40.32 19.50 17.17
N LYS C 82 -39.88 20.61 16.59
CA LYS C 82 -39.22 20.58 15.27
C LYS C 82 -37.97 19.71 15.39
N PRO C 83 -37.71 18.80 14.44
CA PRO C 83 -36.45 18.06 14.44
C PRO C 83 -35.26 18.96 14.06
N ALA C 84 -34.06 18.55 14.46
CA ALA C 84 -32.76 19.17 14.11
C ALA C 84 -31.79 18.09 13.66
N ALA C 85 -31.45 18.08 12.36
CA ALA C 85 -30.46 17.15 11.77
C ALA C 85 -29.07 17.80 11.81
N TYR C 86 -28.03 16.98 11.91
CA TYR C 86 -26.63 17.45 11.92
C TYR C 86 -25.73 16.32 11.39
N LEU C 87 -24.66 16.71 10.70
CA LEU C 87 -23.66 15.79 10.14
C LEU C 87 -22.48 15.69 11.10
N ASN C 88 -22.25 14.50 11.66
CA ASN C 88 -21.05 14.18 12.47
C ASN C 88 -19.81 14.29 11.57
N SER C 89 -18.64 14.51 12.17
CA SER C 89 -17.35 14.61 11.47
C SER C 89 -16.89 13.25 10.91
N ASP C 90 -17.60 12.15 11.18
CA ASP C 90 -17.39 10.82 10.53
C ASP C 90 -18.45 10.62 9.43
N GLY C 91 -19.19 11.67 9.07
CA GLY C 91 -20.14 11.68 7.94
C GLY C 91 -21.44 10.97 8.24
N ARG C 92 -21.71 10.65 9.52
CA ARG C 92 -22.99 10.06 9.99
C ARG C 92 -24.02 11.18 10.18
N LEU C 93 -25.16 11.09 9.47
CA LEU C 93 -26.32 11.98 9.69
C LEU C 93 -27.03 11.55 10.97
N GLU C 94 -27.41 12.52 11.81
CA GLU C 94 -28.07 12.28 13.10
C GLU C 94 -29.19 13.29 13.28
N VAL C 95 -30.36 12.82 13.72
CA VAL C 95 -31.56 13.68 13.92
C VAL C 95 -31.90 13.69 15.41
N PHE C 96 -32.12 14.89 15.95
CA PHE C 96 -32.48 15.19 17.36
C PHE C 96 -33.88 15.77 17.38
N VAL C 97 -34.70 15.31 18.32
CA VAL C 97 -36.09 15.84 18.46
C VAL C 97 -36.54 15.60 19.89
N ARG C 98 -37.44 16.45 20.38
CA ARG C 98 -38.12 16.21 21.68
C ARG C 98 -39.19 15.14 21.43
N GLY C 99 -39.32 14.19 22.37
CA GLY C 99 -40.25 13.05 22.28
C GLY C 99 -41.56 13.31 22.99
N SER C 100 -42.45 12.32 22.99
CA SER C 100 -43.80 12.41 23.62
C SER C 100 -43.68 12.55 25.15
N ASP C 101 -42.53 12.20 25.72
CA ASP C 101 -42.20 12.27 27.17
C ASP C 101 -41.42 13.56 27.48
N ASN C 102 -41.21 14.43 26.48
CA ASN C 102 -40.46 15.71 26.55
C ASN C 102 -38.95 15.48 26.78
N ALA C 103 -38.46 14.25 26.62
CA ALA C 103 -37.02 13.93 26.63
C ALA C 103 -36.47 14.20 25.22
N LEU C 104 -35.15 14.36 25.11
CA LEU C 104 -34.44 14.38 23.80
C LEU C 104 -34.29 12.93 23.34
N TRP C 105 -34.65 12.66 22.08
CA TRP C 105 -34.41 11.36 21.40
C TRP C 105 -33.59 11.63 20.14
N HIS C 106 -32.78 10.67 19.71
CA HIS C 106 -31.95 10.80 18.49
C HIS C 106 -32.04 9.53 17.65
N ASN C 107 -31.74 9.67 16.36
CA ASN C 107 -31.83 8.61 15.33
C ASN C 107 -30.70 8.88 14.34
N TRP C 108 -29.88 7.88 14.00
CA TRP C 108 -28.66 8.11 13.17
C TRP C 108 -28.54 7.08 12.05
N GLN C 109 -27.84 7.47 10.99
CA GLN C 109 -27.25 6.56 9.98
C GLN C 109 -26.15 5.73 10.66
N THR C 110 -26.22 4.41 10.58
CA THR C 110 -25.26 3.48 11.26
C THR C 110 -23.94 3.48 10.48
N SER C 115 -28.68 2.69 6.60
CA SER C 115 -29.85 2.26 7.43
C SER C 115 -29.89 3.08 8.73
N TRP C 116 -31.08 3.50 9.17
CA TRP C 116 -31.28 4.32 10.39
C TRP C 116 -31.31 3.41 11.63
N SER C 117 -30.80 3.92 12.75
CA SER C 117 -30.62 3.19 14.04
C SER C 117 -31.96 2.90 14.72
N GLY C 118 -32.98 3.73 14.44
CA GLY C 118 -34.21 3.82 15.27
C GLY C 118 -34.01 4.83 16.39
N TRP C 119 -35.09 5.20 17.09
CA TRP C 119 -35.08 6.29 18.09
C TRP C 119 -34.53 5.76 19.42
N GLN C 120 -33.56 6.48 20.00
CA GLN C 120 -32.98 6.18 21.33
C GLN C 120 -33.13 7.42 22.21
N SER C 121 -33.35 7.24 23.51
CA SER C 121 -33.56 8.33 24.48
C SER C 121 -32.22 8.84 25.00
N LEU C 122 -32.05 10.17 25.02
CA LEU C 122 -30.95 10.88 25.71
C LEU C 122 -31.48 11.59 26.96
N GLY C 123 -32.69 11.24 27.40
CA GLY C 123 -33.31 11.72 28.65
C GLY C 123 -33.57 13.22 28.65
N GLY C 124 -33.68 13.79 29.86
CA GLY C 124 -34.00 15.21 30.09
C GLY C 124 -35.49 15.47 30.08
N ALA C 125 -35.86 16.74 30.31
CA ALA C 125 -37.24 17.28 30.24
C ALA C 125 -37.14 18.69 29.64
N LEU C 126 -37.52 18.80 28.37
CA LEU C 126 -37.21 19.96 27.50
C LEU C 126 -38.50 20.75 27.21
N THR C 127 -38.33 22.04 26.93
CA THR C 127 -39.43 23.00 26.69
C THR C 127 -39.08 23.89 25.50
N SER C 128 -38.20 23.43 24.62
CA SER C 128 -37.84 24.08 23.34
C SER C 128 -37.45 23.02 22.31
N ASN C 129 -37.37 23.43 21.05
CA ASN C 129 -36.63 22.70 19.99
C ASN C 129 -35.18 22.57 20.42
N PRO C 130 -34.49 21.45 20.07
CA PRO C 130 -33.07 21.32 20.32
C PRO C 130 -32.28 22.00 19.19
N ALA C 131 -31.18 22.66 19.55
CA ALA C 131 -30.19 23.24 18.62
C ALA C 131 -28.89 22.44 18.75
N VAL C 132 -28.26 22.12 17.61
CA VAL C 132 -27.06 21.24 17.56
C VAL C 132 -25.88 22.04 16.99
N TYR C 133 -24.69 21.79 17.53
CA TYR C 133 -23.41 22.19 16.89
C TYR C 133 -22.31 21.17 17.20
N ILE C 134 -21.25 21.18 16.38
CA ILE C 134 -20.05 20.32 16.59
C ILE C 134 -18.94 21.17 17.22
N ASN C 135 -18.32 20.67 18.29
CA ASN C 135 -17.18 21.33 18.96
C ASN C 135 -15.94 21.21 18.05
N ALA C 136 -14.88 21.96 18.37
CA ALA C 136 -13.60 21.94 17.62
C ALA C 136 -12.89 20.58 17.78
N ASP C 137 -13.38 19.68 18.64
CA ASP C 137 -12.83 18.32 18.88
C ASP C 137 -13.76 17.25 18.28
N GLY C 138 -14.75 17.65 17.48
CA GLY C 138 -15.65 16.73 16.74
C GLY C 138 -16.79 16.18 17.57
N ARG C 139 -16.98 16.65 18.81
CA ARG C 139 -18.08 16.18 19.69
C ARG C 139 -19.32 17.05 19.45
N LEU C 140 -20.42 16.43 19.09
CA LEU C 140 -21.72 17.13 18.97
C LEU C 140 -22.13 17.59 20.38
N GLU C 141 -22.75 18.75 20.44
CA GLU C 141 -23.35 19.33 21.66
C GLU C 141 -24.74 19.82 21.30
N VAL C 142 -25.73 19.50 22.14
CA VAL C 142 -27.16 19.83 21.85
C VAL C 142 -27.64 20.73 22.99
N PHE C 143 -28.38 21.76 22.61
CA PHE C 143 -28.86 22.85 23.49
C PHE C 143 -30.40 22.86 23.42
N ALA C 144 -31.06 22.99 24.56
CA ALA C 144 -32.53 23.09 24.62
C ALA C 144 -32.90 23.70 25.96
N ARG C 145 -33.98 24.48 25.98
CA ARG C 145 -34.57 24.98 27.25
C ARG C 145 -35.09 23.79 28.05
N GLY C 146 -34.76 23.74 29.34
CA GLY C 146 -35.20 22.70 30.30
C GLY C 146 -36.53 23.07 30.96
N LEU C 147 -37.06 22.13 31.74
CA LEU C 147 -38.36 22.25 32.47
C LEU C 147 -38.40 23.54 33.31
N ASP C 148 -37.25 23.99 33.85
CA ASP C 148 -37.12 25.17 34.74
C ASP C 148 -36.89 26.46 33.93
N ASN C 149 -37.01 26.37 32.59
CA ASN C 149 -36.87 27.50 31.62
C ASN C 149 -35.43 28.02 31.57
N THR C 150 -34.44 27.29 32.11
CA THR C 150 -33.00 27.61 31.97
C THR C 150 -32.48 26.93 30.69
N LEU C 151 -31.36 27.42 30.14
CA LEU C 151 -30.64 26.76 29.03
C LEU C 151 -30.01 25.47 29.55
N TRP C 152 -30.39 24.32 28.96
CA TRP C 152 -29.78 22.99 29.24
C TRP C 152 -28.91 22.59 28.05
N HIS C 153 -27.96 21.68 28.30
CA HIS C 153 -27.07 21.13 27.24
C HIS C 153 -26.60 19.73 27.63
N ILE C 154 -26.19 19.00 26.60
CA ILE C 154 -25.74 17.58 26.63
C ILE C 154 -24.68 17.51 25.54
N TRP C 155 -23.75 16.56 25.60
CA TRP C 155 -22.68 16.43 24.59
C TRP C 155 -22.28 14.96 24.43
N GLN C 156 -21.80 14.61 23.24
CA GLN C 156 -21.08 13.35 22.99
C GLN C 156 -19.86 13.36 23.92
N THR C 157 -19.59 12.24 24.59
CA THR C 157 -18.44 12.08 25.52
C THR C 157 -17.17 11.85 24.70
N ALA C 158 -17.31 11.32 23.49
CA ALA C 158 -16.19 11.06 22.55
C ALA C 158 -16.54 11.63 21.18
N PRO C 159 -15.54 12.03 20.36
CA PRO C 159 -15.83 12.55 19.02
C PRO C 159 -16.76 11.66 18.19
N HIS C 160 -17.75 12.27 17.53
CA HIS C 160 -18.70 11.63 16.57
C HIS C 160 -19.14 10.24 17.06
N SER C 161 -19.55 10.12 18.33
N SER C 161 -19.51 10.11 18.34
CA SER C 161 -19.94 8.80 18.89
CA SER C 161 -19.83 8.80 18.97
C SER C 161 -20.80 8.96 20.14
C SER C 161 -20.79 8.96 20.16
N ASN C 162 -21.63 7.95 20.38
CA ASN C 162 -22.27 7.68 21.69
C ASN C 162 -21.20 7.14 22.63
N PRO C 163 -21.38 7.15 23.97
CA PRO C 163 -22.56 7.75 24.60
C PRO C 163 -22.43 9.25 24.83
N TRP C 164 -23.44 9.80 25.52
CA TRP C 164 -23.63 11.24 25.79
C TRP C 164 -23.48 11.51 27.27
N SER C 165 -23.32 12.78 27.62
CA SER C 165 -23.36 13.28 29.01
C SER C 165 -24.78 13.15 29.54
N SER C 166 -24.96 13.22 30.86
CA SER C 166 -26.25 13.60 31.49
C SER C 166 -26.50 15.07 31.17
N TRP C 167 -27.66 15.61 31.57
CA TRP C 167 -28.04 17.02 31.29
C TRP C 167 -27.43 17.96 32.32
N TYR C 168 -26.92 19.10 31.86
CA TYR C 168 -26.47 20.21 32.75
C TYR C 168 -27.24 21.48 32.38
N SER C 169 -27.56 22.31 33.39
CA SER C 169 -28.15 23.66 33.22
C SER C 169 -27.03 24.71 33.24
N LEU C 170 -27.03 25.62 32.27
CA LEU C 170 -26.16 26.83 32.27
C LEU C 170 -26.91 27.98 32.97
N GLY C 171 -28.11 27.72 33.47
CA GLY C 171 -28.91 28.67 34.26
C GLY C 171 -29.56 29.73 33.38
N HIS C 172 -29.82 30.90 33.97
CA HIS C 172 -30.54 32.04 33.35
C HIS C 172 -32.00 31.63 33.14
N VAL C 173 -32.81 32.52 32.56
CA VAL C 173 -34.19 32.23 32.08
C VAL C 173 -34.27 32.67 30.62
N ILE C 174 -34.77 31.81 29.74
CA ILE C 174 -34.88 32.09 28.27
C ILE C 174 -36.33 31.82 27.84
N THR C 175 -36.79 32.55 26.82
CA THR C 175 -38.18 32.57 26.34
C THR C 175 -38.25 32.32 24.82
N SER C 176 -37.18 31.76 24.24
CA SER C 176 -37.13 31.36 22.81
C SER C 176 -36.39 30.03 22.71
N ASN C 177 -36.43 29.41 21.53
CA ASN C 177 -35.50 28.32 21.16
C ASN C 177 -34.08 28.88 21.19
N PRO C 178 -33.09 28.07 21.61
CA PRO C 178 -31.69 28.48 21.60
C PRO C 178 -31.16 28.35 20.16
N ALA C 179 -30.22 29.23 19.81
CA ALA C 179 -29.41 29.16 18.57
C ALA C 179 -27.95 29.07 18.99
N VAL C 180 -27.17 28.25 18.27
CA VAL C 180 -25.74 27.97 18.61
C VAL C 180 -24.92 28.15 17.34
N HIS C 181 -23.70 28.68 17.46
CA HIS C 181 -22.67 28.71 16.40
C HIS C 181 -21.30 28.54 17.05
N ILE C 182 -20.22 28.66 16.28
CA ILE C 182 -18.83 28.59 16.80
C ILE C 182 -18.07 29.84 16.35
N ASN C 183 -17.28 30.41 17.26
CA ASN C 183 -16.40 31.57 16.95
C ASN C 183 -15.28 31.10 16.03
N ALA C 184 -14.61 32.05 15.39
CA ALA C 184 -13.36 31.85 14.62
C ALA C 184 -12.34 31.05 15.44
N ASP C 185 -12.37 31.14 16.78
CA ASP C 185 -11.33 30.57 17.68
C ASP C 185 -11.82 29.23 18.27
N GLY C 186 -12.93 28.70 17.77
CA GLY C 186 -13.41 27.35 18.09
C GLY C 186 -14.27 27.31 19.34
N ARG C 187 -14.59 28.45 19.95
CA ARG C 187 -15.44 28.53 21.17
C ARG C 187 -16.91 28.51 20.73
N LEU C 188 -17.69 27.52 21.17
CA LEU C 188 -19.17 27.50 20.97
C LEU C 188 -19.75 28.73 21.65
N GLU C 189 -20.80 29.30 21.06
CA GLU C 189 -21.53 30.50 21.58
C GLU C 189 -23.03 30.28 21.32
N VAL C 190 -23.85 30.44 22.36
CA VAL C 190 -25.31 30.14 22.29
C VAL C 190 -26.08 31.41 22.60
N PHE C 191 -27.19 31.58 21.90
CA PHE C 191 -28.03 32.80 21.85
C PHE C 191 -29.47 32.40 22.15
N ALA C 192 -30.14 33.19 22.98
CA ALA C 192 -31.56 32.97 23.33
C ALA C 192 -32.15 34.29 23.79
N ARG C 193 -33.42 34.50 23.50
CA ARG C 193 -34.22 35.57 24.16
C ARG C 193 -34.25 35.28 25.66
N GLY C 194 -34.05 36.32 26.49
CA GLY C 194 -34.18 36.25 27.94
C GLY C 194 -35.61 36.51 28.39
N ALA C 195 -35.88 36.37 29.69
CA ALA C 195 -37.15 36.77 30.35
C ALA C 195 -37.41 38.26 30.07
N ASP C 196 -36.35 39.07 30.10
CA ASP C 196 -36.40 40.55 29.88
C ASP C 196 -36.57 40.84 28.37
N ASN C 197 -36.57 39.79 27.51
CA ASN C 197 -36.86 39.85 26.06
C ASN C 197 -35.64 40.35 25.28
N ALA C 198 -34.52 40.59 25.96
CA ALA C 198 -33.23 41.00 25.35
C ALA C 198 -32.58 39.77 24.72
N LEU C 199 -31.66 39.97 23.78
CA LEU C 199 -30.79 38.88 23.27
C LEU C 199 -29.72 38.62 24.33
N TRP C 200 -29.70 37.41 24.88
CA TRP C 200 -28.62 36.95 25.80
C TRP C 200 -27.75 35.95 25.06
N HIS C 201 -26.52 35.80 25.53
CA HIS C 201 -25.58 34.79 25.00
C HIS C 201 -24.57 34.41 26.07
N ILE C 202 -23.93 33.26 25.86
CA ILE C 202 -22.93 32.65 26.77
C ILE C 202 -22.01 31.83 25.87
N TRP C 203 -20.72 31.77 26.18
CA TRP C 203 -19.70 31.07 25.35
C TRP C 203 -18.89 30.15 26.25
N GLN C 204 -18.28 29.13 25.64
CA GLN C 204 -17.19 28.35 26.25
C GLN C 204 -16.03 29.32 26.50
N THR C 205 -15.25 29.11 27.57
CA THR C 205 -14.14 30.01 27.99
C THR C 205 -12.95 29.80 27.05
N ALA C 206 -12.78 28.55 26.60
CA ALA C 206 -11.89 28.14 25.47
C ALA C 206 -12.56 26.95 24.78
N PRO C 207 -12.13 26.53 23.57
CA PRO C 207 -12.84 25.47 22.88
C PRO C 207 -13.03 24.25 23.79
N HIS C 208 -14.29 23.87 24.04
CA HIS C 208 -14.68 22.68 24.85
C HIS C 208 -13.84 22.64 26.14
N SER C 209 -13.67 23.79 26.80
CA SER C 209 -12.75 23.99 27.95
C SER C 209 -13.23 23.20 29.18
N GLY C 210 -14.55 22.99 29.29
CA GLY C 210 -15.21 22.41 30.47
C GLY C 210 -15.87 23.50 31.31
N TYR C 211 -15.69 24.77 30.92
CA TYR C 211 -16.24 25.96 31.59
C TYR C 211 -16.92 26.85 30.56
N TRP C 212 -17.99 27.53 30.97
CA TRP C 212 -18.69 28.57 30.17
C TRP C 212 -18.49 29.92 30.84
N SER C 213 -18.74 31.00 30.10
CA SER C 213 -18.33 32.39 30.45
C SER C 213 -19.21 32.94 31.58
N GLY C 214 -20.47 32.55 31.59
CA GLY C 214 -21.57 33.28 32.26
C GLY C 214 -22.27 34.18 31.26
N TRP C 215 -23.47 34.64 31.58
CA TRP C 215 -24.41 35.24 30.61
C TRP C 215 -24.09 36.73 30.39
N HIS C 216 -24.16 37.16 29.13
CA HIS C 216 -24.05 38.57 28.69
C HIS C 216 -25.33 38.96 27.96
N SER C 217 -25.80 40.20 28.18
CA SER C 217 -26.95 40.78 27.45
C SER C 217 -26.45 41.67 26.32
N LEU C 218 -27.01 41.48 25.12
CA LEU C 218 -26.79 42.37 23.95
C LEU C 218 -27.98 43.33 23.82
N GLY C 219 -28.90 43.31 24.80
CA GLY C 219 -30.07 44.20 24.85
C GLY C 219 -31.07 43.89 23.74
N GLY C 220 -31.81 44.90 23.29
CA GLY C 220 -32.84 44.78 22.24
C GLY C 220 -34.16 44.27 22.81
N VAL C 221 -35.22 44.25 21.99
CA VAL C 221 -36.53 43.64 22.34
C VAL C 221 -36.94 42.71 21.19
N LEU C 222 -36.89 41.40 21.43
CA LEU C 222 -37.00 40.34 20.40
C LEU C 222 -38.46 39.83 20.35
N SER C 223 -38.94 39.49 19.16
CA SER C 223 -40.26 38.84 18.91
C SER C 223 -40.10 37.56 18.07
N SER C 224 -38.91 36.95 18.11
CA SER C 224 -38.57 35.67 17.43
C SER C 224 -37.34 35.06 18.07
N ASP C 225 -37.08 33.78 17.75
CA ASP C 225 -35.79 33.10 17.99
C ASP C 225 -34.67 33.92 17.37
N PRO C 226 -33.47 33.96 17.97
CA PRO C 226 -32.30 34.51 17.30
C PRO C 226 -31.85 33.48 16.24
N VAL C 227 -31.32 33.97 15.14
CA VAL C 227 -30.67 33.13 14.08
C VAL C 227 -29.27 33.71 13.86
N VAL C 228 -28.27 32.84 13.78
CA VAL C 228 -26.84 33.25 13.88
C VAL C 228 -26.12 32.75 12.62
N ALA C 229 -25.21 33.59 12.10
CA ALA C 229 -24.27 33.25 11.03
C ALA C 229 -22.88 33.67 11.50
N ARG C 230 -21.83 33.13 10.87
CA ARG C 230 -20.46 33.65 11.03
C ARG C 230 -20.01 34.17 9.66
N THR C 231 -19.66 35.45 9.60
CA THR C 231 -19.19 36.10 8.36
C THR C 231 -17.88 35.44 7.93
N VAL C 232 -17.53 35.59 6.66
CA VAL C 232 -16.30 35.01 6.07
C VAL C 232 -15.07 35.55 6.83
N ASP C 233 -15.17 36.77 7.39
CA ASP C 233 -14.09 37.44 8.15
C ASP C 233 -14.16 37.07 9.64
N GLY C 234 -15.00 36.09 10.02
CA GLY C 234 -14.92 35.36 11.30
C GLY C 234 -15.72 36.01 12.41
N ARG C 235 -16.75 36.80 12.07
CA ARG C 235 -17.57 37.57 13.05
C ARG C 235 -18.96 36.96 13.16
N LEU C 236 -19.41 36.66 14.39
CA LEU C 236 -20.81 36.24 14.65
C LEU C 236 -21.74 37.41 14.37
N GLU C 237 -22.81 37.16 13.63
CA GLU C 237 -23.87 38.13 13.31
C GLU C 237 -25.22 37.46 13.59
N VAL C 238 -26.04 38.08 14.44
CA VAL C 238 -27.35 37.53 14.86
C VAL C 238 -28.45 38.35 14.20
N PHE C 239 -29.49 37.67 13.71
CA PHE C 239 -30.71 38.26 13.11
C PHE C 239 -31.93 37.85 13.94
N VAL C 240 -32.84 38.79 14.17
CA VAL C 240 -34.09 38.59 14.95
C VAL C 240 -35.19 39.41 14.29
N ARG C 241 -36.45 39.04 14.50
CA ARG C 241 -37.58 39.99 14.37
C ARG C 241 -37.72 40.70 15.72
N ALA C 242 -37.77 42.03 15.70
CA ALA C 242 -37.99 42.90 16.87
C ALA C 242 -39.49 43.09 17.07
N VAL C 243 -39.88 43.71 18.18
CA VAL C 243 -41.30 43.93 18.59
C VAL C 243 -41.99 44.85 17.57
N ASP C 244 -41.22 45.66 16.83
CA ASP C 244 -41.73 46.55 15.74
C ASP C 244 -41.98 45.73 14.46
N ASN C 245 -41.67 44.42 14.49
CA ASN C 245 -41.92 43.42 13.43
C ASN C 245 -40.98 43.63 12.23
N ALA C 246 -39.90 44.42 12.41
CA ALA C 246 -38.81 44.56 11.42
C ALA C 246 -37.74 43.50 11.69
N LEU C 247 -36.92 43.22 10.66
CA LEU C 247 -35.65 42.47 10.79
C LEU C 247 -34.61 43.41 11.39
N TRP C 248 -33.98 42.99 12.50
CA TRP C 248 -32.84 43.69 13.14
C TRP C 248 -31.65 42.73 13.19
N HIS C 249 -30.43 43.28 13.29
CA HIS C 249 -29.20 42.47 13.43
C HIS C 249 -28.15 43.22 14.25
N ILE C 250 -27.20 42.45 14.78
CA ILE C 250 -26.10 42.92 15.65
C ILE C 250 -24.95 41.95 15.40
N TRP C 251 -23.71 42.40 15.50
CA TRP C 251 -22.53 41.60 15.10
C TRP C 251 -21.32 41.91 15.99
N GLN C 252 -20.45 40.94 16.16
CA GLN C 252 -19.09 41.15 16.73
C GLN C 252 -18.37 42.12 15.81
N THR C 253 -17.63 43.09 16.36
CA THR C 253 -16.93 44.14 15.58
C THR C 253 -15.68 43.55 14.91
N ALA C 254 -15.25 42.37 15.36
CA ALA C 254 -14.02 41.67 14.93
C ALA C 254 -14.09 40.21 15.37
N PRO C 255 -13.22 39.31 14.85
CA PRO C 255 -13.24 37.92 15.26
C PRO C 255 -13.11 37.80 16.78
N ASN C 256 -13.95 36.97 17.42
CA ASN C 256 -13.82 36.61 18.85
C ASN C 256 -13.98 37.86 19.73
N SER C 257 -14.57 38.93 19.18
CA SER C 257 -14.47 40.32 19.72
C SER C 257 -15.21 40.44 21.05
N SER C 258 -14.59 41.13 22.02
CA SER C 258 -15.20 41.56 23.30
C SER C 258 -16.23 42.67 23.04
N GLN C 259 -16.24 43.24 21.83
CA GLN C 259 -17.11 44.38 21.45
C GLN C 259 -18.09 43.94 20.35
N TRP C 260 -19.39 44.11 20.59
CA TRP C 260 -20.47 43.98 19.58
C TRP C 260 -20.85 45.36 19.07
N SER C 261 -21.50 45.42 17.90
CA SER C 261 -22.08 46.67 17.33
C SER C 261 -23.32 47.05 18.13
N ASN C 262 -23.92 48.20 17.83
CA ASN C 262 -25.30 48.54 18.29
C ASN C 262 -26.28 47.78 17.41
N TRP C 263 -27.51 47.58 17.88
CA TRP C 263 -28.63 47.02 17.08
C TRP C 263 -28.88 47.91 15.86
N ALA C 264 -28.98 47.31 14.67
CA ALA C 264 -29.30 48.01 13.40
C ALA C 264 -30.54 47.39 12.78
N SER C 265 -31.47 48.23 12.29
CA SER C 265 -32.74 47.79 11.63
C SER C 265 -32.49 47.56 10.14
N LEU C 266 -33.07 46.50 9.60
CA LEU C 266 -33.13 46.21 8.15
C LEU C 266 -34.57 46.36 7.66
N GLY C 267 -35.48 46.82 8.54
CA GLY C 267 -36.87 47.16 8.19
C GLY C 267 -37.69 45.95 7.81
N GLY C 268 -38.67 46.15 6.92
CA GLY C 268 -39.63 45.11 6.51
C GLY C 268 -40.66 44.86 7.60
N THR C 269 -41.67 44.06 7.28
CA THR C 269 -42.79 43.67 8.19
C THR C 269 -42.96 42.16 8.07
N ILE C 270 -42.23 41.40 8.90
CA ILE C 270 -42.03 39.94 8.72
C ILE C 270 -42.86 39.18 9.76
N THR C 271 -43.31 37.97 9.40
CA THR C 271 -44.24 37.13 10.19
C THR C 271 -43.67 35.71 10.37
N SER C 272 -42.34 35.56 10.23
CA SER C 272 -41.61 34.31 10.52
C SER C 272 -40.23 34.64 11.06
N ALA C 273 -39.60 33.68 11.74
CA ALA C 273 -38.17 33.68 12.06
C ALA C 273 -37.39 33.89 10.76
N PRO C 274 -36.31 34.68 10.76
CA PRO C 274 -35.48 34.82 9.57
C PRO C 274 -34.68 33.53 9.40
N ALA C 275 -34.23 33.27 8.17
CA ALA C 275 -33.27 32.20 7.82
C ALA C 275 -32.11 32.87 7.10
N VAL C 276 -30.88 32.60 7.56
CA VAL C 276 -29.64 33.28 7.07
C VAL C 276 -28.76 32.21 6.42
N ILE C 277 -28.07 32.59 5.35
CA ILE C 277 -27.06 31.74 4.66
C ILE C 277 -26.13 32.66 3.87
N LYS C 278 -24.86 32.29 3.77
CA LYS C 278 -23.87 33.00 2.92
C LYS C 278 -24.04 32.52 1.48
N TYR C 279 -24.11 33.47 0.55
CA TYR C 279 -24.05 33.25 -0.91
C TYR C 279 -22.70 32.60 -1.21
N PHE C 280 -22.47 32.17 -2.45
CA PHE C 280 -21.17 31.56 -2.84
C PHE C 280 -20.05 32.60 -2.76
N ASP C 281 -20.36 33.89 -2.87
CA ASP C 281 -19.37 35.01 -2.75
C ASP C 281 -19.29 35.48 -1.29
N ASN C 282 -20.01 34.81 -0.38
CA ASN C 282 -19.97 34.98 1.10
C ASN C 282 -20.82 36.16 1.55
N ARG C 283 -21.55 36.86 0.66
CA ARG C 283 -22.53 37.88 1.09
C ARG C 283 -23.65 37.19 1.87
N LEU C 284 -24.03 37.73 3.03
CA LEU C 284 -25.19 37.21 3.81
C LEU C 284 -26.49 37.49 3.04
N VAL C 285 -27.35 36.48 2.98
CA VAL C 285 -28.74 36.57 2.43
C VAL C 285 -29.67 36.16 3.57
N VAL C 286 -30.68 36.96 3.87
CA VAL C 286 -31.72 36.63 4.87
C VAL C 286 -33.07 36.45 4.16
N PHE C 287 -33.75 35.36 4.47
CA PHE C 287 -35.10 34.99 4.00
C PHE C 287 -36.07 35.11 5.18
N ALA C 288 -37.31 35.53 4.91
CA ALA C 288 -38.40 35.60 5.92
C ALA C 288 -39.75 35.69 5.20
N ARG C 289 -40.79 35.12 5.80
CA ARG C 289 -42.19 35.35 5.35
C ARG C 289 -42.57 36.79 5.74
N ALA C 290 -43.37 37.46 4.92
CA ALA C 290 -43.84 38.85 5.13
C ALA C 290 -45.33 38.85 5.43
N ILE C 291 -45.87 40.02 5.79
CA ILE C 291 -47.31 40.21 6.15
C ILE C 291 -48.22 39.83 4.96
N ASP C 292 -47.70 39.82 3.73
CA ASP C 292 -48.45 39.37 2.52
C ASP C 292 -48.32 37.85 2.36
N ASN C 293 -47.62 37.17 3.28
CA ASN C 293 -47.42 35.69 3.31
C ASN C 293 -46.62 35.22 2.09
N ALA C 294 -45.93 36.13 1.40
CA ALA C 294 -44.94 35.79 0.35
C ALA C 294 -43.59 35.54 1.03
N LEU C 295 -42.71 34.80 0.36
CA LEU C 295 -41.28 34.71 0.70
C LEU C 295 -40.60 35.99 0.23
N TRP C 296 -39.94 36.71 1.14
CA TRP C 296 -39.10 37.88 0.80
C TRP C 296 -37.65 37.56 1.20
N HIS C 297 -36.69 38.28 0.61
CA HIS C 297 -35.26 38.15 0.96
C HIS C 297 -34.56 39.50 0.82
N ILE C 298 -33.53 39.70 1.63
CA ILE C 298 -32.68 40.92 1.71
C ILE C 298 -31.24 40.43 1.88
N TRP C 299 -30.27 41.13 1.30
CA TRP C 299 -28.87 40.64 1.23
C TRP C 299 -27.85 41.78 1.38
N GLN C 300 -26.67 41.44 1.86
CA GLN C 300 -25.47 42.31 1.82
C GLN C 300 -25.14 42.59 0.34
N ASN C 301 -24.83 43.84 0.02
CA ASN C 301 -24.31 44.25 -1.31
C ASN C 301 -22.81 43.97 -1.36
N ASP C 302 -22.19 43.78 -0.19
CA ASP C 302 -20.75 43.50 -0.03
C ASP C 302 -20.52 42.95 1.39
N THR C 303 -19.29 42.52 1.68
CA THR C 303 -18.89 41.91 2.97
C THR C 303 -17.97 42.85 3.76
N HIS C 304 -17.97 44.16 3.48
CA HIS C 304 -17.02 45.11 4.13
C HIS C 304 -17.68 46.44 4.52
N SER C 305 -18.66 46.94 3.76
CA SER C 305 -19.20 48.32 3.88
C SER C 305 -20.33 48.39 4.91
N GLY C 306 -21.15 47.33 5.02
CA GLY C 306 -22.37 47.32 5.85
C GLY C 306 -23.61 47.67 5.03
N SER C 307 -23.44 47.82 3.71
CA SER C 307 -24.53 48.12 2.73
C SER C 307 -25.36 46.86 2.50
N TRP C 308 -26.68 46.98 2.70
CA TRP C 308 -27.68 45.91 2.45
C TRP C 308 -28.60 46.35 1.33
N SER C 309 -29.17 45.38 0.61
CA SER C 309 -30.17 45.63 -0.46
C SER C 309 -31.48 46.14 0.15
N ASN C 310 -32.40 46.56 -0.71
CA ASN C 310 -33.86 46.64 -0.43
C ASN C 310 -34.39 45.20 -0.35
N TRP C 311 -35.53 45.02 0.33
CA TRP C 311 -36.28 43.74 0.38
C TRP C 311 -36.72 43.36 -1.04
N GLY C 312 -36.60 42.08 -1.40
CA GLY C 312 -37.02 41.52 -2.70
C GLY C 312 -37.97 40.35 -2.51
N SER C 313 -39.11 40.37 -3.20
CA SER C 313 -40.16 39.32 -3.09
C SER C 313 -39.85 38.15 -4.03
N LEU C 314 -40.02 36.93 -3.54
CA LEU C 314 -39.90 35.68 -4.36
C LEU C 314 -41.28 35.04 -4.49
N GLY C 315 -42.33 35.72 -4.03
CA GLY C 315 -43.73 35.29 -4.17
C GLY C 315 -44.07 34.11 -3.29
N GLY C 316 -45.08 33.33 -3.70
CA GLY C 316 -45.56 32.13 -3.00
C GLY C 316 -46.60 32.45 -1.94
N GLY C 317 -47.25 31.41 -1.42
CA GLY C 317 -48.16 31.47 -0.25
C GLY C 317 -47.61 30.62 0.87
N LEU C 318 -46.95 31.25 1.85
CA LEU C 318 -46.22 30.57 2.95
C LEU C 318 -47.15 30.39 4.16
N SER C 319 -47.21 29.17 4.70
CA SER C 319 -47.88 28.83 5.99
C SER C 319 -46.81 28.48 7.04
N SER C 320 -45.54 28.80 6.76
CA SER C 320 -44.40 28.62 7.70
C SER C 320 -43.30 29.64 7.37
N GLY C 321 -42.25 29.66 8.18
CA GLY C 321 -40.99 30.35 7.86
C GLY C 321 -40.17 29.51 6.88
N PRO C 322 -39.12 30.09 6.27
CA PRO C 322 -38.22 29.33 5.40
C PRO C 322 -37.09 28.66 6.17
N ASP C 323 -36.57 27.57 5.60
CA ASP C 323 -35.28 26.93 5.95
C ASP C 323 -34.43 26.88 4.68
N VAL C 324 -33.12 27.10 4.81
CA VAL C 324 -32.22 27.29 3.65
C VAL C 324 -30.97 26.42 3.82
N VAL C 325 -30.37 26.05 2.69
CA VAL C 325 -29.14 25.20 2.62
C VAL C 325 -28.47 25.52 1.28
N GLU C 326 -27.16 25.30 1.18
CA GLU C 326 -26.42 25.37 -0.10
C GLU C 326 -26.28 23.96 -0.66
N ASN C 327 -26.77 23.73 -1.88
CA ASN C 327 -26.74 22.38 -2.52
C ASN C 327 -25.35 22.12 -3.12
N ALA C 328 -25.17 20.93 -3.69
CA ALA C 328 -23.88 20.45 -4.23
C ALA C 328 -23.52 21.19 -5.52
N ASN C 329 -24.45 21.96 -6.09
CA ASN C 329 -24.20 22.88 -7.23
C ASN C 329 -23.69 24.23 -6.69
N GLY C 330 -23.61 24.36 -5.37
CA GLY C 330 -23.10 25.55 -4.66
C GLY C 330 -24.11 26.68 -4.65
N TYR C 331 -25.40 26.37 -4.84
CA TYR C 331 -26.50 27.37 -4.94
C TYR C 331 -27.47 27.20 -3.76
N ILE C 332 -28.13 28.30 -3.43
CA ILE C 332 -29.11 28.35 -2.29
C ILE C 332 -30.38 27.60 -2.70
N GLU C 333 -30.87 26.73 -1.82
CA GLU C 333 -32.22 26.12 -1.91
C GLU C 333 -33.03 26.56 -0.69
N VAL C 334 -34.30 26.89 -0.89
CA VAL C 334 -35.23 27.38 0.17
C VAL C 334 -36.39 26.40 0.25
N PHE C 335 -36.83 26.11 1.47
CA PHE C 335 -37.92 25.16 1.80
C PHE C 335 -38.93 25.88 2.69
N VAL C 336 -40.21 25.81 2.33
CA VAL C 336 -41.34 26.39 3.10
C VAL C 336 -42.49 25.39 3.10
N ARG C 337 -43.40 25.51 4.05
CA ARG C 337 -44.75 24.91 3.94
C ARG C 337 -45.66 25.91 3.22
N ALA C 338 -46.42 25.43 2.23
CA ALA C 338 -47.38 26.25 1.45
C ALA C 338 -48.77 26.11 2.09
N THR C 339 -49.74 26.90 1.62
CA THR C 339 -51.12 26.95 2.18
C THR C 339 -51.79 25.57 2.04
N ASP C 340 -51.27 24.70 1.18
CA ASP C 340 -51.76 23.30 0.99
C ASP C 340 -51.03 22.34 1.96
N ASN C 341 -50.16 22.85 2.83
CA ASN C 341 -49.42 22.12 3.90
C ASN C 341 -48.36 21.17 3.29
N ALA C 342 -48.09 21.30 1.99
CA ALA C 342 -47.02 20.54 1.29
C ALA C 342 -45.70 21.29 1.45
N LEU C 343 -44.57 20.59 1.25
CA LEU C 343 -43.23 21.22 1.23
C LEU C 343 -42.98 21.77 -0.17
N TRP C 344 -42.76 23.08 -0.28
CA TRP C 344 -42.45 23.77 -1.55
C TRP C 344 -41.00 24.26 -1.54
N ASN C 345 -40.39 24.32 -2.72
CA ASN C 345 -38.93 24.49 -2.92
C ASN C 345 -38.73 25.55 -4.01
N ILE C 346 -37.89 26.55 -3.73
CA ILE C 346 -37.36 27.50 -4.75
C ILE C 346 -35.85 27.56 -4.55
N LYS C 347 -35.08 27.64 -5.64
CA LYS C 347 -33.62 27.48 -5.59
C LYS C 347 -32.96 28.26 -6.72
N ARG C 348 -31.79 28.81 -6.44
CA ARG C 348 -30.90 29.38 -7.49
C ARG C 348 -30.45 28.24 -8.40
N THR C 349 -30.45 28.47 -9.71
CA THR C 349 -30.15 27.47 -10.77
C THR C 349 -28.84 27.83 -11.49
N SER C 350 -28.35 29.04 -11.26
CA SER C 350 -27.10 29.57 -11.88
C SER C 350 -26.65 30.78 -11.06
N PRO C 351 -25.52 31.42 -11.38
CA PRO C 351 -25.09 32.62 -10.66
C PRO C 351 -26.01 33.84 -10.86
N SER C 352 -27.06 33.75 -11.70
CA SER C 352 -27.93 34.89 -12.06
C SER C 352 -29.41 34.50 -12.23
N SER C 353 -29.86 33.33 -11.74
CA SER C 353 -31.25 32.85 -11.96
C SER C 353 -31.83 32.17 -10.71
N TRP C 354 -33.08 32.48 -10.40
CA TRP C 354 -33.98 31.73 -9.48
C TRP C 354 -34.80 30.76 -10.31
N SER C 355 -35.12 29.58 -9.76
CA SER C 355 -36.13 28.63 -10.30
C SER C 355 -37.54 29.19 -10.10
N SER C 356 -38.54 28.53 -10.66
CA SER C 356 -39.97 28.66 -10.26
C SER C 356 -40.19 27.88 -8.97
N TRP C 357 -41.22 28.22 -8.21
CA TRP C 357 -41.71 27.41 -7.06
C TRP C 357 -42.09 26.03 -7.57
N ALA C 358 -41.66 24.96 -6.88
CA ALA C 358 -42.05 23.56 -7.17
C ALA C 358 -42.41 22.85 -5.86
N SER C 359 -43.35 21.90 -5.93
CA SER C 359 -43.85 21.13 -4.75
C SER C 359 -43.05 19.83 -4.58
N LEU C 360 -42.69 19.51 -3.34
CA LEU C 360 -42.18 18.18 -2.93
C LEU C 360 -43.31 17.38 -2.25
N GLY C 361 -44.52 17.97 -2.18
CA GLY C 361 -45.70 17.32 -1.59
C GLY C 361 -45.52 17.08 -0.10
N GLY C 362 -46.15 16.02 0.41
CA GLY C 362 -46.22 15.71 1.85
C GLY C 362 -47.28 16.54 2.54
N THR C 363 -47.66 16.14 3.74
CA THR C 363 -48.52 16.90 4.69
C THR C 363 -47.72 17.11 5.97
N LEU C 364 -47.26 18.34 6.22
CA LEU C 364 -46.36 18.67 7.36
C LEU C 364 -47.10 19.52 8.39
N ILE C 365 -46.90 19.20 9.68
CA ILE C 365 -47.40 20.03 10.82
C ILE C 365 -46.24 20.85 11.36
N ASP C 366 -46.54 21.96 12.05
CA ASP C 366 -45.57 22.75 12.82
C ASP C 366 -45.54 22.22 14.25
N ALA C 367 -44.53 21.41 14.57
CA ALA C 367 -44.36 20.71 15.87
C ALA C 367 -43.51 21.54 16.83
N SER C 368 -43.09 22.75 16.43
CA SER C 368 -42.21 23.63 17.26
C SER C 368 -42.69 23.62 18.71
N ALA C 369 -41.78 23.41 19.66
CA ALA C 369 -42.05 23.26 21.12
C ALA C 369 -42.40 24.63 21.75
N ILE C 370 -41.93 25.72 21.14
CA ILE C 370 -42.32 27.12 21.48
C ILE C 370 -42.96 27.75 20.24
N ILE D 29 39.94 -11.64 -24.25
CA ILE D 29 38.66 -11.34 -23.52
C ILE D 29 38.97 -10.54 -22.24
N ALA D 30 37.95 -9.85 -21.70
CA ALA D 30 38.00 -9.13 -20.41
C ALA D 30 38.39 -10.09 -19.28
N ALA D 31 39.22 -9.62 -18.34
CA ALA D 31 39.78 -10.40 -17.21
C ALA D 31 38.67 -11.18 -16.50
N SER D 32 38.92 -12.46 -16.24
CA SER D 32 37.98 -13.40 -15.56
C SER D 32 38.03 -13.18 -14.05
N GLY D 33 37.01 -13.68 -13.34
CA GLY D 33 37.04 -13.83 -11.87
C GLY D 33 38.11 -14.83 -11.47
N ILE D 34 38.52 -14.83 -10.20
CA ILE D 34 39.69 -15.62 -9.70
C ILE D 34 39.20 -16.93 -9.03
N VAL D 35 37.93 -17.01 -8.62
CA VAL D 35 37.38 -18.18 -7.87
C VAL D 35 36.04 -18.62 -8.48
N SER D 36 35.79 -19.93 -8.44
CA SER D 36 34.44 -20.52 -8.51
C SER D 36 33.82 -20.40 -7.12
N VAL D 37 32.65 -19.77 -7.02
CA VAL D 37 31.95 -19.55 -5.72
C VAL D 37 30.68 -20.38 -5.74
N ALA D 38 30.51 -21.29 -4.78
CA ALA D 38 29.35 -22.20 -4.70
C ALA D 38 28.84 -22.25 -3.27
N ASN D 39 27.51 -22.29 -3.10
CA ASN D 39 26.84 -22.56 -1.81
C ASN D 39 26.87 -24.08 -1.58
N THR D 40 27.17 -24.52 -0.36
CA THR D 40 27.05 -25.93 0.09
C THR D 40 25.58 -26.25 0.38
N SER D 41 25.28 -27.53 0.58
CA SER D 41 23.94 -28.01 1.00
C SER D 41 23.67 -27.68 2.48
N ASP D 42 24.66 -27.19 3.23
CA ASP D 42 24.46 -26.79 4.65
C ASP D 42 24.62 -25.27 4.79
N GLY D 43 24.41 -24.54 3.69
CA GLY D 43 24.24 -23.07 3.64
C GLY D 43 25.52 -22.33 3.94
N ARG D 44 26.67 -22.81 3.45
CA ARG D 44 27.98 -22.12 3.60
C ARG D 44 28.59 -21.85 2.21
N ILE D 45 29.24 -20.71 2.03
CA ILE D 45 29.98 -20.42 0.76
C ILE D 45 31.28 -21.20 0.81
N GLU D 46 31.59 -21.94 -0.26
CA GLU D 46 32.95 -22.50 -0.51
C GLU D 46 33.48 -21.86 -1.79
N VAL D 47 34.77 -21.47 -1.78
CA VAL D 47 35.47 -20.84 -2.92
C VAL D 47 36.62 -21.75 -3.35
N PHE D 48 36.87 -21.83 -4.66
CA PHE D 48 37.88 -22.73 -5.28
C PHE D 48 38.70 -21.91 -6.28
N GLY D 49 40.01 -21.76 -5.99
CA GLY D 49 40.95 -20.98 -6.79
C GLY D 49 42.19 -21.81 -7.11
N VAL D 50 43.05 -21.29 -7.99
CA VAL D 50 44.34 -21.91 -8.36
C VAL D 50 45.46 -21.18 -7.62
N GLY D 51 46.26 -21.93 -6.84
CA GLY D 51 47.44 -21.41 -6.10
C GLY D 51 48.65 -21.32 -7.01
N GLY D 52 49.73 -20.71 -6.52
CA GLY D 52 50.99 -20.51 -7.27
C GLY D 52 51.66 -21.82 -7.67
N ASP D 53 51.26 -22.92 -7.03
CA ASP D 53 51.76 -24.30 -7.29
C ASP D 53 50.91 -24.97 -8.38
N ASN D 54 49.87 -24.29 -8.89
CA ASN D 54 48.93 -24.79 -9.93
C ASN D 54 47.96 -25.81 -9.32
N ALA D 55 47.92 -25.98 -8.00
CA ALA D 55 46.91 -26.85 -7.32
C ALA D 55 45.60 -26.07 -7.18
N VAL D 56 44.49 -26.78 -7.05
CA VAL D 56 43.19 -26.16 -6.63
C VAL D 56 43.19 -26.08 -5.11
N TRP D 57 42.99 -24.87 -4.59
CA TRP D 57 42.87 -24.55 -3.15
C TRP D 57 41.44 -24.12 -2.87
N ARG D 58 40.93 -24.48 -1.69
CA ARG D 58 39.54 -24.19 -1.31
C ARG D 58 39.53 -23.52 0.07
N ASN D 59 38.55 -22.63 0.29
CA ASN D 59 38.31 -21.92 1.57
C ASN D 59 36.79 -21.88 1.76
N GLY D 60 36.31 -22.04 2.99
CA GLY D 60 34.86 -22.13 3.28
C GLY D 60 34.48 -21.31 4.50
N GLN D 61 33.24 -20.84 4.54
CA GLN D 61 32.65 -20.25 5.76
C GLN D 61 32.57 -21.35 6.82
N THR D 62 32.98 -21.06 8.05
CA THR D 62 33.02 -22.06 9.15
C THR D 62 31.58 -22.47 9.49
N THR D 63 30.64 -21.53 9.40
CA THR D 63 29.19 -21.75 9.58
C THR D 63 28.39 -20.91 8.58
N HIS D 64 27.07 -21.14 8.53
CA HIS D 64 26.15 -20.47 7.57
C HIS D 64 26.02 -18.96 7.88
N THR D 65 26.46 -18.50 9.06
CA THR D 65 26.44 -17.06 9.45
C THR D 65 27.52 -16.30 8.67
N GLY D 66 28.56 -17.01 8.22
CA GLY D 66 29.65 -16.43 7.40
C GLY D 66 30.52 -15.47 8.19
N ALA D 67 30.53 -15.59 9.51
CA ALA D 67 31.26 -14.66 10.42
C ALA D 67 32.76 -14.92 10.33
N SER D 68 33.16 -16.17 10.06
CA SER D 68 34.57 -16.59 9.94
C SER D 68 34.73 -17.62 8.83
N TRP D 69 35.97 -17.80 8.36
CA TRP D 69 36.37 -18.74 7.28
C TRP D 69 37.37 -19.76 7.83
N THR D 70 37.36 -20.96 7.26
CA THR D 70 38.21 -22.12 7.69
C THR D 70 39.69 -21.77 7.49
N GLY D 71 40.00 -20.94 6.49
CA GLY D 71 41.36 -20.79 5.92
C GLY D 71 41.54 -21.73 4.75
N TRP D 72 42.65 -21.59 4.03
CA TRP D 72 42.94 -22.30 2.75
C TRP D 72 43.42 -23.72 3.01
N SER D 73 42.82 -24.71 2.34
CA SER D 73 43.25 -26.12 2.24
C SER D 73 43.47 -26.46 0.76
N SER D 74 44.49 -27.27 0.44
CA SER D 74 44.82 -27.69 -0.94
C SER D 74 44.03 -28.96 -1.28
N LEU D 75 43.37 -28.97 -2.45
CA LEU D 75 42.80 -30.20 -3.07
C LEU D 75 43.84 -30.86 -3.97
N GLY D 76 45.06 -30.31 -4.03
CA GLY D 76 46.15 -30.81 -4.89
C GLY D 76 45.83 -30.66 -6.37
N GLY D 77 46.41 -31.53 -7.20
CA GLY D 77 46.28 -31.49 -8.66
C GLY D 77 47.19 -30.44 -9.30
N SER D 78 47.34 -30.50 -10.63
CA SER D 78 48.04 -29.52 -11.47
C SER D 78 47.08 -29.12 -12.59
N VAL D 79 46.61 -27.87 -12.62
CA VAL D 79 45.44 -27.44 -13.44
C VAL D 79 45.84 -26.34 -14.43
N THR D 80 45.08 -26.24 -15.52
CA THR D 80 45.31 -25.33 -16.68
C THR D 80 44.01 -24.62 -17.08
N SER D 81 43.06 -24.49 -16.16
CA SER D 81 41.82 -23.69 -16.35
C SER D 81 41.38 -23.13 -15.00
N LYS D 82 40.47 -22.16 -15.04
CA LYS D 82 39.67 -21.77 -13.85
C LYS D 82 38.82 -22.97 -13.46
N PRO D 83 38.72 -23.29 -12.15
CA PRO D 83 37.82 -24.34 -11.69
C PRO D 83 36.36 -23.85 -11.78
N ALA D 84 35.43 -24.80 -11.89
CA ALA D 84 33.96 -24.61 -11.86
C ALA D 84 33.40 -25.61 -10.84
N ALA D 85 32.96 -25.11 -9.69
CA ALA D 85 32.32 -25.91 -8.63
C ALA D 85 30.81 -25.92 -8.91
N TYR D 86 30.13 -26.99 -8.50
CA TYR D 86 28.67 -27.12 -8.67
C TYR D 86 28.12 -28.04 -7.57
N LEU D 87 26.92 -27.76 -7.09
CA LEU D 87 26.20 -28.59 -6.09
C LEU D 87 25.32 -29.62 -6.80
N ASN D 88 25.66 -30.90 -6.64
CA ASN D 88 24.82 -32.04 -7.07
C ASN D 88 23.49 -31.98 -6.31
N SER D 89 22.43 -32.60 -6.83
CA SER D 89 21.08 -32.59 -6.19
C SER D 89 21.02 -33.52 -4.97
N ASP D 90 22.08 -34.30 -4.68
CA ASP D 90 22.27 -35.10 -3.43
C ASP D 90 23.13 -34.30 -2.43
N GLY D 91 23.36 -33.02 -2.69
CA GLY D 91 23.95 -32.05 -1.75
C GLY D 91 25.46 -32.14 -1.65
N ARG D 92 26.10 -32.84 -2.58
CA ARG D 92 27.58 -33.00 -2.61
C ARG D 92 28.18 -32.02 -3.63
N LEU D 93 29.11 -31.17 -3.19
CA LEU D 93 29.87 -30.26 -4.08
C LEU D 93 30.78 -31.10 -4.98
N GLU D 94 31.03 -30.59 -6.18
CA GLU D 94 31.90 -31.24 -7.20
C GLU D 94 32.62 -30.13 -7.96
N VAL D 95 33.92 -30.29 -8.19
CA VAL D 95 34.78 -29.27 -8.84
C VAL D 95 35.29 -29.87 -10.16
N PHE D 96 35.24 -29.08 -11.23
CA PHE D 96 35.66 -29.43 -12.60
C PHE D 96 36.80 -28.50 -13.02
N VAL D 97 37.83 -29.03 -13.66
CA VAL D 97 38.98 -28.20 -14.08
C VAL D 97 39.66 -28.91 -15.24
N ARG D 98 40.29 -28.14 -16.13
CA ARG D 98 41.16 -28.74 -17.16
C ARG D 98 42.47 -29.12 -16.48
N GLY D 99 42.99 -30.31 -16.79
CA GLY D 99 44.25 -30.84 -16.23
C GLY D 99 45.47 -30.42 -17.05
N SER D 100 46.65 -30.85 -16.60
CA SER D 100 47.97 -30.62 -17.25
C SER D 100 47.97 -31.25 -18.66
N ASP D 101 47.12 -32.25 -18.87
CA ASP D 101 47.00 -33.03 -20.14
C ASP D 101 45.85 -32.50 -21.02
N ASN D 102 45.23 -31.38 -20.61
CA ASN D 102 44.10 -30.70 -21.32
C ASN D 102 42.83 -31.58 -21.31
N ALA D 103 42.78 -32.64 -20.51
CA ALA D 103 41.55 -33.43 -20.24
C ALA D 103 40.74 -32.68 -19.18
N LEU D 104 39.45 -33.00 -19.07
CA LEU D 104 38.60 -32.56 -17.94
C LEU D 104 38.86 -33.50 -16.76
N TRP D 105 39.09 -32.94 -15.57
CA TRP D 105 39.20 -33.71 -14.31
C TRP D 105 38.15 -33.19 -13.33
N HIS D 106 37.74 -34.04 -12.39
CA HIS D 106 36.72 -33.67 -11.37
C HIS D 106 37.10 -34.29 -10.01
N ASN D 107 36.66 -33.63 -8.95
CA ASN D 107 36.90 -33.99 -7.53
C ASN D 107 35.58 -33.70 -6.81
N TRP D 108 35.05 -34.66 -6.05
CA TRP D 108 33.69 -34.56 -5.45
C TRP D 108 33.75 -34.92 -3.97
N GLN D 109 32.89 -34.28 -3.17
CA GLN D 109 32.63 -34.70 -1.78
C GLN D 109 32.02 -36.10 -1.84
N THR D 110 32.53 -37.05 -1.05
CA THR D 110 32.10 -38.47 -1.06
C THR D 110 30.84 -38.60 -0.21
N THR D 111 30.70 -37.74 0.79
CA THR D 111 29.41 -37.42 1.45
C THR D 111 29.31 -35.89 1.55
N PRO D 112 28.10 -35.30 1.65
CA PRO D 112 27.98 -33.84 1.71
C PRO D 112 28.93 -33.22 2.77
N ASN D 113 29.72 -32.23 2.34
CA ASN D 113 30.48 -31.31 3.22
C ASN D 113 31.54 -32.07 4.04
N ALA D 114 31.97 -33.25 3.55
CA ALA D 114 32.95 -34.13 4.23
C ALA D 114 34.20 -34.28 3.35
N SER D 115 34.76 -35.49 3.25
CA SER D 115 36.07 -35.77 2.62
C SER D 115 35.93 -35.72 1.09
N TRP D 116 37.02 -35.38 0.39
CA TRP D 116 37.08 -35.23 -1.09
C TRP D 116 37.65 -36.50 -1.72
N SER D 117 37.18 -36.82 -2.92
CA SER D 117 37.46 -38.06 -3.67
C SER D 117 38.92 -38.09 -4.14
N GLY D 118 39.52 -36.92 -4.35
CA GLY D 118 40.73 -36.75 -5.18
C GLY D 118 40.36 -36.65 -6.65
N TRP D 119 41.35 -36.37 -7.51
CA TRP D 119 41.13 -36.00 -8.94
C TRP D 119 40.99 -37.24 -9.82
N GLN D 120 39.84 -37.38 -10.47
CA GLN D 120 39.52 -38.43 -11.48
C GLN D 120 39.47 -37.78 -12.86
N SER D 121 40.03 -38.43 -13.89
CA SER D 121 39.97 -37.95 -15.29
C SER D 121 38.62 -38.31 -15.92
N LEU D 122 38.02 -37.36 -16.65
CA LEU D 122 36.87 -37.60 -17.55
C LEU D 122 37.33 -37.46 -19.01
N GLY D 123 38.64 -37.50 -19.23
CA GLY D 123 39.26 -37.49 -20.58
C GLY D 123 38.87 -36.25 -21.37
N GLY D 124 38.92 -36.37 -22.70
CA GLY D 124 38.66 -35.29 -23.67
C GLY D 124 39.92 -34.47 -23.93
N ALA D 125 39.82 -33.50 -24.83
CA ALA D 125 40.87 -32.53 -25.20
C ALA D 125 40.24 -31.13 -25.30
N LEU D 126 40.46 -30.31 -24.27
CA LEU D 126 39.67 -29.08 -24.03
C LEU D 126 40.56 -27.85 -24.25
N THR D 127 39.93 -26.75 -24.68
CA THR D 127 40.61 -25.50 -25.08
C THR D 127 39.91 -24.31 -24.41
N SER D 128 39.14 -24.57 -23.35
CA SER D 128 38.45 -23.51 -22.56
C SER D 128 38.26 -23.95 -21.11
N ASN D 129 37.83 -23.01 -20.27
CA ASN D 129 37.26 -23.29 -18.93
C ASN D 129 36.03 -24.18 -19.12
N PRO D 130 35.79 -25.15 -18.21
CA PRO D 130 34.54 -25.91 -18.19
C PRO D 130 33.47 -25.08 -17.49
N ALA D 131 32.24 -25.12 -18.01
CA ALA D 131 31.03 -24.55 -17.37
C ALA D 131 30.04 -25.69 -17.14
N VAL D 132 29.32 -25.63 -16.02
CA VAL D 132 28.52 -26.78 -15.50
C VAL D 132 27.10 -26.30 -15.23
N TYR D 133 26.11 -27.15 -15.50
CA TYR D 133 24.72 -26.96 -15.03
C TYR D 133 24.08 -28.31 -14.74
N ILE D 134 22.96 -28.28 -14.02
CA ILE D 134 22.20 -29.51 -13.68
C ILE D 134 20.94 -29.53 -14.55
N ASN D 135 20.71 -30.65 -15.22
CA ASN D 135 19.50 -30.93 -16.02
C ASN D 135 18.28 -31.04 -15.09
N ALA D 136 17.09 -31.02 -15.69
CA ALA D 136 15.79 -31.13 -14.97
C ALA D 136 15.66 -32.53 -14.33
N ASP D 137 16.53 -33.48 -14.69
CA ASP D 137 16.52 -34.89 -14.17
C ASP D 137 17.67 -35.11 -13.17
N GLY D 138 18.38 -34.06 -12.75
CA GLY D 138 19.39 -34.11 -11.68
C GLY D 138 20.75 -34.58 -12.19
N ARG D 139 20.93 -34.73 -13.50
CA ARG D 139 22.28 -35.04 -14.07
C ARG D 139 23.04 -33.76 -14.39
N LEU D 140 24.24 -33.63 -13.82
CA LEU D 140 25.20 -32.57 -14.21
C LEU D 140 25.60 -32.73 -15.67
N GLU D 141 25.83 -31.62 -16.35
CA GLU D 141 26.29 -31.61 -17.76
C GLU D 141 27.33 -30.50 -17.86
N VAL D 142 28.48 -30.85 -18.43
CA VAL D 142 29.68 -29.97 -18.49
C VAL D 142 29.94 -29.60 -19.95
N PHE D 143 30.18 -28.31 -20.18
CA PHE D 143 30.41 -27.69 -21.51
C PHE D 143 31.82 -27.10 -21.51
N ALA D 144 32.56 -27.30 -22.60
CA ALA D 144 33.88 -26.69 -22.81
C ALA D 144 34.17 -26.69 -24.31
N ARG D 145 34.99 -25.75 -24.77
CA ARG D 145 35.51 -25.76 -26.15
C ARG D 145 36.49 -26.94 -26.29
N GLY D 146 36.39 -27.66 -27.39
CA GLY D 146 37.18 -28.87 -27.68
C GLY D 146 38.39 -28.54 -28.55
N LEU D 147 39.19 -29.56 -28.86
CA LEU D 147 40.43 -29.44 -29.66
C LEU D 147 40.17 -28.79 -31.02
N ASP D 148 38.99 -29.01 -31.62
CA ASP D 148 38.61 -28.48 -32.96
C ASP D 148 37.85 -27.15 -32.82
N ASN D 149 37.90 -26.53 -31.64
CA ASN D 149 37.32 -25.20 -31.32
C ASN D 149 35.79 -25.22 -31.45
N THR D 150 35.17 -26.41 -31.49
CA THR D 150 33.69 -26.56 -31.42
C THR D 150 33.29 -26.60 -29.95
N LEU D 151 31.98 -26.53 -29.67
CA LEU D 151 31.41 -26.72 -28.32
C LEU D 151 31.34 -28.22 -28.04
N TRP D 152 32.00 -28.68 -26.97
CA TRP D 152 31.95 -30.08 -26.47
C TRP D 152 31.08 -30.16 -25.22
N HIS D 153 30.53 -31.34 -24.94
CA HIS D 153 29.82 -31.57 -23.66
C HIS D 153 29.88 -33.05 -23.29
N ILE D 154 29.60 -33.30 -22.01
CA ILE D 154 29.73 -34.59 -21.28
C ILE D 154 28.75 -34.50 -20.11
N TRP D 155 28.14 -35.61 -19.71
CA TRP D 155 27.08 -35.60 -18.66
C TRP D 155 27.21 -36.84 -17.78
N GLN D 156 26.76 -36.72 -16.54
CA GLN D 156 26.46 -37.89 -15.67
C GLN D 156 25.41 -38.73 -16.39
N THR D 157 25.58 -40.06 -16.39
CA THR D 157 24.63 -41.00 -17.04
C THR D 157 23.44 -41.21 -16.09
N ALA D 158 23.66 -41.07 -14.78
CA ALA D 158 22.60 -41.15 -13.75
C ALA D 158 22.66 -39.90 -12.86
N PRO D 159 21.51 -39.47 -12.28
CA PRO D 159 21.49 -38.26 -11.45
C PRO D 159 22.53 -38.33 -10.33
N HIS D 160 23.29 -37.23 -10.14
CA HIS D 160 24.24 -37.01 -9.03
C HIS D 160 25.17 -38.22 -8.85
N SER D 161 25.66 -38.82 -9.95
CA SER D 161 26.47 -40.06 -9.89
C SER D 161 27.37 -40.22 -11.10
N ASN D 162 28.56 -40.78 -10.86
CA ASN D 162 29.40 -41.47 -11.88
C ASN D 162 28.67 -42.73 -12.34
N PRO D 163 28.97 -43.27 -13.54
CA PRO D 163 30.01 -42.75 -14.42
C PRO D 163 29.45 -41.64 -15.32
N TRP D 164 30.30 -41.11 -16.21
CA TRP D 164 29.92 -40.07 -17.19
C TRP D 164 29.85 -40.68 -18.59
N SER D 165 29.12 -40.01 -19.48
CA SER D 165 29.13 -40.28 -20.95
C SER D 165 30.56 -40.13 -21.47
N SER D 166 30.78 -40.53 -22.72
CA SER D 166 31.94 -40.06 -23.52
C SER D 166 31.67 -38.63 -23.97
N TRP D 167 32.59 -38.02 -24.73
CA TRP D 167 32.48 -36.62 -25.21
C TRP D 167 31.74 -36.60 -26.55
N TYR D 168 30.96 -35.53 -26.76
CA TYR D 168 30.21 -35.24 -28.00
C TYR D 168 30.42 -33.77 -28.36
N SER D 169 30.57 -33.47 -29.65
CA SER D 169 30.66 -32.09 -30.19
C SER D 169 29.28 -31.63 -30.66
N LEU D 170 28.87 -30.44 -30.24
CA LEU D 170 27.64 -29.76 -30.74
C LEU D 170 28.02 -28.82 -31.88
N GLY D 171 29.31 -28.75 -32.24
CA GLY D 171 29.80 -28.07 -33.46
C GLY D 171 29.97 -26.58 -33.28
N HIS D 172 30.08 -25.85 -34.40
CA HIS D 172 30.33 -24.39 -34.49
C HIS D 172 31.82 -24.12 -34.22
N VAL D 173 32.24 -22.86 -34.33
CA VAL D 173 33.58 -22.36 -33.90
C VAL D 173 33.35 -21.29 -32.84
N ILE D 174 33.92 -21.44 -31.65
CA ILE D 174 33.71 -20.47 -30.54
C ILE D 174 35.08 -19.96 -30.07
N THR D 175 35.09 -18.75 -29.50
CA THR D 175 36.29 -17.95 -29.21
C THR D 175 36.27 -17.45 -27.75
N SER D 176 35.30 -17.90 -26.96
CA SER D 176 35.16 -17.52 -25.53
C SER D 176 34.93 -18.79 -24.71
N ASN D 177 35.07 -18.70 -23.39
CA ASN D 177 34.58 -19.76 -22.47
C ASN D 177 33.07 -19.81 -22.65
N PRO D 178 32.45 -21.01 -22.69
CA PRO D 178 31.01 -21.12 -22.81
C PRO D 178 30.35 -20.78 -21.45
N ALA D 179 29.11 -20.31 -21.51
CA ALA D 179 28.23 -20.10 -20.33
C ALA D 179 26.95 -20.91 -20.55
N VAL D 180 26.42 -21.50 -19.48
CA VAL D 180 25.24 -22.39 -19.54
C VAL D 180 24.24 -21.94 -18.46
N HIS D 181 22.95 -22.01 -18.79
CA HIS D 181 21.84 -21.80 -17.84
C HIS D 181 20.69 -22.72 -18.28
N ILE D 182 19.57 -22.66 -17.57
CA ILE D 182 18.38 -23.49 -17.88
C ILE D 182 17.19 -22.55 -18.04
N ASN D 183 16.37 -22.81 -19.07
CA ASN D 183 15.13 -22.05 -19.34
C ASN D 183 14.09 -22.39 -18.27
N ALA D 184 13.00 -21.62 -18.26
CA ALA D 184 11.85 -21.80 -17.35
C ALA D 184 11.23 -23.20 -17.54
N ASP D 185 11.41 -23.81 -18.72
CA ASP D 185 10.76 -25.08 -19.11
C ASP D 185 11.76 -26.25 -19.01
N GLY D 186 12.95 -26.01 -18.46
CA GLY D 186 13.94 -27.04 -18.10
C GLY D 186 14.93 -27.34 -19.22
N ARG D 187 14.86 -26.66 -20.35
CA ARG D 187 15.82 -26.86 -21.47
C ARG D 187 17.14 -26.15 -21.15
N LEU D 188 18.26 -26.87 -21.16
CA LEU D 188 19.61 -26.26 -21.04
C LEU D 188 19.83 -25.39 -22.28
N GLU D 189 20.52 -24.27 -22.09
CA GLU D 189 20.87 -23.33 -23.18
C GLU D 189 22.29 -22.83 -22.95
N VAL D 190 23.13 -22.93 -23.98
CA VAL D 190 24.58 -22.58 -23.91
C VAL D 190 24.84 -21.36 -24.79
N PHE D 191 25.70 -20.48 -24.30
CA PHE D 191 26.11 -19.19 -24.90
C PHE D 191 27.64 -19.18 -25.03
N ALA D 192 28.14 -18.69 -26.16
CA ALA D 192 29.58 -18.56 -26.44
C ALA D 192 29.76 -17.53 -27.56
N ARG D 193 30.85 -16.77 -27.50
CA ARG D 193 31.23 -15.84 -28.60
C ARG D 193 31.71 -16.67 -29.79
N GLY D 194 31.30 -16.27 -31.00
CA GLY D 194 31.75 -16.89 -32.27
C GLY D 194 32.99 -16.21 -32.83
N ALA D 195 33.51 -16.70 -33.94
CA ALA D 195 34.71 -16.16 -34.63
C ALA D 195 34.42 -14.78 -35.21
N ASP D 196 33.14 -14.41 -35.29
CA ASP D 196 32.62 -13.06 -35.68
C ASP D 196 32.55 -12.14 -34.45
N ASN D 197 32.87 -12.68 -33.26
CA ASN D 197 32.83 -11.99 -31.94
C ASN D 197 31.37 -11.71 -31.56
N ALA D 198 30.42 -12.33 -32.27
CA ALA D 198 28.97 -12.26 -31.97
C ALA D 198 28.61 -13.27 -30.88
N LEU D 199 27.51 -13.02 -30.18
CA LEU D 199 26.95 -13.96 -29.17
C LEU D 199 26.16 -15.04 -29.91
N TRP D 200 26.58 -16.30 -29.79
CA TRP D 200 25.86 -17.46 -30.36
C TRP D 200 25.24 -18.27 -29.21
N HIS D 201 24.15 -18.97 -29.49
CA HIS D 201 23.51 -19.85 -28.47
C HIS D 201 22.82 -21.04 -29.14
N ILE D 202 22.64 -22.09 -28.35
CA ILE D 202 22.08 -23.39 -28.78
C ILE D 202 21.40 -23.99 -27.54
N TRP D 203 20.34 -24.77 -27.73
CA TRP D 203 19.52 -25.28 -26.60
C TRP D 203 19.07 -26.72 -26.86
N GLN D 204 18.83 -27.47 -25.79
CA GLN D 204 18.07 -28.74 -25.81
C GLN D 204 16.71 -28.46 -26.46
N THR D 205 16.25 -29.37 -27.31
CA THR D 205 14.93 -29.27 -28.01
C THR D 205 13.81 -29.41 -26.98
N ALA D 206 14.05 -30.21 -25.93
CA ALA D 206 13.22 -30.36 -24.72
C ALA D 206 14.13 -30.80 -23.57
N PRO D 207 13.71 -30.74 -22.29
CA PRO D 207 14.61 -31.10 -21.19
C PRO D 207 15.30 -32.46 -21.41
N HIS D 208 16.64 -32.44 -21.45
CA HIS D 208 17.52 -33.63 -21.65
C HIS D 208 16.90 -34.56 -22.71
N SER D 209 16.47 -33.99 -23.85
CA SER D 209 15.68 -34.70 -24.90
C SER D 209 16.55 -35.72 -25.63
N GLY D 210 17.87 -35.51 -25.67
CA GLY D 210 18.80 -36.28 -26.51
C GLY D 210 19.12 -35.54 -27.80
N TYR D 211 18.46 -34.40 -28.02
CA TYR D 211 18.58 -33.55 -29.24
C TYR D 211 18.78 -32.08 -28.82
N TRP D 212 19.54 -31.34 -29.64
CA TRP D 212 19.78 -29.88 -29.48
C TRP D 212 19.29 -29.15 -30.74
N SER D 213 19.06 -27.85 -30.61
CA SER D 213 18.66 -26.93 -31.70
C SER D 213 19.83 -26.73 -32.67
N GLY D 214 19.58 -25.99 -33.74
CA GLY D 214 20.63 -25.34 -34.52
C GLY D 214 21.28 -24.22 -33.72
N TRP D 215 22.50 -23.84 -34.11
CA TRP D 215 23.19 -22.63 -33.60
C TRP D 215 22.48 -21.39 -34.14
N HIS D 216 22.23 -20.40 -33.28
CA HIS D 216 21.60 -19.11 -33.66
C HIS D 216 22.49 -17.96 -33.19
N SER D 217 22.57 -16.89 -33.99
CA SER D 217 23.37 -15.68 -33.68
C SER D 217 22.46 -14.61 -33.08
N LEU D 218 22.86 -14.05 -31.94
CA LEU D 218 22.22 -12.87 -31.33
C LEU D 218 23.03 -11.61 -31.68
N GLY D 219 24.07 -11.74 -32.50
CA GLY D 219 24.87 -10.61 -33.03
C GLY D 219 25.70 -9.96 -31.95
N GLY D 220 26.00 -8.66 -32.11
CA GLY D 220 26.87 -7.90 -31.19
C GLY D 220 28.34 -8.15 -31.46
N VAL D 221 29.22 -7.38 -30.81
CA VAL D 221 30.70 -7.55 -30.88
C VAL D 221 31.22 -7.62 -29.43
N LEU D 222 31.44 -8.85 -28.94
CA LEU D 222 31.80 -9.16 -27.52
C LEU D 222 33.32 -9.06 -27.34
N SER D 223 33.77 -8.48 -26.23
CA SER D 223 35.20 -8.45 -25.78
C SER D 223 35.33 -9.14 -24.42
N SER D 224 34.41 -10.06 -24.11
CA SER D 224 34.43 -10.89 -22.88
C SER D 224 33.61 -12.16 -23.08
N ASP D 225 33.71 -13.09 -22.13
CA ASP D 225 32.76 -14.22 -21.97
C ASP D 225 31.35 -13.68 -21.77
N PRO D 226 30.31 -14.39 -22.25
CA PRO D 226 28.93 -14.05 -21.89
C PRO D 226 28.68 -14.54 -20.46
N VAL D 227 27.86 -13.81 -19.69
CA VAL D 227 27.37 -14.26 -18.37
C VAL D 227 25.85 -14.15 -18.38
N VAL D 228 25.19 -15.20 -17.90
CA VAL D 228 23.74 -15.40 -18.08
C VAL D 228 23.10 -15.47 -16.70
N ALA D 229 21.94 -14.83 -16.58
CA ALA D 229 21.00 -14.93 -15.45
C ALA D 229 19.65 -15.38 -15.99
N ARG D 230 18.78 -15.90 -15.13
CA ARG D 230 17.34 -16.04 -15.48
C ARG D 230 16.56 -15.14 -14.54
N THR D 231 15.72 -14.28 -15.12
CA THR D 231 14.89 -13.31 -14.35
C THR D 231 13.85 -14.10 -13.56
N VAL D 232 13.27 -13.48 -12.53
CA VAL D 232 12.25 -14.14 -11.66
C VAL D 232 11.05 -14.57 -12.53
N ASP D 233 10.75 -13.82 -13.60
CA ASP D 233 9.63 -14.12 -14.53
C ASP D 233 10.09 -15.08 -15.64
N GLY D 234 11.29 -15.68 -15.52
CA GLY D 234 11.72 -16.88 -16.25
C GLY D 234 12.39 -16.59 -17.60
N ARG D 235 12.97 -15.41 -17.79
CA ARG D 235 13.60 -14.99 -19.07
C ARG D 235 15.12 -14.99 -18.92
N LEU D 236 15.83 -15.64 -19.84
CA LEU D 236 17.32 -15.60 -19.87
C LEU D 236 17.73 -14.17 -20.25
N GLU D 237 18.72 -13.62 -19.54
CA GLU D 237 19.35 -12.30 -19.83
C GLU D 237 20.85 -12.51 -19.81
N VAL D 238 21.54 -12.07 -20.87
CA VAL D 238 23.00 -12.25 -21.07
C VAL D 238 23.69 -10.89 -20.98
N PHE D 239 24.74 -10.81 -20.15
CA PHE D 239 25.61 -9.60 -19.96
C PHE D 239 27.00 -9.87 -20.54
N VAL D 240 27.56 -8.85 -21.20
CA VAL D 240 28.90 -8.93 -21.87
C VAL D 240 29.60 -7.58 -21.71
N ARG D 241 30.93 -7.55 -21.81
CA ARG D 241 31.67 -6.33 -22.20
C ARG D 241 31.74 -6.32 -23.72
N ALA D 242 31.44 -5.19 -24.35
CA ALA D 242 31.42 -5.05 -25.82
C ALA D 242 32.72 -4.38 -26.28
N VAL D 243 32.87 -4.20 -27.58
CA VAL D 243 34.10 -3.64 -28.25
C VAL D 243 34.35 -2.21 -27.79
N ASP D 244 33.32 -1.51 -27.27
CA ASP D 244 33.42 -0.11 -26.75
C ASP D 244 33.78 -0.13 -25.26
N ASN D 245 33.98 -1.33 -24.68
CA ASN D 245 34.38 -1.56 -23.27
C ASN D 245 33.22 -1.21 -22.32
N ALA D 246 32.01 -1.02 -22.85
CA ALA D 246 30.78 -0.79 -22.06
C ALA D 246 30.14 -2.14 -21.73
N LEU D 247 29.38 -2.19 -20.63
CA LEU D 247 28.45 -3.31 -20.29
C LEU D 247 27.25 -3.24 -21.25
N TRP D 248 26.97 -4.35 -21.95
CA TRP D 248 25.76 -4.52 -22.81
C TRP D 248 24.98 -5.74 -22.31
N HIS D 249 23.68 -5.80 -22.61
CA HIS D 249 22.82 -6.96 -22.27
C HIS D 249 21.73 -7.14 -23.33
N ILE D 250 21.17 -8.35 -23.37
CA ILE D 250 20.12 -8.79 -24.32
C ILE D 250 19.32 -9.84 -23.56
N TRP D 251 18.02 -9.98 -23.85
CA TRP D 251 17.12 -10.85 -23.06
C TRP D 251 16.08 -11.50 -23.97
N GLN D 252 15.66 -12.71 -23.63
CA GLN D 252 14.38 -13.31 -24.12
C GLN D 252 13.28 -12.30 -23.76
N THR D 253 12.32 -12.09 -24.66
CA THR D 253 11.18 -11.16 -24.43
C THR D 253 10.12 -11.85 -23.56
N ALA D 254 10.20 -13.17 -23.39
CA ALA D 254 9.23 -13.98 -22.62
C ALA D 254 9.88 -15.32 -22.25
N PRO D 255 9.37 -16.04 -21.23
CA PRO D 255 9.92 -17.34 -20.89
C PRO D 255 9.99 -18.23 -22.14
N ASN D 256 11.13 -18.91 -22.37
CA ASN D 256 11.25 -19.92 -23.46
C ASN D 256 11.09 -19.22 -24.82
N SER D 257 11.25 -17.89 -24.87
CA SER D 257 10.82 -17.05 -26.02
C SER D 257 11.59 -17.41 -27.28
N SER D 258 10.89 -17.52 -28.41
CA SER D 258 11.46 -17.65 -29.78
C SER D 258 11.89 -16.28 -30.30
N GLN D 259 11.90 -15.23 -29.45
CA GLN D 259 12.26 -13.84 -29.82
C GLN D 259 13.04 -13.18 -28.68
N TRP D 260 14.23 -12.65 -28.98
CA TRP D 260 15.08 -11.87 -28.03
C TRP D 260 14.94 -10.37 -28.32
N SER D 261 15.31 -9.54 -27.35
CA SER D 261 15.40 -8.07 -27.47
C SER D 261 16.54 -7.68 -28.40
N ASN D 262 16.64 -6.38 -28.71
CA ASN D 262 17.87 -5.76 -29.25
C ASN D 262 18.90 -5.67 -28.11
N TRP D 263 20.18 -5.58 -28.47
CA TRP D 263 21.28 -5.21 -27.54
C TRP D 263 21.01 -3.82 -26.95
N ALA D 264 21.25 -3.66 -25.65
CA ALA D 264 21.16 -2.36 -24.94
C ALA D 264 22.45 -2.13 -24.13
N SER D 265 22.94 -0.89 -24.14
CA SER D 265 24.16 -0.46 -23.41
C SER D 265 23.78 0.00 -22.00
N LEU D 266 24.49 -0.49 -20.99
CA LEU D 266 24.44 0.04 -19.61
C LEU D 266 25.67 0.92 -19.35
N GLY D 267 26.47 1.16 -20.40
CA GLY D 267 27.60 2.12 -20.41
C GLY D 267 28.76 1.66 -19.56
N GLY D 268 29.52 2.62 -19.00
CA GLY D 268 30.70 2.37 -18.17
C GLY D 268 31.91 2.02 -19.01
N THR D 269 33.09 1.94 -18.37
CA THR D 269 34.36 1.48 -18.98
C THR D 269 34.94 0.40 -18.06
N ILE D 270 34.68 -0.87 -18.39
CA ILE D 270 34.98 -2.03 -17.50
C ILE D 270 36.14 -2.84 -18.08
N THR D 271 36.93 -3.45 -17.20
CA THR D 271 38.22 -4.13 -17.50
C THR D 271 38.16 -5.57 -17.00
N SER D 272 36.96 -6.09 -16.77
CA SER D 272 36.71 -7.50 -16.33
C SER D 272 35.39 -7.99 -16.91
N ALA D 273 35.26 -9.33 -17.02
CA ALA D 273 33.96 -10.00 -17.19
C ALA D 273 33.03 -9.45 -16.12
N PRO D 274 31.75 -9.19 -16.45
CA PRO D 274 30.75 -8.86 -15.43
C PRO D 274 30.30 -10.11 -14.68
N ALA D 275 29.73 -9.90 -13.50
CA ALA D 275 29.13 -10.93 -12.63
C ALA D 275 27.71 -10.47 -12.30
N VAL D 276 26.72 -11.35 -12.46
CA VAL D 276 25.29 -10.99 -12.33
C VAL D 276 24.66 -11.87 -11.24
N ILE D 277 23.80 -11.26 -10.41
CA ILE D 277 23.03 -11.99 -9.37
C ILE D 277 21.75 -11.22 -9.07
N LYS D 278 20.66 -11.93 -8.82
CA LYS D 278 19.38 -11.32 -8.38
C LYS D 278 19.54 -10.91 -6.91
N TYR D 279 19.10 -9.69 -6.59
CA TYR D 279 18.95 -9.15 -5.22
C TYR D 279 17.79 -9.92 -4.55
N PHE D 280 17.57 -9.72 -3.24
CA PHE D 280 16.56 -10.49 -2.47
C PHE D 280 15.15 -10.23 -3.02
N ASP D 281 14.93 -9.10 -3.71
CA ASP D 281 13.62 -8.72 -4.31
C ASP D 281 13.62 -9.02 -5.82
N ASN D 282 14.67 -9.72 -6.28
CA ASN D 282 14.83 -10.31 -7.64
C ASN D 282 15.30 -9.26 -8.66
N ARG D 283 15.61 -8.02 -8.26
CA ARG D 283 16.24 -7.04 -9.18
C ARG D 283 17.63 -7.54 -9.55
N LEU D 284 17.99 -7.53 -10.83
CA LEU D 284 19.34 -7.95 -11.29
C LEU D 284 20.37 -6.93 -10.80
N VAL D 285 21.51 -7.40 -10.28
CA VAL D 285 22.68 -6.57 -9.91
C VAL D 285 23.89 -7.10 -10.68
N VAL D 286 24.61 -6.20 -11.34
CA VAL D 286 25.83 -6.55 -12.15
C VAL D 286 27.03 -5.84 -11.53
N PHE D 287 28.09 -6.61 -11.28
CA PHE D 287 29.39 -6.17 -10.71
C PHE D 287 30.46 -6.34 -11.79
N ALA D 288 31.45 -5.46 -11.81
CA ALA D 288 32.58 -5.50 -12.78
C ALA D 288 33.73 -4.63 -12.26
N ARG D 289 34.97 -4.98 -12.58
CA ARG D 289 36.13 -4.07 -12.36
C ARG D 289 36.01 -2.95 -13.40
N ALA D 290 36.29 -1.71 -12.99
CA ALA D 290 36.28 -0.52 -13.87
C ALA D 290 37.73 -0.11 -14.17
N ILE D 291 37.91 0.89 -15.03
CA ILE D 291 39.24 1.40 -15.49
C ILE D 291 40.10 1.84 -14.30
N ASP D 292 39.48 2.27 -13.19
CA ASP D 292 40.18 2.69 -11.95
C ASP D 292 40.54 1.46 -11.11
N ASN D 293 40.21 0.25 -11.58
CA ASN D 293 40.49 -1.07 -10.94
C ASN D 293 39.73 -1.19 -9.61
N ALA D 294 38.69 -0.38 -9.39
CA ALA D 294 37.75 -0.51 -8.26
C ALA D 294 36.62 -1.47 -8.66
N LEU D 295 35.95 -2.07 -7.69
CA LEU D 295 34.69 -2.83 -7.91
C LEU D 295 33.56 -1.82 -8.08
N TRP D 296 32.94 -1.80 -9.26
CA TRP D 296 31.72 -0.99 -9.58
C TRP D 296 30.51 -1.93 -9.69
N HIS D 297 29.30 -1.41 -9.48
CA HIS D 297 28.05 -2.20 -9.67
C HIS D 297 26.94 -1.30 -10.23
N ILE D 298 25.99 -1.92 -10.93
CA ILE D 298 24.78 -1.27 -11.52
C ILE D 298 23.63 -2.28 -11.39
N TRP D 299 22.40 -1.81 -11.22
CA TRP D 299 21.25 -2.68 -10.87
C TRP D 299 19.97 -2.19 -11.54
N GLN D 300 19.02 -3.10 -11.74
CA GLN D 300 17.62 -2.78 -12.11
C GLN D 300 16.98 -1.99 -10.96
N ASN D 301 16.18 -0.98 -11.29
CA ASN D 301 15.32 -0.25 -10.32
C ASN D 301 14.03 -1.03 -10.07
N ASP D 302 13.67 -1.96 -10.97
CA ASP D 302 12.45 -2.80 -10.88
C ASP D 302 12.59 -3.95 -11.89
N THR D 303 11.69 -4.92 -11.85
CA THR D 303 11.77 -6.19 -12.63
C THR D 303 10.76 -6.19 -13.79
N HIS D 304 10.19 -5.05 -14.17
CA HIS D 304 9.11 -4.96 -15.19
C HIS D 304 9.39 -3.82 -16.19
N SER D 305 9.84 -2.66 -15.71
CA SER D 305 10.43 -1.59 -16.54
C SER D 305 11.91 -1.92 -16.73
N GLY D 306 12.46 -1.68 -17.92
CA GLY D 306 13.88 -1.92 -18.23
C GLY D 306 14.79 -0.87 -17.61
N SER D 307 14.36 -0.19 -16.53
CA SER D 307 15.07 0.94 -15.90
C SER D 307 16.23 0.42 -15.02
N TRP D 308 17.44 0.94 -15.25
CA TRP D 308 18.67 0.58 -14.50
C TRP D 308 19.22 1.82 -13.79
N SER D 309 19.85 1.63 -12.63
CA SER D 309 20.48 2.68 -11.80
C SER D 309 21.66 3.31 -12.54
N ASN D 310 22.33 4.28 -11.90
CA ASN D 310 23.68 4.74 -12.31
C ASN D 310 24.71 3.77 -11.73
N TRP D 311 25.91 3.74 -12.31
CA TRP D 311 27.08 3.02 -11.76
C TRP D 311 27.43 3.58 -10.37
N GLY D 312 27.65 2.69 -9.40
CA GLY D 312 28.12 3.01 -8.04
C GLY D 312 29.39 2.28 -7.72
N SER D 313 30.41 2.96 -7.18
CA SER D 313 31.70 2.33 -6.78
C SER D 313 31.58 1.73 -5.38
N LEU D 314 32.20 0.56 -5.21
CA LEU D 314 32.44 -0.08 -3.89
C LEU D 314 33.94 -0.04 -3.58
N GLY D 315 34.72 0.65 -4.41
CA GLY D 315 36.17 0.86 -4.24
C GLY D 315 36.95 -0.44 -4.38
N GLY D 316 38.10 -0.50 -3.72
CA GLY D 316 39.07 -1.62 -3.81
C GLY D 316 40.06 -1.40 -4.93
N GLY D 317 41.15 -2.17 -4.91
CA GLY D 317 42.14 -2.30 -6.00
C GLY D 317 42.15 -3.72 -6.51
N LEU D 318 41.50 -3.97 -7.64
CA LEU D 318 41.20 -5.34 -8.18
C LEU D 318 42.25 -5.73 -9.23
N SER D 319 42.76 -6.96 -9.12
CA SER D 319 43.64 -7.63 -10.11
C SER D 319 42.88 -8.77 -10.82
N SER D 320 41.55 -8.77 -10.70
CA SER D 320 40.65 -9.79 -11.31
C SER D 320 39.24 -9.22 -11.47
N GLY D 321 38.37 -9.96 -12.15
CA GLY D 321 36.92 -9.73 -12.16
C GLY D 321 36.31 -10.25 -10.87
N PRO D 322 35.05 -9.84 -10.55
CA PRO D 322 34.36 -10.35 -9.38
C PRO D 322 33.62 -11.66 -9.69
N ASP D 323 33.41 -12.46 -8.66
CA ASP D 323 32.44 -13.59 -8.64
C ASP D 323 31.47 -13.35 -7.49
N VAL D 324 30.19 -13.66 -7.70
CA VAL D 324 29.09 -13.32 -6.78
C VAL D 324 28.23 -14.55 -6.49
N VAL D 325 27.62 -14.57 -5.31
CA VAL D 325 26.70 -15.64 -4.83
C VAL D 325 25.78 -14.98 -3.80
N GLU D 326 24.61 -15.56 -3.57
CA GLU D 326 23.72 -15.22 -2.43
C GLU D 326 24.06 -16.14 -1.24
N ASN D 327 24.35 -15.55 -0.08
CA ASN D 327 24.73 -16.31 1.14
C ASN D 327 23.47 -16.75 1.90
N ALA D 328 23.64 -17.44 3.04
CA ALA D 328 22.54 -18.05 3.83
C ALA D 328 21.78 -16.98 4.61
N ASN D 329 22.29 -15.74 4.65
CA ASN D 329 21.57 -14.58 5.24
C ASN D 329 20.69 -13.94 4.15
N GLY D 330 20.77 -14.43 2.91
CA GLY D 330 19.95 -13.97 1.77
C GLY D 330 20.51 -12.70 1.15
N TYR D 331 21.81 -12.46 1.30
CA TYR D 331 22.52 -11.23 0.85
C TYR D 331 23.61 -11.60 -0.16
N ILE D 332 23.97 -10.64 -1.00
CA ILE D 332 25.00 -10.78 -2.06
C ILE D 332 26.38 -10.83 -1.39
N GLU D 333 27.22 -11.80 -1.75
CA GLU D 333 28.66 -11.80 -1.41
C GLU D 333 29.47 -11.67 -2.70
N VAL D 334 30.56 -10.91 -2.65
CA VAL D 334 31.46 -10.66 -3.82
C VAL D 334 32.88 -11.09 -3.43
N PHE D 335 33.56 -11.74 -4.37
CA PHE D 335 34.96 -12.23 -4.22
C PHE D 335 35.78 -11.67 -5.38
N VAL D 336 36.92 -11.04 -5.05
CA VAL D 336 37.90 -10.52 -6.05
C VAL D 336 39.31 -10.83 -5.56
N ARG D 337 40.26 -11.00 -6.49
CA ARG D 337 41.71 -10.93 -6.18
C ARG D 337 42.12 -9.45 -6.15
N ALA D 338 42.92 -9.06 -5.16
CA ALA D 338 43.41 -7.66 -4.99
C ALA D 338 44.87 -7.58 -5.44
N THR D 339 45.44 -6.37 -5.47
CA THR D 339 46.83 -6.08 -5.90
C THR D 339 47.82 -6.99 -5.15
N ASP D 340 47.49 -7.40 -3.92
CA ASP D 340 48.35 -8.30 -3.08
C ASP D 340 48.16 -9.77 -3.48
N ASN D 341 47.22 -10.06 -4.40
CA ASN D 341 46.95 -11.40 -4.98
C ASN D 341 46.22 -12.29 -3.96
N ALA D 342 45.71 -11.70 -2.88
CA ALA D 342 44.87 -12.37 -1.86
C ALA D 342 43.42 -12.39 -2.36
N LEU D 343 42.61 -13.31 -1.84
CA LEU D 343 41.15 -13.28 -2.03
C LEU D 343 40.55 -12.32 -1.01
N TRP D 344 39.84 -11.30 -1.48
CA TRP D 344 39.11 -10.31 -0.66
C TRP D 344 37.60 -10.54 -0.81
N ASN D 345 36.84 -10.14 0.21
CA ASN D 345 35.38 -10.37 0.33
C ASN D 345 34.70 -9.06 0.73
N ILE D 346 33.63 -8.68 0.01
CA ILE D 346 32.64 -7.67 0.46
C ILE D 346 31.24 -8.26 0.26
N LYS D 347 30.33 -8.00 1.20
CA LYS D 347 28.97 -8.61 1.19
C LYS D 347 28.00 -7.61 1.83
N ARG D 348 26.72 -7.73 1.49
CA ARG D 348 25.62 -7.02 2.19
C ARG D 348 25.41 -7.72 3.54
N THR D 349 25.23 -6.95 4.62
CA THR D 349 25.05 -7.47 6.01
C THR D 349 23.61 -7.29 6.48
N SER D 350 22.76 -6.64 5.67
CA SER D 350 21.35 -6.29 6.01
C SER D 350 20.67 -5.73 4.76
N PRO D 351 19.38 -5.37 4.82
CA PRO D 351 18.74 -4.68 3.70
C PRO D 351 19.37 -3.33 3.35
N SER D 352 20.16 -2.74 4.26
CA SER D 352 20.57 -1.31 4.24
C SER D 352 22.08 -1.09 4.30
N SER D 353 22.91 -2.13 4.33
CA SER D 353 24.36 -1.97 4.64
C SER D 353 25.24 -2.95 3.86
N TRP D 354 26.43 -2.49 3.48
CA TRP D 354 27.59 -3.33 3.04
C TRP D 354 28.42 -3.76 4.26
N SER D 355 29.18 -4.83 4.10
CA SER D 355 30.22 -5.29 5.06
C SER D 355 31.48 -4.43 4.87
N SER D 356 32.47 -4.62 5.74
CA SER D 356 33.88 -4.18 5.50
C SER D 356 34.46 -5.03 4.37
N TRP D 357 35.41 -4.49 3.61
CA TRP D 357 36.35 -5.29 2.78
C TRP D 357 37.19 -6.14 3.74
N ALA D 358 37.08 -7.47 3.64
CA ALA D 358 37.86 -8.43 4.46
C ALA D 358 38.78 -9.24 3.55
N SER D 359 40.06 -9.37 3.92
CA SER D 359 41.02 -10.27 3.25
C SER D 359 40.82 -11.68 3.78
N LEU D 360 40.63 -12.65 2.87
CA LEU D 360 40.67 -14.10 3.21
C LEU D 360 42.07 -14.63 2.90
N GLY D 361 42.99 -13.74 2.51
CA GLY D 361 44.41 -14.07 2.28
C GLY D 361 44.56 -15.06 1.13
N GLY D 362 45.62 -15.86 1.19
CA GLY D 362 46.05 -16.74 0.08
C GLY D 362 46.77 -15.96 -1.00
N THR D 363 47.39 -16.66 -1.94
CA THR D 363 47.95 -16.12 -3.20
C THR D 363 47.34 -16.91 -4.36
N LEU D 364 46.55 -16.25 -5.21
CA LEU D 364 45.80 -16.89 -6.32
C LEU D 364 46.39 -16.41 -7.66
N ILE D 365 46.46 -17.31 -8.64
CA ILE D 365 46.83 -17.01 -10.06
C ILE D 365 45.57 -17.16 -10.91
N ASP D 366 45.52 -16.44 -12.03
CA ASP D 366 44.48 -16.57 -13.09
C ASP D 366 44.89 -17.71 -14.03
N ALA D 367 44.31 -18.90 -13.86
CA ALA D 367 44.62 -20.11 -14.67
C ALA D 367 43.62 -20.26 -15.83
N SER D 368 42.75 -19.26 -16.05
CA SER D 368 41.75 -19.23 -17.16
C SER D 368 42.37 -19.71 -18.48
N ALA D 369 41.72 -20.66 -19.16
CA ALA D 369 42.23 -21.36 -20.36
C ALA D 369 42.15 -20.47 -21.60
N ILE D 370 41.24 -19.50 -21.61
CA ILE D 370 41.14 -18.42 -22.64
C ILE D 370 41.25 -17.07 -21.93
C1 MFU E . 12.23 -44.64 -5.99
C2 MFU E . 11.94 -43.76 -4.77
C3 MFU E . 10.64 -44.17 -4.08
C4 MFU E . 10.59 -45.69 -3.87
C5 MFU E . 10.88 -46.42 -5.17
C6 MFU E . 10.85 -47.94 -5.04
O1 MFU E . 11.30 -44.36 -7.05
O2 MFU E . 11.94 -42.38 -5.17
O3 MFU E . 10.51 -43.48 -2.84
O4 MFU E . 11.55 -46.10 -2.87
O5 MFU E . 12.15 -46.01 -5.66
CM MFU E . 11.62 -45.10 -8.24
C1 MFU F . -17.53 -18.84 -7.64
C2 MFU F . -18.71 -19.81 -7.67
C3 MFU F . -18.30 -21.19 -8.17
C4 MFU F . -17.13 -21.72 -7.35
C5 MFU F . -16.00 -20.69 -7.42
C6 MFU F . -14.75 -21.11 -6.66
O1 MFU F . -17.11 -18.51 -8.96
O2 MFU F . -19.77 -19.33 -8.53
O3 MFU F . -19.41 -22.10 -8.10
O4 MFU F . -17.56 -22.00 -6.01
O5 MFU F . -16.43 -19.42 -6.91
CM MFU F . -16.16 -17.43 -8.98
C1 MFU G . -14.41 -36.48 -12.12
C2 MFU G . -15.02 -37.70 -11.44
C3 MFU G . -13.92 -38.68 -11.02
C4 MFU G . -12.88 -37.98 -10.16
C5 MFU G . -12.36 -36.73 -10.87
C6 MFU G . -11.39 -35.91 -10.05
O1 MFU G . -13.83 -36.87 -13.37
O2 MFU G . -15.94 -38.36 -12.33
O3 MFU G . -14.50 -39.75 -10.29
O4 MFU G . -13.51 -37.70 -8.90
O5 MFU G . -13.45 -35.87 -11.24
CM MFU G . -13.51 -35.76 -14.21
C1 MFU H . 18.76 -38.91 9.05
C2 MFU H . 17.67 -37.84 9.22
C3 MFU H . 16.42 -38.33 9.96
C4 MFU H . 16.77 -39.20 11.16
C5 MFU H . 17.86 -40.20 10.82
C6 MFU H . 18.23 -41.10 12.01
O1 MFU H . 18.36 -39.90 8.10
O2 MFU H . 17.25 -37.37 7.92
O3 MFU H . 15.66 -37.17 10.35
O4 MFU H . 17.14 -38.37 12.29
O5 MFU H . 19.02 -39.53 10.31
CM MFU H . 19.49 -40.68 7.67
C1 MFU I . -11.68 2.46 1.59
C2 MFU I . -11.08 3.59 0.75
C3 MFU I . -9.69 3.27 0.20
C4 MFU I . -9.60 1.85 -0.38
C5 MFU I . -10.19 0.86 0.62
C6 MFU I . -10.12 -0.58 0.13
O1 MFU I . -11.02 2.41 2.85
O2 MFU I . -11.02 4.76 1.58
O3 MFU I . -9.34 4.26 -0.78
O4 MFU I . -10.31 1.75 -1.63
O5 MFU I . -11.55 1.20 0.91
CM MFU I . -11.73 1.58 3.79
C1 MFU J . -4.36 8.35 16.24
C2 MFU J . -4.41 8.50 14.72
C3 MFU J . -3.00 8.27 14.16
C4 MFU J . -2.36 6.98 14.72
C5 MFU J . -2.41 6.97 16.23
C6 MFU J . -1.76 5.72 16.85
O1 MFU J . -3.62 9.45 16.82
O2 MFU J . -4.97 9.78 14.39
O3 MFU J . -3.05 8.17 12.73
O4 MFU J . -3.01 5.81 14.18
O5 MFU J . -3.78 7.09 16.62
CM MFU J . -3.98 9.56 18.20
C1 MFU K . 16.57 27.72 12.95
C2 MFU K . 17.54 26.55 12.90
C3 MFU K . 16.83 25.24 13.24
C4 MFU K . 15.56 25.11 12.37
C5 MFU K . 14.70 26.38 12.40
C6 MFU K . 13.49 26.28 11.50
O1 MFU K . 16.11 27.81 14.30
O2 MFU K . 18.61 26.74 13.82
O3 MFU K . 17.71 24.15 12.99
O4 MFU K . 15.97 24.80 11.05
O5 MFU K . 15.49 27.50 12.03
CM MFU K . 15.35 28.97 14.59
C1 MFU L . 12.89 39.75 -0.67
C2 MFU L . 14.36 39.43 -0.34
C3 MFU L . 14.47 38.51 0.86
C4 MFU L . 13.58 37.28 0.67
C5 MFU L . 12.16 37.71 0.31
C6 MFU L . 11.23 36.51 0.08
O1 MFU L . 12.32 40.50 0.41
O2 MFU L . 15.10 40.63 -0.05
O3 MFU L . 15.84 38.14 1.02
O4 MFU L . 14.15 36.45 -0.35
O5 MFU L . 12.15 38.53 -0.86
CM MFU L . 11.02 41.02 0.10
C1 MFU M . -16.96 19.99 27.31
C2 MFU M . -17.67 21.12 26.59
C3 MFU M . -19.05 21.39 27.15
C4 MFU M . -19.06 21.47 28.69
C5 MFU M . -18.34 20.23 29.23
C6 MFU M . -18.33 20.18 30.75
O1 MFU M . -17.56 18.72 26.98
O2 MFU M . -17.80 20.83 25.19
O3 MFU M . -19.59 22.57 26.58
O4 MFU M . -18.49 22.72 29.12
O5 MFU M . -16.99 20.16 28.73
CM MFU M . -16.72 17.64 27.40
C1 MFU N . -15.78 36.85 23.14
C2 MFU N . -16.94 36.81 22.16
C3 MFU N . -18.29 37.08 22.83
C4 MFU N . -18.26 38.26 23.81
C5 MFU N . -17.05 38.09 24.73
C6 MFU N . -16.94 39.18 25.80
O1 MFU N . -15.78 35.70 23.97
O2 MFU N . -17.01 35.49 21.58
O3 MFU N . -19.32 37.27 21.84
O4 MFU N . -18.27 39.53 23.12
O5 MFU N . -15.86 38.05 23.96
CM MFU N . -14.60 35.54 24.74
C1 MFU O . -47.83 12.37 3.76
C2 MFU O . -48.88 12.02 4.83
C3 MFU O . -48.20 11.51 6.11
C4 MFU O . -47.17 12.53 6.60
C5 MFU O . -46.20 12.86 5.47
C6 MFU O . -45.20 13.93 5.89
O1 MFU O . -47.18 11.20 3.29
O2 MFU O . -49.77 11.01 4.35
O3 MFU O . -49.18 11.28 7.13
O4 MFU O . -47.85 13.69 7.07
O5 MFU O . -46.87 13.30 4.30
CM MFU O . -46.25 11.44 2.23
C1 MFU P . -41.55 6.96 20.22
C2 MFU P . -42.12 7.35 21.58
C3 MFU P . -41.04 7.97 22.48
C4 MFU P . -40.32 9.07 21.71
C5 MFU P . -39.83 8.60 20.34
C6 MFU P . -39.20 9.71 19.53
O1 MFU P . -40.65 5.86 20.35
O2 MFU P . -42.70 6.21 22.20
O3 MFU P . -41.63 8.51 23.68
O4 MFU P . -41.22 10.16 21.53
O5 MFU P . -40.95 8.10 19.61
CM MFU P . -40.27 5.29 19.10
C1 MFU Q . 20.83 -36.00 -22.60
C2 MFU Q . 21.08 -34.50 -22.61
C3 MFU Q . 22.39 -34.13 -23.31
C4 MFU Q . 22.51 -34.86 -24.66
C5 MFU Q . 22.26 -36.36 -24.48
C6 MFU Q . 22.36 -37.11 -25.80
O1 MFU Q . 21.70 -36.69 -21.71
O2 MFU Q . 21.10 -33.98 -21.27
O3 MFU Q . 22.44 -32.72 -23.53
O4 MFU Q . 21.63 -34.27 -25.62
O5 MFU Q . 20.97 -36.55 -23.92
CM MFU Q . 21.26 -38.03 -21.47
C1 MFU R . 47.22 -34.19 -11.31
C2 MFU R . 47.93 -34.36 -12.66
C3 MFU R . 46.87 -34.69 -13.73
C4 MFU R . 45.82 -33.58 -13.78
C5 MFU R . 45.19 -33.49 -12.39
C6 MFU R . 44.09 -32.42 -12.31
O1 MFU R . 46.65 -35.42 -10.86
O2 MFU R . 48.93 -35.37 -12.52
O3 MFU R . 47.44 -34.84 -15.03
O4 MFU R . 46.39 -32.33 -14.22
O5 MFU R . 46.23 -33.18 -11.45
CM MFU R . 46.11 -35.29 -9.54
C1 MFU S . 48.83 -19.67 -0.14
C2 MFU S . 50.09 -20.14 -0.88
C3 MFU S . 49.83 -21.43 -1.64
C4 MFU S . 48.61 -21.24 -2.53
C5 MFU S . 47.41 -20.78 -1.70
C6 MFU S . 46.16 -20.57 -2.54
O1 MFU S . 48.55 -20.60 0.90
O2 MFU S . 51.16 -20.34 0.05
O3 MFU S . 50.98 -21.76 -2.44
O4 MFU S . 48.90 -20.27 -3.54
O5 MFU S . 47.73 -19.56 -1.04
CM MFU S . 47.59 -20.13 1.85
C1 MFU T . 13.55 -21.01 -27.33
C2 MFU T . 14.58 -20.21 -26.51
C3 MFU T . 15.81 -19.78 -27.32
C4 MFU T . 15.44 -19.28 -28.72
C5 MFU T . 14.49 -20.29 -29.38
C6 MFU T . 14.19 -19.99 -30.85
O1 MFU T . 14.02 -22.34 -27.53
O2 MFU T . 15.03 -20.99 -25.40
O3 MFU T . 16.51 -18.79 -26.57
O4 MFU T . 14.86 -17.97 -28.65
O5 MFU T . 13.29 -20.36 -28.60
CM MFU T . 12.99 -23.25 -27.94
#